data_1AA3
# 
_entry.id   1AA3 
# 
_audit_conform.dict_name       mmcif_pdbx.dic 
_audit_conform.dict_version    5.390 
_audit_conform.dict_location   http://mmcif.pdb.org/dictionaries/ascii/mmcif_pdbx.dic 
# 
loop_
_database_2.database_id 
_database_2.database_code 
_database_2.pdbx_database_accession 
_database_2.pdbx_DOI 
PDB   1AA3         pdb_00001aa3 10.2210/pdb1aa3/pdb 
WWPDB D_1000170581 ?            ?                   
# 
loop_
_pdbx_audit_revision_history.ordinal 
_pdbx_audit_revision_history.data_content_type 
_pdbx_audit_revision_history.major_revision 
_pdbx_audit_revision_history.minor_revision 
_pdbx_audit_revision_history.revision_date 
1 'Structure model' 1 0 1997-07-23 
2 'Structure model' 1 1 2008-03-24 
3 'Structure model' 1 2 2011-07-13 
4 'Structure model' 1 3 2024-04-10 
# 
_pdbx_audit_revision_details.ordinal             1 
_pdbx_audit_revision_details.revision_ordinal    1 
_pdbx_audit_revision_details.data_content_type   'Structure model' 
_pdbx_audit_revision_details.provider            repository 
_pdbx_audit_revision_details.type                'Initial release' 
_pdbx_audit_revision_details.description         ? 
_pdbx_audit_revision_details.details             ? 
# 
loop_
_pdbx_audit_revision_group.ordinal 
_pdbx_audit_revision_group.revision_ordinal 
_pdbx_audit_revision_group.data_content_type 
_pdbx_audit_revision_group.group 
1 2 'Structure model' 'Version format compliance' 
2 3 'Structure model' 'Source and taxonomy'       
3 3 'Structure model' 'Version format compliance' 
4 4 'Structure model' 'Data collection'           
5 4 'Structure model' 'Database references'       
6 4 'Structure model' Other                       
# 
loop_
_pdbx_audit_revision_category.ordinal 
_pdbx_audit_revision_category.revision_ordinal 
_pdbx_audit_revision_category.data_content_type 
_pdbx_audit_revision_category.category 
1 4 'Structure model' chem_comp_atom       
2 4 'Structure model' chem_comp_bond       
3 4 'Structure model' database_2           
4 4 'Structure model' pdbx_database_status 
5 4 'Structure model' pdbx_nmr_software    
# 
loop_
_pdbx_audit_revision_item.ordinal 
_pdbx_audit_revision_item.revision_ordinal 
_pdbx_audit_revision_item.data_content_type 
_pdbx_audit_revision_item.item 
1 4 'Structure model' '_database_2.pdbx_DOI'                
2 4 'Structure model' '_database_2.pdbx_database_accession' 
3 4 'Structure model' '_pdbx_database_status.process_site'  
4 4 'Structure model' '_pdbx_nmr_software.name'             
# 
_pdbx_database_status.status_code                     REL 
_pdbx_database_status.entry_id                        1AA3 
_pdbx_database_status.recvd_initial_deposition_date   1997-01-22 
_pdbx_database_status.deposit_site                    ? 
_pdbx_database_status.process_site                    BNL 
_pdbx_database_status.SG_entry                        Y 
_pdbx_database_status.status_code_sf                  ? 
_pdbx_database_status.status_code_mr                  REL 
_pdbx_database_status.pdb_format_compatible           Y 
_pdbx_database_status.status_code_cs                  ? 
_pdbx_database_status.status_code_nmr_data            ? 
_pdbx_database_status.methods_development_category    ? 
# 
_pdbx_database_related.db_name        TargetDB 
_pdbx_database_related.db_id          my_001000015.1 
_pdbx_database_related.details        . 
_pdbx_database_related.content_type   unspecified 
# 
loop_
_audit_author.name 
_audit_author.pdbx_ordinal 
'Aihara, H.'                                             1 
'Ito, Y.'                                                2 
'Kurumizaka, H.'                                         3 
'Terada, T.'                                             4 
'Yokoyama, S.'                                           5 
'Shibata, T.'                                            6 
'RIKEN Structural Genomics/Proteomics Initiative (RSGI)' 7 
# 
_citation.id                        primary 
_citation.title                     
'An interaction between a specified surface of the C-terminal domain of RecA protein and double-stranded DNA for homologous pairing.' 
_citation.journal_abbrev            J.Mol.Biol. 
_citation.journal_volume            274 
_citation.page_first                213 
_citation.page_last                 221 
_citation.year                      1997 
_citation.journal_id_ASTM           JMOBAK 
_citation.country                   UK 
_citation.journal_id_ISSN           0022-2836 
_citation.journal_id_CSD            0070 
_citation.book_publisher            ? 
_citation.pdbx_database_id_PubMed   9398528 
_citation.pdbx_database_id_DOI      10.1006/jmbi.1997.1403 
# 
loop_
_citation_author.citation_id 
_citation_author.name 
_citation_author.ordinal 
_citation_author.identifier_ORCID 
primary 'Aihara, H.'     1 ? 
primary 'Ito, Y.'        2 ? 
primary 'Kurumizaka, H.' 3 ? 
primary 'Terada, T.'     4 ? 
primary 'Yokoyama, S.'   5 ? 
primary 'Shibata, T.'    6 ? 
# 
_entity.id                         1 
_entity.type                       polymer 
_entity.src_method                 nat 
_entity.pdbx_description           RECA 
_entity.formula_weight             7108.129 
_entity.pdbx_number_of_molecules   1 
_entity.pdbx_ec                    ? 
_entity.pdbx_mutation              ? 
_entity.pdbx_fragment              'C-TERMINAL DOMAIN' 
_entity.details                    ? 
# 
_entity_poly.entity_id                      1 
_entity_poly.type                           'polypeptide(L)' 
_entity_poly.nstd_linkage                   no 
_entity_poly.nstd_monomer                   no 
_entity_poly.pdbx_seq_one_letter_code       INFYGELVDLGVKEKLIEKAGAWYSYKGEKIGQGKANATAWLKDNPETAKEIEKKVRELLLSN 
_entity_poly.pdbx_seq_one_letter_code_can   INFYGELVDLGVKEKLIEKAGAWYSYKGEKIGQGKANATAWLKDNPETAKEIEKKVRELLLSN 
_entity_poly.pdbx_strand_id                 A 
_entity_poly.pdbx_target_identifier         my_001000015.1 
# 
loop_
_entity_poly_seq.entity_id 
_entity_poly_seq.num 
_entity_poly_seq.mon_id 
_entity_poly_seq.hetero 
1 1  ILE n 
1 2  ASN n 
1 3  PHE n 
1 4  TYR n 
1 5  GLY n 
1 6  GLU n 
1 7  LEU n 
1 8  VAL n 
1 9  ASP n 
1 10 LEU n 
1 11 GLY n 
1 12 VAL n 
1 13 LYS n 
1 14 GLU n 
1 15 LYS n 
1 16 LEU n 
1 17 ILE n 
1 18 GLU n 
1 19 LYS n 
1 20 ALA n 
1 21 GLY n 
1 22 ALA n 
1 23 TRP n 
1 24 TYR n 
1 25 SER n 
1 26 TYR n 
1 27 LYS n 
1 28 GLY n 
1 29 GLU n 
1 30 LYS n 
1 31 ILE n 
1 32 GLY n 
1 33 GLN n 
1 34 GLY n 
1 35 LYS n 
1 36 ALA n 
1 37 ASN n 
1 38 ALA n 
1 39 THR n 
1 40 ALA n 
1 41 TRP n 
1 42 LEU n 
1 43 LYS n 
1 44 ASP n 
1 45 ASN n 
1 46 PRO n 
1 47 GLU n 
1 48 THR n 
1 49 ALA n 
1 50 LYS n 
1 51 GLU n 
1 52 ILE n 
1 53 GLU n 
1 54 LYS n 
1 55 LYS n 
1 56 VAL n 
1 57 ARG n 
1 58 GLU n 
1 59 LEU n 
1 60 LEU n 
1 61 LEU n 
1 62 SER n 
1 63 ASN n 
# 
_entity_src_nat.entity_id                  1 
_entity_src_nat.pdbx_src_id                1 
_entity_src_nat.pdbx_alt_source_flag       sample 
_entity_src_nat.pdbx_beg_seq_num           ? 
_entity_src_nat.pdbx_end_seq_num           ? 
_entity_src_nat.common_name                ? 
_entity_src_nat.pdbx_organism_scientific   'Escherichia coli' 
_entity_src_nat.pdbx_ncbi_taxonomy_id      83333 
_entity_src_nat.genus                      Escherichia 
_entity_src_nat.species                    'Escherichia coli' 
_entity_src_nat.strain                     K12 
_entity_src_nat.tissue                     ? 
_entity_src_nat.tissue_fraction            ? 
_entity_src_nat.pdbx_secretion             ? 
_entity_src_nat.pdbx_fragment              ? 
_entity_src_nat.pdbx_variant               ? 
_entity_src_nat.pdbx_cell_line             ? 
_entity_src_nat.pdbx_atcc                  ? 
_entity_src_nat.pdbx_cellular_location     ? 
_entity_src_nat.pdbx_organ                 ? 
_entity_src_nat.pdbx_organelle             ? 
_entity_src_nat.pdbx_cell                  ? 
_entity_src_nat.pdbx_plasmid_name          ? 
_entity_src_nat.pdbx_plasmid_details       ? 
_entity_src_nat.details                    ? 
# 
loop_
_chem_comp.id 
_chem_comp.type 
_chem_comp.mon_nstd_flag 
_chem_comp.name 
_chem_comp.pdbx_synonyms 
_chem_comp.formula 
_chem_comp.formula_weight 
ALA 'L-peptide linking' y ALANINE         ? 'C3 H7 N O2'     89.093  
ARG 'L-peptide linking' y ARGININE        ? 'C6 H15 N4 O2 1' 175.209 
ASN 'L-peptide linking' y ASPARAGINE      ? 'C4 H8 N2 O3'    132.118 
ASP 'L-peptide linking' y 'ASPARTIC ACID' ? 'C4 H7 N O4'     133.103 
GLN 'L-peptide linking' y GLUTAMINE       ? 'C5 H10 N2 O3'   146.144 
GLU 'L-peptide linking' y 'GLUTAMIC ACID' ? 'C5 H9 N O4'     147.129 
GLY 'peptide linking'   y GLYCINE         ? 'C2 H5 N O2'     75.067  
ILE 'L-peptide linking' y ISOLEUCINE      ? 'C6 H13 N O2'    131.173 
LEU 'L-peptide linking' y LEUCINE         ? 'C6 H13 N O2'    131.173 
LYS 'L-peptide linking' y LYSINE          ? 'C6 H15 N2 O2 1' 147.195 
PHE 'L-peptide linking' y PHENYLALANINE   ? 'C9 H11 N O2'    165.189 
PRO 'L-peptide linking' y PROLINE         ? 'C5 H9 N O2'     115.130 
SER 'L-peptide linking' y SERINE          ? 'C3 H7 N O3'     105.093 
THR 'L-peptide linking' y THREONINE       ? 'C4 H9 N O3'     119.119 
TRP 'L-peptide linking' y TRYPTOPHAN      ? 'C11 H12 N2 O2'  204.225 
TYR 'L-peptide linking' y TYROSINE        ? 'C9 H11 N O3'    181.189 
VAL 'L-peptide linking' y VALINE          ? 'C5 H11 N O2'    117.146 
# 
loop_
_pdbx_poly_seq_scheme.asym_id 
_pdbx_poly_seq_scheme.entity_id 
_pdbx_poly_seq_scheme.seq_id 
_pdbx_poly_seq_scheme.mon_id 
_pdbx_poly_seq_scheme.ndb_seq_num 
_pdbx_poly_seq_scheme.pdb_seq_num 
_pdbx_poly_seq_scheme.auth_seq_num 
_pdbx_poly_seq_scheme.pdb_mon_id 
_pdbx_poly_seq_scheme.auth_mon_id 
_pdbx_poly_seq_scheme.pdb_strand_id 
_pdbx_poly_seq_scheme.pdb_ins_code 
_pdbx_poly_seq_scheme.hetero 
A 1 1  ILE 1  268 268 ILE ILE A . n 
A 1 2  ASN 2  269 269 ASN ASN A . n 
A 1 3  PHE 3  270 270 PHE PHE A . n 
A 1 4  TYR 4  271 271 TYR TYR A . n 
A 1 5  GLY 5  272 272 GLY GLY A . n 
A 1 6  GLU 6  273 273 GLU GLU A . n 
A 1 7  LEU 7  274 274 LEU LEU A . n 
A 1 8  VAL 8  275 275 VAL VAL A . n 
A 1 9  ASP 9  276 276 ASP ASP A . n 
A 1 10 LEU 10 277 277 LEU LEU A . n 
A 1 11 GLY 11 278 278 GLY GLY A . n 
A 1 12 VAL 12 279 279 VAL VAL A . n 
A 1 13 LYS 13 280 280 LYS LYS A . n 
A 1 14 GLU 14 281 281 GLU GLU A . n 
A 1 15 LYS 15 282 282 LYS LYS A . n 
A 1 16 LEU 16 283 283 LEU LEU A . n 
A 1 17 ILE 17 284 284 ILE ILE A . n 
A 1 18 GLU 18 285 285 GLU GLU A . n 
A 1 19 LYS 19 286 286 LYS LYS A . n 
A 1 20 ALA 20 287 287 ALA ALA A . n 
A 1 21 GLY 21 288 288 GLY GLY A . n 
A 1 22 ALA 22 289 289 ALA ALA A . n 
A 1 23 TRP 23 290 290 TRP TRP A . n 
A 1 24 TYR 24 291 291 TYR TYR A . n 
A 1 25 SER 25 292 292 SER SER A . n 
A 1 26 TYR 26 293 293 TYR TYR A . n 
A 1 27 LYS 27 294 294 LYS LYS A . n 
A 1 28 GLY 28 295 295 GLY GLY A . n 
A 1 29 GLU 29 296 296 GLU GLU A . n 
A 1 30 LYS 30 297 297 LYS LYS A . n 
A 1 31 ILE 31 298 298 ILE ILE A . n 
A 1 32 GLY 32 299 299 GLY GLY A . n 
A 1 33 GLN 33 300 300 GLN GLN A . n 
A 1 34 GLY 34 301 301 GLY GLY A . n 
A 1 35 LYS 35 302 302 LYS LYS A . n 
A 1 36 ALA 36 303 303 ALA ALA A . n 
A 1 37 ASN 37 304 304 ASN ASN A . n 
A 1 38 ALA 38 305 305 ALA ALA A . n 
A 1 39 THR 39 306 306 THR THR A . n 
A 1 40 ALA 40 307 307 ALA ALA A . n 
A 1 41 TRP 41 308 308 TRP TRP A . n 
A 1 42 LEU 42 309 309 LEU LEU A . n 
A 1 43 LYS 43 310 310 LYS LYS A . n 
A 1 44 ASP 44 311 311 ASP ASP A . n 
A 1 45 ASN 45 312 312 ASN ASN A . n 
A 1 46 PRO 46 313 313 PRO PRO A . n 
A 1 47 GLU 47 314 314 GLU GLU A . n 
A 1 48 THR 48 315 315 THR THR A . n 
A 1 49 ALA 49 316 316 ALA ALA A . n 
A 1 50 LYS 50 317 317 LYS LYS A . n 
A 1 51 GLU 51 318 318 GLU GLU A . n 
A 1 52 ILE 52 319 319 ILE ILE A . n 
A 1 53 GLU 53 320 320 GLU GLU A . n 
A 1 54 LYS 54 321 321 LYS LYS A . n 
A 1 55 LYS 55 322 322 LYS LYS A . n 
A 1 56 VAL 56 323 323 VAL VAL A . n 
A 1 57 ARG 57 324 324 ARG ARG A . n 
A 1 58 GLU 58 325 325 GLU GLU A . n 
A 1 59 LEU 59 326 326 LEU LEU A . n 
A 1 60 LEU 60 327 327 LEU LEU A . n 
A 1 61 LEU 61 328 328 LEU LEU A . n 
A 1 62 SER 62 329 329 SER SER A . n 
A 1 63 ASN 63 330 330 ASN ASN A . n 
# 
loop_
_software.name 
_software.classification 
_software.version 
_software.citation_id 
_software.pdbx_ordinal 
X-PLOR 'model building' 3.1 ? 1 
X-PLOR refinement       3.1 ? 2 
X-PLOR phasing          3.1 ? 3 
# 
_cell.entry_id           1AA3 
_cell.length_a           1.000 
_cell.length_b           1.000 
_cell.length_c           1.000 
_cell.angle_alpha        90.00 
_cell.angle_beta         90.00 
_cell.angle_gamma        90.00 
_cell.Z_PDB              1 
_cell.pdbx_unique_axis   ? 
# 
_symmetry.entry_id                         1AA3 
_symmetry.space_group_name_H-M             'P 1' 
_symmetry.pdbx_full_space_group_name_H-M   ? 
_symmetry.cell_setting                     ? 
_symmetry.Int_Tables_number                1 
# 
_exptl.entry_id          1AA3 
_exptl.method            'SOLUTION NMR' 
_exptl.crystals_number   ? 
# 
_struct.entry_id                  1AA3 
_struct.title                     'C-TERMINAL DOMAIN OF THE E. COLI RECA, NMR, MINIMIZED AVERAGE STRUCTURE' 
_struct.pdbx_model_details        ? 
_struct.pdbx_CASP_flag            ? 
_struct.pdbx_model_type_details   ? 
# 
_struct_keywords.entry_id        1AA3 
_struct_keywords.pdbx_keywords   'DOUBLE-STRANDED DNA BINDING DOMAIN' 
_struct_keywords.text            
'DOUBLE-STRANDED DNA BINDING DOMAIN, RIKEN Structural Genomics/Proteomics Initiative, RSGI, Structural Genomics' 
# 
_struct_asym.id                            A 
_struct_asym.pdbx_blank_PDB_chainid_flag   Y 
_struct_asym.pdbx_modified                 N 
_struct_asym.entity_id                     1 
_struct_asym.details                       ? 
# 
_struct_ref.id                         1 
_struct_ref.db_name                    UNP 
_struct_ref.db_code                    RECA_ECOLI 
_struct_ref.entity_id                  1 
_struct_ref.pdbx_db_accession          P0A7G6 
_struct_ref.pdbx_align_begin           1 
_struct_ref.pdbx_seq_one_letter_code   
;AIDENKQKALAAALGQIEKQFGKGSIMRLGEDRSMDVETISTGSLSLDIALGAGGLPMGRIVEIYGPESSGKTTLTLQVI
AAAQREGKTCAFIDAEHALDPIYARKLGVDIDNLLCSQPDTGEQALEICDALARSGAVDVIVVDSVAALTPKAEIEGEIG
DSHMGLAARMMSQAMRKLAGNLKQSNTLLIFINQIRMKIGVMFGNPETTTGGNALKFYASVRLDIRRIGAVKEGENVVGS
ETRVKVVKNKIAAPFKQAEFQILYGEGINFYGELVDLGVKEKLIEKAGAWYSYKGEKIGQGKANATAWLKDNPETAKEIE
KKVRELLLSNPNSTPDFSVDDSEGVAETNEDF
;
_struct_ref.pdbx_db_isoform            ? 
# 
_struct_ref_seq.align_id                      1 
_struct_ref_seq.ref_id                        1 
_struct_ref_seq.pdbx_PDB_id_code              1AA3 
_struct_ref_seq.pdbx_strand_id                A 
_struct_ref_seq.seq_align_beg                 1 
_struct_ref_seq.pdbx_seq_align_beg_ins_code   ? 
_struct_ref_seq.seq_align_end                 63 
_struct_ref_seq.pdbx_seq_align_end_ins_code   ? 
_struct_ref_seq.pdbx_db_accession             P0A7G6 
_struct_ref_seq.db_align_beg                  268 
_struct_ref_seq.pdbx_db_align_beg_ins_code    ? 
_struct_ref_seq.db_align_end                  330 
_struct_ref_seq.pdbx_db_align_end_ins_code    ? 
_struct_ref_seq.pdbx_auth_seq_align_beg       268 
_struct_ref_seq.pdbx_auth_seq_align_end       330 
# 
_pdbx_struct_assembly.id                   1 
_pdbx_struct_assembly.details              author_defined_assembly 
_pdbx_struct_assembly.method_details       ? 
_pdbx_struct_assembly.oligomeric_details   monomeric 
_pdbx_struct_assembly.oligomeric_count     1 
# 
_pdbx_struct_assembly_gen.assembly_id       1 
_pdbx_struct_assembly_gen.oper_expression   1 
_pdbx_struct_assembly_gen.asym_id_list      A 
# 
_pdbx_struct_oper_list.id                   1 
_pdbx_struct_oper_list.type                 'identity operation' 
_pdbx_struct_oper_list.name                 1_555 
_pdbx_struct_oper_list.symmetry_operation   x,y,z 
_pdbx_struct_oper_list.matrix[1][1]         1.0000000000 
_pdbx_struct_oper_list.matrix[1][2]         0.0000000000 
_pdbx_struct_oper_list.matrix[1][3]         0.0000000000 
_pdbx_struct_oper_list.vector[1]            0.0000000000 
_pdbx_struct_oper_list.matrix[2][1]         0.0000000000 
_pdbx_struct_oper_list.matrix[2][2]         1.0000000000 
_pdbx_struct_oper_list.matrix[2][3]         0.0000000000 
_pdbx_struct_oper_list.vector[2]            0.0000000000 
_pdbx_struct_oper_list.matrix[3][1]         0.0000000000 
_pdbx_struct_oper_list.matrix[3][2]         0.0000000000 
_pdbx_struct_oper_list.matrix[3][3]         1.0000000000 
_pdbx_struct_oper_list.vector[3]            0.0000000000 
# 
_struct_biol.id   1 
# 
loop_
_struct_conf.conf_type_id 
_struct_conf.id 
_struct_conf.pdbx_PDB_helix_id 
_struct_conf.beg_label_comp_id 
_struct_conf.beg_label_asym_id 
_struct_conf.beg_label_seq_id 
_struct_conf.pdbx_beg_PDB_ins_code 
_struct_conf.end_label_comp_id 
_struct_conf.end_label_asym_id 
_struct_conf.end_label_seq_id 
_struct_conf.pdbx_end_PDB_ins_code 
_struct_conf.beg_auth_comp_id 
_struct_conf.beg_auth_asym_id 
_struct_conf.beg_auth_seq_id 
_struct_conf.end_auth_comp_id 
_struct_conf.end_auth_asym_id 
_struct_conf.end_auth_seq_id 
_struct_conf.pdbx_PDB_helix_class 
_struct_conf.details 
_struct_conf.pdbx_PDB_helix_length 
HELX_P HELX_P1 H1 PHE A 3  ? LYS A 13 ? PHE A 270 LYS A 280 1 ? 11 
HELX_P HELX_P2 H2 ASN A 37 ? ASP A 44 ? ASN A 304 ASP A 311 1 ? 8  
HELX_P HELX_P3 H3 GLU A 47 ? GLU A 58 ? GLU A 314 GLU A 325 1 ? 12 
# 
_struct_conf_type.id          HELX_P 
_struct_conf_type.criteria    ? 
_struct_conf_type.reference   ? 
# 
_struct_sheet.id               S1 
_struct_sheet.type             ? 
_struct_sheet.number_strands   2 
_struct_sheet.details          ? 
# 
_struct_sheet_order.sheet_id     S1 
_struct_sheet_order.range_id_1   1 
_struct_sheet_order.range_id_2   2 
_struct_sheet_order.offset       ? 
_struct_sheet_order.sense        anti-parallel 
# 
loop_
_struct_sheet_range.sheet_id 
_struct_sheet_range.id 
_struct_sheet_range.beg_label_comp_id 
_struct_sheet_range.beg_label_asym_id 
_struct_sheet_range.beg_label_seq_id 
_struct_sheet_range.pdbx_beg_PDB_ins_code 
_struct_sheet_range.end_label_comp_id 
_struct_sheet_range.end_label_asym_id 
_struct_sheet_range.end_label_seq_id 
_struct_sheet_range.pdbx_end_PDB_ins_code 
_struct_sheet_range.beg_auth_comp_id 
_struct_sheet_range.beg_auth_asym_id 
_struct_sheet_range.beg_auth_seq_id 
_struct_sheet_range.end_auth_comp_id 
_struct_sheet_range.end_auth_asym_id 
_struct_sheet_range.end_auth_seq_id 
S1 1 ILE A 17 ? ALA A 20 ? ILE A 284 ALA A 287 
S1 2 TRP A 23 ? TYR A 26 ? TRP A 290 TYR A 293 
# 
_pdbx_struct_sheet_hbond.sheet_id                S1 
_pdbx_struct_sheet_hbond.range_id_1              1 
_pdbx_struct_sheet_hbond.range_id_2              2 
_pdbx_struct_sheet_hbond.range_1_label_atom_id   O 
_pdbx_struct_sheet_hbond.range_1_label_comp_id   GLU 
_pdbx_struct_sheet_hbond.range_1_label_asym_id   A 
_pdbx_struct_sheet_hbond.range_1_label_seq_id    18 
_pdbx_struct_sheet_hbond.range_1_PDB_ins_code    ? 
_pdbx_struct_sheet_hbond.range_1_auth_atom_id    O 
_pdbx_struct_sheet_hbond.range_1_auth_comp_id    GLU 
_pdbx_struct_sheet_hbond.range_1_auth_asym_id    A 
_pdbx_struct_sheet_hbond.range_1_auth_seq_id     285 
_pdbx_struct_sheet_hbond.range_2_label_atom_id   N 
_pdbx_struct_sheet_hbond.range_2_label_comp_id   SER 
_pdbx_struct_sheet_hbond.range_2_label_asym_id   A 
_pdbx_struct_sheet_hbond.range_2_label_seq_id    25 
_pdbx_struct_sheet_hbond.range_2_PDB_ins_code    ? 
_pdbx_struct_sheet_hbond.range_2_auth_atom_id    N 
_pdbx_struct_sheet_hbond.range_2_auth_comp_id    SER 
_pdbx_struct_sheet_hbond.range_2_auth_asym_id    A 
_pdbx_struct_sheet_hbond.range_2_auth_seq_id     292 
# 
loop_
_pdbx_validate_close_contact.id 
_pdbx_validate_close_contact.PDB_model_num 
_pdbx_validate_close_contact.auth_atom_id_1 
_pdbx_validate_close_contact.auth_asym_id_1 
_pdbx_validate_close_contact.auth_comp_id_1 
_pdbx_validate_close_contact.auth_seq_id_1 
_pdbx_validate_close_contact.PDB_ins_code_1 
_pdbx_validate_close_contact.label_alt_id_1 
_pdbx_validate_close_contact.auth_atom_id_2 
_pdbx_validate_close_contact.auth_asym_id_2 
_pdbx_validate_close_contact.auth_comp_id_2 
_pdbx_validate_close_contact.auth_seq_id_2 
_pdbx_validate_close_contact.PDB_ins_code_2 
_pdbx_validate_close_contact.label_alt_id_2 
_pdbx_validate_close_contact.dist 
1 1 O   A TYR 293 ? ? H A GLY 295 ? ? 1.50 
2 1 O   A GLU 318 ? ? H A LYS 322 ? ? 1.50 
3 1 O   A LYS 321 ? ? H A GLU 325 ? ? 1.50 
4 1 HZ1 A LYS 286 ? ? O A GLY 288 ? ? 1.52 
5 1 O   A GLU 320 ? ? H A ARG 324 ? ? 1.58 
6 1 O   A ASN 312 ? ? H A ALA 316 ? ? 1.60 
# 
loop_
_pdbx_validate_torsion.id 
_pdbx_validate_torsion.PDB_model_num 
_pdbx_validate_torsion.auth_comp_id 
_pdbx_validate_torsion.auth_asym_id 
_pdbx_validate_torsion.auth_seq_id 
_pdbx_validate_torsion.PDB_ins_code 
_pdbx_validate_torsion.label_alt_id 
_pdbx_validate_torsion.phi 
_pdbx_validate_torsion.psi 
1  1 ASN A 269 ? ? 43.89   -100.10 
2  1 PHE A 270 ? ? 160.96  -97.34  
3  1 TYR A 271 ? ? 82.21   -2.24   
4  1 GLU A 281 ? ? -96.96  -76.72  
5  1 LYS A 282 ? ? 167.51  39.18   
6  1 LYS A 294 ? ? -61.33  52.40   
7  1 GLN A 300 ? ? -46.75  172.39  
8  1 ASN A 304 ? ? -161.44 32.94   
9  1 ASN A 312 ? ? -106.35 61.01   
10 1 ALA A 316 ? ? -36.63  -22.92  
11 1 ILE A 319 ? ? -66.31  -70.97  
12 1 SER A 329 ? ? -86.72  44.28   
# 
_pdbx_validate_planes.id              1 
_pdbx_validate_planes.PDB_model_num   1 
_pdbx_validate_planes.auth_comp_id    ARG 
_pdbx_validate_planes.auth_asym_id    A 
_pdbx_validate_planes.auth_seq_id     324 
_pdbx_validate_planes.PDB_ins_code    ? 
_pdbx_validate_planes.label_alt_id    ? 
_pdbx_validate_planes.rmsd            0.090 
_pdbx_validate_planes.type            'SIDE CHAIN' 
# 
_pdbx_SG_project.id                    1 
_pdbx_SG_project.project_name          ? 
_pdbx_SG_project.full_name_of_center   'RIKEN Structural Genomics/Proteomics Initiative' 
_pdbx_SG_project.initial_of_center     RSGI 
# 
_pdbx_nmr_ensemble.entry_id                             1AA3 
_pdbx_nmr_ensemble.conformers_calculated_total_number   50 
_pdbx_nmr_ensemble.conformers_submitted_total_number    1 
_pdbx_nmr_ensemble.conformer_selection_criteria         'AVERAGED MINIMIZED STRUCTURE' 
# 
_pdbx_nmr_exptl_sample_conditions.conditions_id       1 
_pdbx_nmr_exptl_sample_conditions.temperature         303 
_pdbx_nmr_exptl_sample_conditions.pressure            ? 
_pdbx_nmr_exptl_sample_conditions.pH                  6.5 
_pdbx_nmr_exptl_sample_conditions.ionic_strength      ? 
_pdbx_nmr_exptl_sample_conditions.pressure_units      . 
_pdbx_nmr_exptl_sample_conditions.temperature_units   K 
# 
loop_
_pdbx_nmr_exptl.experiment_id 
_pdbx_nmr_exptl.conditions_id 
_pdbx_nmr_exptl.type 
_pdbx_nmr_exptl.solution_id 
1 1 '1H-1H NOESY'            1 
2 1 '1H-1H TOCSY'            1 
3 1 '1H-15N HSQC'            1 
4 1 HMQC-J                   1 
5 1 '3D 15N-SEPARATED TOCSY' 1 
6 1 '15N-SEPARATED NOESY'    1 
7 1 HNHB                     1 
# 
_pdbx_nmr_refine.entry_id           1AA3 
_pdbx_nmr_refine.method             'HYBRID DISTANCE GEOMETRY-SIMULATED ANNEALING' 
_pdbx_nmr_refine.details            'SIMULATED ANNEALING REFINEMENT FOR NMR STRUCTURE DETERMINATION' 
_pdbx_nmr_refine.software_ordinal   1 
# 
loop_
_pdbx_nmr_software.classification 
_pdbx_nmr_software.name 
_pdbx_nmr_software.version 
_pdbx_nmr_software.authors 
_pdbx_nmr_software.ordinal 
refinement           X-PLOR 3.1 BRUNGER 1 
'structure solution' Azara  1.0 ?       2 
'structure solution' Felix  2.3 ?       3 
'structure solution' X-PLOR 3.1 ?       4 
# 
loop_
_chem_comp_atom.comp_id 
_chem_comp_atom.atom_id 
_chem_comp_atom.type_symbol 
_chem_comp_atom.pdbx_aromatic_flag 
_chem_comp_atom.pdbx_stereo_config 
_chem_comp_atom.pdbx_ordinal 
ALA N    N N N 1   
ALA CA   C N S 2   
ALA C    C N N 3   
ALA O    O N N 4   
ALA CB   C N N 5   
ALA OXT  O N N 6   
ALA H    H N N 7   
ALA H2   H N N 8   
ALA HA   H N N 9   
ALA HB1  H N N 10  
ALA HB2  H N N 11  
ALA HB3  H N N 12  
ALA HXT  H N N 13  
ARG N    N N N 14  
ARG CA   C N S 15  
ARG C    C N N 16  
ARG O    O N N 17  
ARG CB   C N N 18  
ARG CG   C N N 19  
ARG CD   C N N 20  
ARG NE   N N N 21  
ARG CZ   C N N 22  
ARG NH1  N N N 23  
ARG NH2  N N N 24  
ARG OXT  O N N 25  
ARG H    H N N 26  
ARG H2   H N N 27  
ARG HA   H N N 28  
ARG HB2  H N N 29  
ARG HB3  H N N 30  
ARG HG2  H N N 31  
ARG HG3  H N N 32  
ARG HD2  H N N 33  
ARG HD3  H N N 34  
ARG HE   H N N 35  
ARG HH11 H N N 36  
ARG HH12 H N N 37  
ARG HH21 H N N 38  
ARG HH22 H N N 39  
ARG HXT  H N N 40  
ASN N    N N N 41  
ASN CA   C N S 42  
ASN C    C N N 43  
ASN O    O N N 44  
ASN CB   C N N 45  
ASN CG   C N N 46  
ASN OD1  O N N 47  
ASN ND2  N N N 48  
ASN OXT  O N N 49  
ASN H    H N N 50  
ASN H2   H N N 51  
ASN HA   H N N 52  
ASN HB2  H N N 53  
ASN HB3  H N N 54  
ASN HD21 H N N 55  
ASN HD22 H N N 56  
ASN HXT  H N N 57  
ASP N    N N N 58  
ASP CA   C N S 59  
ASP C    C N N 60  
ASP O    O N N 61  
ASP CB   C N N 62  
ASP CG   C N N 63  
ASP OD1  O N N 64  
ASP OD2  O N N 65  
ASP OXT  O N N 66  
ASP H    H N N 67  
ASP H2   H N N 68  
ASP HA   H N N 69  
ASP HB2  H N N 70  
ASP HB3  H N N 71  
ASP HD2  H N N 72  
ASP HXT  H N N 73  
GLN N    N N N 74  
GLN CA   C N S 75  
GLN C    C N N 76  
GLN O    O N N 77  
GLN CB   C N N 78  
GLN CG   C N N 79  
GLN CD   C N N 80  
GLN OE1  O N N 81  
GLN NE2  N N N 82  
GLN OXT  O N N 83  
GLN H    H N N 84  
GLN H2   H N N 85  
GLN HA   H N N 86  
GLN HB2  H N N 87  
GLN HB3  H N N 88  
GLN HG2  H N N 89  
GLN HG3  H N N 90  
GLN HE21 H N N 91  
GLN HE22 H N N 92  
GLN HXT  H N N 93  
GLU N    N N N 94  
GLU CA   C N S 95  
GLU C    C N N 96  
GLU O    O N N 97  
GLU CB   C N N 98  
GLU CG   C N N 99  
GLU CD   C N N 100 
GLU OE1  O N N 101 
GLU OE2  O N N 102 
GLU OXT  O N N 103 
GLU H    H N N 104 
GLU H2   H N N 105 
GLU HA   H N N 106 
GLU HB2  H N N 107 
GLU HB3  H N N 108 
GLU HG2  H N N 109 
GLU HG3  H N N 110 
GLU HE2  H N N 111 
GLU HXT  H N N 112 
GLY N    N N N 113 
GLY CA   C N N 114 
GLY C    C N N 115 
GLY O    O N N 116 
GLY OXT  O N N 117 
GLY H    H N N 118 
GLY H2   H N N 119 
GLY HA2  H N N 120 
GLY HA3  H N N 121 
GLY HXT  H N N 122 
ILE N    N N N 123 
ILE CA   C N S 124 
ILE C    C N N 125 
ILE O    O N N 126 
ILE CB   C N S 127 
ILE CG1  C N N 128 
ILE CG2  C N N 129 
ILE CD1  C N N 130 
ILE OXT  O N N 131 
ILE H    H N N 132 
ILE H2   H N N 133 
ILE HA   H N N 134 
ILE HB   H N N 135 
ILE HG12 H N N 136 
ILE HG13 H N N 137 
ILE HG21 H N N 138 
ILE HG22 H N N 139 
ILE HG23 H N N 140 
ILE HD11 H N N 141 
ILE HD12 H N N 142 
ILE HD13 H N N 143 
ILE HXT  H N N 144 
LEU N    N N N 145 
LEU CA   C N S 146 
LEU C    C N N 147 
LEU O    O N N 148 
LEU CB   C N N 149 
LEU CG   C N N 150 
LEU CD1  C N N 151 
LEU CD2  C N N 152 
LEU OXT  O N N 153 
LEU H    H N N 154 
LEU H2   H N N 155 
LEU HA   H N N 156 
LEU HB2  H N N 157 
LEU HB3  H N N 158 
LEU HG   H N N 159 
LEU HD11 H N N 160 
LEU HD12 H N N 161 
LEU HD13 H N N 162 
LEU HD21 H N N 163 
LEU HD22 H N N 164 
LEU HD23 H N N 165 
LEU HXT  H N N 166 
LYS N    N N N 167 
LYS CA   C N S 168 
LYS C    C N N 169 
LYS O    O N N 170 
LYS CB   C N N 171 
LYS CG   C N N 172 
LYS CD   C N N 173 
LYS CE   C N N 174 
LYS NZ   N N N 175 
LYS OXT  O N N 176 
LYS H    H N N 177 
LYS H2   H N N 178 
LYS HA   H N N 179 
LYS HB2  H N N 180 
LYS HB3  H N N 181 
LYS HG2  H N N 182 
LYS HG3  H N N 183 
LYS HD2  H N N 184 
LYS HD3  H N N 185 
LYS HE2  H N N 186 
LYS HE3  H N N 187 
LYS HZ1  H N N 188 
LYS HZ2  H N N 189 
LYS HZ3  H N N 190 
LYS HXT  H N N 191 
PHE N    N N N 192 
PHE CA   C N S 193 
PHE C    C N N 194 
PHE O    O N N 195 
PHE CB   C N N 196 
PHE CG   C Y N 197 
PHE CD1  C Y N 198 
PHE CD2  C Y N 199 
PHE CE1  C Y N 200 
PHE CE2  C Y N 201 
PHE CZ   C Y N 202 
PHE OXT  O N N 203 
PHE H    H N N 204 
PHE H2   H N N 205 
PHE HA   H N N 206 
PHE HB2  H N N 207 
PHE HB3  H N N 208 
PHE HD1  H N N 209 
PHE HD2  H N N 210 
PHE HE1  H N N 211 
PHE HE2  H N N 212 
PHE HZ   H N N 213 
PHE HXT  H N N 214 
PRO N    N N N 215 
PRO CA   C N S 216 
PRO C    C N N 217 
PRO O    O N N 218 
PRO CB   C N N 219 
PRO CG   C N N 220 
PRO CD   C N N 221 
PRO OXT  O N N 222 
PRO H    H N N 223 
PRO HA   H N N 224 
PRO HB2  H N N 225 
PRO HB3  H N N 226 
PRO HG2  H N N 227 
PRO HG3  H N N 228 
PRO HD2  H N N 229 
PRO HD3  H N N 230 
PRO HXT  H N N 231 
SER N    N N N 232 
SER CA   C N S 233 
SER C    C N N 234 
SER O    O N N 235 
SER CB   C N N 236 
SER OG   O N N 237 
SER OXT  O N N 238 
SER H    H N N 239 
SER H2   H N N 240 
SER HA   H N N 241 
SER HB2  H N N 242 
SER HB3  H N N 243 
SER HG   H N N 244 
SER HXT  H N N 245 
THR N    N N N 246 
THR CA   C N S 247 
THR C    C N N 248 
THR O    O N N 249 
THR CB   C N R 250 
THR OG1  O N N 251 
THR CG2  C N N 252 
THR OXT  O N N 253 
THR H    H N N 254 
THR H2   H N N 255 
THR HA   H N N 256 
THR HB   H N N 257 
THR HG1  H N N 258 
THR HG21 H N N 259 
THR HG22 H N N 260 
THR HG23 H N N 261 
THR HXT  H N N 262 
TRP N    N N N 263 
TRP CA   C N S 264 
TRP C    C N N 265 
TRP O    O N N 266 
TRP CB   C N N 267 
TRP CG   C Y N 268 
TRP CD1  C Y N 269 
TRP CD2  C Y N 270 
TRP NE1  N Y N 271 
TRP CE2  C Y N 272 
TRP CE3  C Y N 273 
TRP CZ2  C Y N 274 
TRP CZ3  C Y N 275 
TRP CH2  C Y N 276 
TRP OXT  O N N 277 
TRP H    H N N 278 
TRP H2   H N N 279 
TRP HA   H N N 280 
TRP HB2  H N N 281 
TRP HB3  H N N 282 
TRP HD1  H N N 283 
TRP HE1  H N N 284 
TRP HE3  H N N 285 
TRP HZ2  H N N 286 
TRP HZ3  H N N 287 
TRP HH2  H N N 288 
TRP HXT  H N N 289 
TYR N    N N N 290 
TYR CA   C N S 291 
TYR C    C N N 292 
TYR O    O N N 293 
TYR CB   C N N 294 
TYR CG   C Y N 295 
TYR CD1  C Y N 296 
TYR CD2  C Y N 297 
TYR CE1  C Y N 298 
TYR CE2  C Y N 299 
TYR CZ   C Y N 300 
TYR OH   O N N 301 
TYR OXT  O N N 302 
TYR H    H N N 303 
TYR H2   H N N 304 
TYR HA   H N N 305 
TYR HB2  H N N 306 
TYR HB3  H N N 307 
TYR HD1  H N N 308 
TYR HD2  H N N 309 
TYR HE1  H N N 310 
TYR HE2  H N N 311 
TYR HH   H N N 312 
TYR HXT  H N N 313 
VAL N    N N N 314 
VAL CA   C N S 315 
VAL C    C N N 316 
VAL O    O N N 317 
VAL CB   C N N 318 
VAL CG1  C N N 319 
VAL CG2  C N N 320 
VAL OXT  O N N 321 
VAL H    H N N 322 
VAL H2   H N N 323 
VAL HA   H N N 324 
VAL HB   H N N 325 
VAL HG11 H N N 326 
VAL HG12 H N N 327 
VAL HG13 H N N 328 
VAL HG21 H N N 329 
VAL HG22 H N N 330 
VAL HG23 H N N 331 
VAL HXT  H N N 332 
# 
loop_
_chem_comp_bond.comp_id 
_chem_comp_bond.atom_id_1 
_chem_comp_bond.atom_id_2 
_chem_comp_bond.value_order 
_chem_comp_bond.pdbx_aromatic_flag 
_chem_comp_bond.pdbx_stereo_config 
_chem_comp_bond.pdbx_ordinal 
ALA N   CA   sing N N 1   
ALA N   H    sing N N 2   
ALA N   H2   sing N N 3   
ALA CA  C    sing N N 4   
ALA CA  CB   sing N N 5   
ALA CA  HA   sing N N 6   
ALA C   O    doub N N 7   
ALA C   OXT  sing N N 8   
ALA CB  HB1  sing N N 9   
ALA CB  HB2  sing N N 10  
ALA CB  HB3  sing N N 11  
ALA OXT HXT  sing N N 12  
ARG N   CA   sing N N 13  
ARG N   H    sing N N 14  
ARG N   H2   sing N N 15  
ARG CA  C    sing N N 16  
ARG CA  CB   sing N N 17  
ARG CA  HA   sing N N 18  
ARG C   O    doub N N 19  
ARG C   OXT  sing N N 20  
ARG CB  CG   sing N N 21  
ARG CB  HB2  sing N N 22  
ARG CB  HB3  sing N N 23  
ARG CG  CD   sing N N 24  
ARG CG  HG2  sing N N 25  
ARG CG  HG3  sing N N 26  
ARG CD  NE   sing N N 27  
ARG CD  HD2  sing N N 28  
ARG CD  HD3  sing N N 29  
ARG NE  CZ   sing N N 30  
ARG NE  HE   sing N N 31  
ARG CZ  NH1  sing N N 32  
ARG CZ  NH2  doub N N 33  
ARG NH1 HH11 sing N N 34  
ARG NH1 HH12 sing N N 35  
ARG NH2 HH21 sing N N 36  
ARG NH2 HH22 sing N N 37  
ARG OXT HXT  sing N N 38  
ASN N   CA   sing N N 39  
ASN N   H    sing N N 40  
ASN N   H2   sing N N 41  
ASN CA  C    sing N N 42  
ASN CA  CB   sing N N 43  
ASN CA  HA   sing N N 44  
ASN C   O    doub N N 45  
ASN C   OXT  sing N N 46  
ASN CB  CG   sing N N 47  
ASN CB  HB2  sing N N 48  
ASN CB  HB3  sing N N 49  
ASN CG  OD1  doub N N 50  
ASN CG  ND2  sing N N 51  
ASN ND2 HD21 sing N N 52  
ASN ND2 HD22 sing N N 53  
ASN OXT HXT  sing N N 54  
ASP N   CA   sing N N 55  
ASP N   H    sing N N 56  
ASP N   H2   sing N N 57  
ASP CA  C    sing N N 58  
ASP CA  CB   sing N N 59  
ASP CA  HA   sing N N 60  
ASP C   O    doub N N 61  
ASP C   OXT  sing N N 62  
ASP CB  CG   sing N N 63  
ASP CB  HB2  sing N N 64  
ASP CB  HB3  sing N N 65  
ASP CG  OD1  doub N N 66  
ASP CG  OD2  sing N N 67  
ASP OD2 HD2  sing N N 68  
ASP OXT HXT  sing N N 69  
GLN N   CA   sing N N 70  
GLN N   H    sing N N 71  
GLN N   H2   sing N N 72  
GLN CA  C    sing N N 73  
GLN CA  CB   sing N N 74  
GLN CA  HA   sing N N 75  
GLN C   O    doub N N 76  
GLN C   OXT  sing N N 77  
GLN CB  CG   sing N N 78  
GLN CB  HB2  sing N N 79  
GLN CB  HB3  sing N N 80  
GLN CG  CD   sing N N 81  
GLN CG  HG2  sing N N 82  
GLN CG  HG3  sing N N 83  
GLN CD  OE1  doub N N 84  
GLN CD  NE2  sing N N 85  
GLN NE2 HE21 sing N N 86  
GLN NE2 HE22 sing N N 87  
GLN OXT HXT  sing N N 88  
GLU N   CA   sing N N 89  
GLU N   H    sing N N 90  
GLU N   H2   sing N N 91  
GLU CA  C    sing N N 92  
GLU CA  CB   sing N N 93  
GLU CA  HA   sing N N 94  
GLU C   O    doub N N 95  
GLU C   OXT  sing N N 96  
GLU CB  CG   sing N N 97  
GLU CB  HB2  sing N N 98  
GLU CB  HB3  sing N N 99  
GLU CG  CD   sing N N 100 
GLU CG  HG2  sing N N 101 
GLU CG  HG3  sing N N 102 
GLU CD  OE1  doub N N 103 
GLU CD  OE2  sing N N 104 
GLU OE2 HE2  sing N N 105 
GLU OXT HXT  sing N N 106 
GLY N   CA   sing N N 107 
GLY N   H    sing N N 108 
GLY N   H2   sing N N 109 
GLY CA  C    sing N N 110 
GLY CA  HA2  sing N N 111 
GLY CA  HA3  sing N N 112 
GLY C   O    doub N N 113 
GLY C   OXT  sing N N 114 
GLY OXT HXT  sing N N 115 
ILE N   CA   sing N N 116 
ILE N   H    sing N N 117 
ILE N   H2   sing N N 118 
ILE CA  C    sing N N 119 
ILE CA  CB   sing N N 120 
ILE CA  HA   sing N N 121 
ILE C   O    doub N N 122 
ILE C   OXT  sing N N 123 
ILE CB  CG1  sing N N 124 
ILE CB  CG2  sing N N 125 
ILE CB  HB   sing N N 126 
ILE CG1 CD1  sing N N 127 
ILE CG1 HG12 sing N N 128 
ILE CG1 HG13 sing N N 129 
ILE CG2 HG21 sing N N 130 
ILE CG2 HG22 sing N N 131 
ILE CG2 HG23 sing N N 132 
ILE CD1 HD11 sing N N 133 
ILE CD1 HD12 sing N N 134 
ILE CD1 HD13 sing N N 135 
ILE OXT HXT  sing N N 136 
LEU N   CA   sing N N 137 
LEU N   H    sing N N 138 
LEU N   H2   sing N N 139 
LEU CA  C    sing N N 140 
LEU CA  CB   sing N N 141 
LEU CA  HA   sing N N 142 
LEU C   O    doub N N 143 
LEU C   OXT  sing N N 144 
LEU CB  CG   sing N N 145 
LEU CB  HB2  sing N N 146 
LEU CB  HB3  sing N N 147 
LEU CG  CD1  sing N N 148 
LEU CG  CD2  sing N N 149 
LEU CG  HG   sing N N 150 
LEU CD1 HD11 sing N N 151 
LEU CD1 HD12 sing N N 152 
LEU CD1 HD13 sing N N 153 
LEU CD2 HD21 sing N N 154 
LEU CD2 HD22 sing N N 155 
LEU CD2 HD23 sing N N 156 
LEU OXT HXT  sing N N 157 
LYS N   CA   sing N N 158 
LYS N   H    sing N N 159 
LYS N   H2   sing N N 160 
LYS CA  C    sing N N 161 
LYS CA  CB   sing N N 162 
LYS CA  HA   sing N N 163 
LYS C   O    doub N N 164 
LYS C   OXT  sing N N 165 
LYS CB  CG   sing N N 166 
LYS CB  HB2  sing N N 167 
LYS CB  HB3  sing N N 168 
LYS CG  CD   sing N N 169 
LYS CG  HG2  sing N N 170 
LYS CG  HG3  sing N N 171 
LYS CD  CE   sing N N 172 
LYS CD  HD2  sing N N 173 
LYS CD  HD3  sing N N 174 
LYS CE  NZ   sing N N 175 
LYS CE  HE2  sing N N 176 
LYS CE  HE3  sing N N 177 
LYS NZ  HZ1  sing N N 178 
LYS NZ  HZ2  sing N N 179 
LYS NZ  HZ3  sing N N 180 
LYS OXT HXT  sing N N 181 
PHE N   CA   sing N N 182 
PHE N   H    sing N N 183 
PHE N   H2   sing N N 184 
PHE CA  C    sing N N 185 
PHE CA  CB   sing N N 186 
PHE CA  HA   sing N N 187 
PHE C   O    doub N N 188 
PHE C   OXT  sing N N 189 
PHE CB  CG   sing N N 190 
PHE CB  HB2  sing N N 191 
PHE CB  HB3  sing N N 192 
PHE CG  CD1  doub Y N 193 
PHE CG  CD2  sing Y N 194 
PHE CD1 CE1  sing Y N 195 
PHE CD1 HD1  sing N N 196 
PHE CD2 CE2  doub Y N 197 
PHE CD2 HD2  sing N N 198 
PHE CE1 CZ   doub Y N 199 
PHE CE1 HE1  sing N N 200 
PHE CE2 CZ   sing Y N 201 
PHE CE2 HE2  sing N N 202 
PHE CZ  HZ   sing N N 203 
PHE OXT HXT  sing N N 204 
PRO N   CA   sing N N 205 
PRO N   CD   sing N N 206 
PRO N   H    sing N N 207 
PRO CA  C    sing N N 208 
PRO CA  CB   sing N N 209 
PRO CA  HA   sing N N 210 
PRO C   O    doub N N 211 
PRO C   OXT  sing N N 212 
PRO CB  CG   sing N N 213 
PRO CB  HB2  sing N N 214 
PRO CB  HB3  sing N N 215 
PRO CG  CD   sing N N 216 
PRO CG  HG2  sing N N 217 
PRO CG  HG3  sing N N 218 
PRO CD  HD2  sing N N 219 
PRO CD  HD3  sing N N 220 
PRO OXT HXT  sing N N 221 
SER N   CA   sing N N 222 
SER N   H    sing N N 223 
SER N   H2   sing N N 224 
SER CA  C    sing N N 225 
SER CA  CB   sing N N 226 
SER CA  HA   sing N N 227 
SER C   O    doub N N 228 
SER C   OXT  sing N N 229 
SER CB  OG   sing N N 230 
SER CB  HB2  sing N N 231 
SER CB  HB3  sing N N 232 
SER OG  HG   sing N N 233 
SER OXT HXT  sing N N 234 
THR N   CA   sing N N 235 
THR N   H    sing N N 236 
THR N   H2   sing N N 237 
THR CA  C    sing N N 238 
THR CA  CB   sing N N 239 
THR CA  HA   sing N N 240 
THR C   O    doub N N 241 
THR C   OXT  sing N N 242 
THR CB  OG1  sing N N 243 
THR CB  CG2  sing N N 244 
THR CB  HB   sing N N 245 
THR OG1 HG1  sing N N 246 
THR CG2 HG21 sing N N 247 
THR CG2 HG22 sing N N 248 
THR CG2 HG23 sing N N 249 
THR OXT HXT  sing N N 250 
TRP N   CA   sing N N 251 
TRP N   H    sing N N 252 
TRP N   H2   sing N N 253 
TRP CA  C    sing N N 254 
TRP CA  CB   sing N N 255 
TRP CA  HA   sing N N 256 
TRP C   O    doub N N 257 
TRP C   OXT  sing N N 258 
TRP CB  CG   sing N N 259 
TRP CB  HB2  sing N N 260 
TRP CB  HB3  sing N N 261 
TRP CG  CD1  doub Y N 262 
TRP CG  CD2  sing Y N 263 
TRP CD1 NE1  sing Y N 264 
TRP CD1 HD1  sing N N 265 
TRP CD2 CE2  doub Y N 266 
TRP CD2 CE3  sing Y N 267 
TRP NE1 CE2  sing Y N 268 
TRP NE1 HE1  sing N N 269 
TRP CE2 CZ2  sing Y N 270 
TRP CE3 CZ3  doub Y N 271 
TRP CE3 HE3  sing N N 272 
TRP CZ2 CH2  doub Y N 273 
TRP CZ2 HZ2  sing N N 274 
TRP CZ3 CH2  sing Y N 275 
TRP CZ3 HZ3  sing N N 276 
TRP CH2 HH2  sing N N 277 
TRP OXT HXT  sing N N 278 
TYR N   CA   sing N N 279 
TYR N   H    sing N N 280 
TYR N   H2   sing N N 281 
TYR CA  C    sing N N 282 
TYR CA  CB   sing N N 283 
TYR CA  HA   sing N N 284 
TYR C   O    doub N N 285 
TYR C   OXT  sing N N 286 
TYR CB  CG   sing N N 287 
TYR CB  HB2  sing N N 288 
TYR CB  HB3  sing N N 289 
TYR CG  CD1  doub Y N 290 
TYR CG  CD2  sing Y N 291 
TYR CD1 CE1  sing Y N 292 
TYR CD1 HD1  sing N N 293 
TYR CD2 CE2  doub Y N 294 
TYR CD2 HD2  sing N N 295 
TYR CE1 CZ   doub Y N 296 
TYR CE1 HE1  sing N N 297 
TYR CE2 CZ   sing Y N 298 
TYR CE2 HE2  sing N N 299 
TYR CZ  OH   sing N N 300 
TYR OH  HH   sing N N 301 
TYR OXT HXT  sing N N 302 
VAL N   CA   sing N N 303 
VAL N   H    sing N N 304 
VAL N   H2   sing N N 305 
VAL CA  C    sing N N 306 
VAL CA  CB   sing N N 307 
VAL CA  HA   sing N N 308 
VAL C   O    doub N N 309 
VAL C   OXT  sing N N 310 
VAL CB  CG1  sing N N 311 
VAL CB  CG2  sing N N 312 
VAL CB  HB   sing N N 313 
VAL CG1 HG11 sing N N 314 
VAL CG1 HG12 sing N N 315 
VAL CG1 HG13 sing N N 316 
VAL CG2 HG21 sing N N 317 
VAL CG2 HG22 sing N N 318 
VAL CG2 HG23 sing N N 319 
VAL OXT HXT  sing N N 320 
# 
loop_
_pdbx_nmr_spectrometer.spectrometer_id 
_pdbx_nmr_spectrometer.model 
_pdbx_nmr_spectrometer.manufacturer 
_pdbx_nmr_spectrometer.field_strength 
1 AMX600 Bruker 600 
2 ARX400 Bruker 600 
# 
_atom_sites.entry_id                    1AA3 
_atom_sites.fract_transf_matrix[1][1]   1.000000 
_atom_sites.fract_transf_matrix[1][2]   0.000000 
_atom_sites.fract_transf_matrix[1][3]   0.000000 
_atom_sites.fract_transf_matrix[2][1]   0.000000 
_atom_sites.fract_transf_matrix[2][2]   1.000000 
_atom_sites.fract_transf_matrix[2][3]   0.000000 
_atom_sites.fract_transf_matrix[3][1]   0.000000 
_atom_sites.fract_transf_matrix[3][2]   0.000000 
_atom_sites.fract_transf_matrix[3][3]   1.000000 
_atom_sites.fract_transf_vector[1]      0.00000 
_atom_sites.fract_transf_vector[2]      0.00000 
_atom_sites.fract_transf_vector[3]      0.00000 
# 
loop_
_atom_type.symbol 
C 
H 
N 
O 
# 
loop_
_atom_site.group_PDB 
_atom_site.id 
_atom_site.type_symbol 
_atom_site.label_atom_id 
_atom_site.label_alt_id 
_atom_site.label_comp_id 
_atom_site.label_asym_id 
_atom_site.label_entity_id 
_atom_site.label_seq_id 
_atom_site.pdbx_PDB_ins_code 
_atom_site.Cartn_x 
_atom_site.Cartn_y 
_atom_site.Cartn_z 
_atom_site.occupancy 
_atom_site.B_iso_or_equiv 
_atom_site.pdbx_formal_charge 
_atom_site.auth_seq_id 
_atom_site.auth_comp_id 
_atom_site.auth_asym_id 
_atom_site.auth_atom_id 
_atom_site.pdbx_PDB_model_num 
ATOM 1    N N    . ILE A 1 1  ? 4.626   13.881  -3.598  1.00 3.98 ? 268 ILE A N    1 
ATOM 2    C CA   . ILE A 1 1  ? 4.489   12.950  -4.754  1.00 3.66 ? 268 ILE A CA   1 
ATOM 3    C C    . ILE A 1 1  ? 4.151   11.548  -4.245  1.00 2.89 ? 268 ILE A C    1 
ATOM 4    O O    . ILE A 1 1  ? 2.999   11.198  -4.085  1.00 3.01 ? 268 ILE A O    1 
ATOM 5    C CB   . ILE A 1 1  ? 5.800   12.903  -5.547  1.00 4.26 ? 268 ILE A CB   1 
ATOM 6    C CG1  . ILE A 1 1  ? 6.975   13.243  -4.624  1.00 5.00 ? 268 ILE A CG1  1 
ATOM 7    C CG2  . ILE A 1 1  ? 5.741   13.915  -6.692  1.00 4.35 ? 268 ILE A CG2  1 
ATOM 8    C CD1  . ILE A 1 1  ? 8.249   12.580  -5.154  1.00 6.15 ? 268 ILE A CD1  1 
ATOM 9    H H1   . ILE A 1 1  ? 5.081   13.387  -2.804  1.00 4.25 ? 268 ILE A H1   1 
ATOM 10   H H2   . ILE A 1 1  ? 5.207   14.699  -3.878  1.00 4.41 ? 268 ILE A H2   1 
ATOM 11   H H3   . ILE A 1 1  ? 3.685   14.210  -3.304  1.00 3.98 ? 268 ILE A H3   1 
ATOM 12   H HA   . ILE A 1 1  ? 3.694   13.296  -5.399  1.00 4.03 ? 268 ILE A HA   1 
ATOM 13   H HB   . ILE A 1 1  ? 5.936   11.910  -5.953  1.00 4.62 ? 268 ILE A HB   1 
ATOM 14   H HG12 . ILE A 1 1  ? 7.111   14.314  -4.596  1.00 5.05 ? 268 ILE A HG12 1 
ATOM 15   H HG13 . ILE A 1 1  ? 6.769   12.879  -3.630  1.00 5.05 ? 268 ILE A HG13 1 
ATOM 16   H HG21 . ILE A 1 1  ? 4.751   14.342  -6.745  1.00 4.74 ? 268 ILE A HG21 1 
ATOM 17   H HG22 . ILE A 1 1  ? 6.462   14.700  -6.516  1.00 4.32 ? 268 ILE A HG22 1 
ATOM 18   H HG23 . ILE A 1 1  ? 5.970   13.419  -7.624  1.00 4.59 ? 268 ILE A HG23 1 
ATOM 19   H HD11 . ILE A 1 1  ? 8.037   12.092  -6.093  1.00 6.49 ? 268 ILE A HD11 1 
ATOM 20   H HD12 . ILE A 1 1  ? 9.011   13.331  -5.301  1.00 6.53 ? 268 ILE A HD12 1 
ATOM 21   H HD13 . ILE A 1 1  ? 8.598   11.849  -4.439  1.00 6.51 ? 268 ILE A HD13 1 
ATOM 22   N N    . ASN A 1 2  ? 5.146   10.740  -3.992  1.00 2.74 ? 269 ASN A N    1 
ATOM 23   C CA   . ASN A 1 2  ? 4.877   9.359   -3.498  1.00 2.59 ? 269 ASN A CA   1 
ATOM 24   C C    . ASN A 1 2  ? 3.729   8.748   -4.311  1.00 1.75 ? 269 ASN A C    1 
ATOM 25   O O    . ASN A 1 2  ? 3.925   8.289   -5.418  1.00 2.22 ? 269 ASN A O    1 
ATOM 26   C CB   . ASN A 1 2  ? 4.495   9.415   -2.016  1.00 3.47 ? 269 ASN A CB   1 
ATOM 27   C CG   . ASN A 1 2  ? 5.687   9.909   -1.197  1.00 4.41 ? 269 ASN A CG   1 
ATOM 28   O OD1  . ASN A 1 2  ? 6.610   9.163   -0.931  1.00 5.00 ? 269 ASN A OD1  1 
ATOM 29   N ND2  . ASN A 1 2  ? 5.708   11.146  -0.782  1.00 4.99 ? 269 ASN A ND2  1 
ATOM 30   H H    . ASN A 1 2  ? 6.070   11.040  -4.129  1.00 3.21 ? 269 ASN A H    1 
ATOM 31   H HA   . ASN A 1 2  ? 5.764   8.755   -3.619  1.00 3.07 ? 269 ASN A HA   1 
ATOM 32   H HB2  . ASN A 1 2  ? 3.662   10.091  -1.884  1.00 3.81 ? 269 ASN A HB2  1 
ATOM 33   H HB3  . ASN A 1 2  ? 4.214   8.428   -1.679  1.00 3.63 ? 269 ASN A HB3  1 
ATOM 34   H HD21 . ASN A 1 2  ? 4.964   11.747  -0.996  1.00 4.88 ? 269 ASN A HD21 1 
ATOM 35   H HD22 . ASN A 1 2  ? 6.467   11.474  -0.255  1.00 5.77 ? 269 ASN A HD22 1 
ATOM 36   N N    . PHE A 1 3  ? 2.534   8.749   -3.777  1.00 1.16 ? 270 PHE A N    1 
ATOM 37   C CA   . PHE A 1 3  ? 1.374   8.178   -4.520  1.00 0.51 ? 270 PHE A CA   1 
ATOM 38   C C    . PHE A 1 3  ? 0.233   7.865   -3.542  1.00 0.68 ? 270 PHE A C    1 
ATOM 39   O O    . PHE A 1 3  ? -0.531  8.740   -3.199  1.00 1.71 ? 270 PHE A O    1 
ATOM 40   C CB   . PHE A 1 3  ? 1.788   6.907   -5.270  1.00 1.23 ? 270 PHE A CB   1 
ATOM 41   C CG   . PHE A 1 3  ? 2.789   6.086   -4.479  1.00 1.00 ? 270 PHE A CG   1 
ATOM 42   C CD1  . PHE A 1 3  ? 2.935   6.239   -3.086  1.00 1.83 ? 270 PHE A CD1  1 
ATOM 43   C CD2  . PHE A 1 3  ? 3.560   5.132   -5.154  1.00 1.30 ? 270 PHE A CD2  1 
ATOM 44   C CE1  . PHE A 1 3  ? 3.842   5.447   -2.390  1.00 2.14 ? 270 PHE A CE1  1 
ATOM 45   C CE2  . PHE A 1 3  ? 4.461   4.336   -4.448  1.00 1.57 ? 270 PHE A CE2  1 
ATOM 46   C CZ   . PHE A 1 3  ? 4.600   4.497   -3.067  1.00 1.73 ? 270 PHE A CZ   1 
ATOM 47   H H    . PHE A 1 3  ? 2.396   9.133   -2.886  1.00 1.76 ? 270 PHE A H    1 
ATOM 48   H HA   . PHE A 1 3  ? 1.026   8.910   -5.236  1.00 0.99 ? 270 PHE A HA   1 
ATOM 49   H HB2  . PHE A 1 3  ? 0.911   6.306   -5.454  1.00 1.95 ? 270 PHE A HB2  1 
ATOM 50   H HB3  . PHE A 1 3  ? 2.229   7.186   -6.216  1.00 2.02 ? 270 PHE A HB3  1 
ATOM 51   H HD1  . PHE A 1 3  ? 2.351   6.965   -2.550  1.00 2.58 ? 270 PHE A HD1  1 
ATOM 52   H HD2  . PHE A 1 3  ? 3.452   5.008   -6.221  1.00 1.99 ? 270 PHE A HD2  1 
ATOM 53   H HE1  . PHE A 1 3  ? 3.955   5.567   -1.324  1.00 3.01 ? 270 PHE A HE1  1 
ATOM 54   H HE2  . PHE A 1 3  ? 5.053   3.599   -4.969  1.00 2.24 ? 270 PHE A HE2  1 
ATOM 55   H HZ   . PHE A 1 3  ? 5.280   3.881   -2.521  1.00 2.18 ? 270 PHE A HZ   1 
ATOM 56   N N    . TYR A 1 4  ? 0.114   6.627   -3.106  1.00 0.54 ? 271 TYR A N    1 
ATOM 57   C CA   . TYR A 1 4  ? -0.968  6.225   -2.145  1.00 0.59 ? 271 TYR A CA   1 
ATOM 58   C C    . TYR A 1 4  ? -2.275  5.964   -2.902  1.00 0.85 ? 271 TYR A C    1 
ATOM 59   O O    . TYR A 1 4  ? -3.271  5.562   -2.337  1.00 1.81 ? 271 TYR A O    1 
ATOM 60   C CB   . TYR A 1 4  ? -1.187  7.318   -1.097  1.00 0.71 ? 271 TYR A CB   1 
ATOM 61   C CG   . TYR A 1 4  ? -0.019  7.379   -0.138  1.00 0.52 ? 271 TYR A CG   1 
ATOM 62   C CD1  . TYR A 1 4  ? 1.180   6.721   -0.437  1.00 1.37 ? 271 TYR A CD1  1 
ATOM 63   C CD2  . TYR A 1 4  ? -0.131  8.118   1.045   1.00 1.19 ? 271 TYR A CD2  1 
ATOM 64   C CE1  . TYR A 1 4  ? 2.266   6.805   0.442   1.00 1.36 ? 271 TYR A CE1  1 
ATOM 65   C CE2  . TYR A 1 4  ? 0.950   8.197   1.925   1.00 1.22 ? 271 TYR A CE2  1 
ATOM 66   C CZ   . TYR A 1 4  ? 2.148   7.545   1.624   1.00 0.56 ? 271 TYR A CZ   1 
ATOM 67   O OH   . TYR A 1 4  ? 3.212   7.638   2.489   1.00 0.75 ? 271 TYR A OH   1 
ATOM 68   H H    . TYR A 1 4  ? 0.740   5.951   -3.418  1.00 1.28 ? 271 TYR A H    1 
ATOM 69   H HA   . TYR A 1 4  ? -0.668  5.315   -1.644  1.00 0.72 ? 271 TYR A HA   1 
ATOM 70   H HB2  . TYR A 1 4  ? -1.300  8.267   -1.577  1.00 0.91 ? 271 TYR A HB2  1 
ATOM 71   H HB3  . TYR A 1 4  ? -2.078  7.103   -0.556  1.00 0.93 ? 271 TYR A HB3  1 
ATOM 72   H HD1  . TYR A 1 4  ? 1.268   6.147   -1.342  1.00 2.28 ? 271 TYR A HD1  1 
ATOM 73   H HD2  . TYR A 1 4  ? -1.055  8.617   1.286   1.00 2.06 ? 271 TYR A HD2  1 
ATOM 74   H HE1  . TYR A 1 4  ? 3.191   6.296   0.210   1.00 2.25 ? 271 TYR A HE1  1 
ATOM 75   H HE2  . TYR A 1 4  ? 0.862   8.764   2.837   1.00 2.12 ? 271 TYR A HE2  1 
ATOM 76   H HH   . TYR A 1 4  ? 3.937   8.058   2.023   1.00 1.09 ? 271 TYR A HH   1 
ATOM 77   N N    . GLY A 1 5  ? -2.258  6.164   -4.178  1.00 0.46 ? 272 GLY A N    1 
ATOM 78   C CA   . GLY A 1 5  ? -3.465  5.922   -5.016  1.00 0.62 ? 272 GLY A CA   1 
ATOM 79   C C    . GLY A 1 5  ? -3.101  4.866   -6.047  1.00 0.61 ? 272 GLY A C    1 
ATOM 80   O O    . GLY A 1 5  ? -3.849  3.952   -6.325  1.00 0.77 ? 272 GLY A O    1 
ATOM 81   H H    . GLY A 1 5  ? -1.438  6.458   -4.596  1.00 0.98 ? 272 GLY A H    1 
ATOM 82   H HA2  . GLY A 1 5  ? -4.281  5.574   -4.398  1.00 0.74 ? 272 GLY A HA2  1 
ATOM 83   H HA3  . GLY A 1 5  ? -3.744  6.831   -5.521  1.00 0.71 ? 272 GLY A HA3  1 
ATOM 84   N N    . GLU A 1 6  ? -1.920  4.976   -6.576  1.00 0.49 ? 273 GLU A N    1 
ATOM 85   C CA   . GLU A 1 6  ? -1.422  3.980   -7.553  1.00 0.50 ? 273 GLU A CA   1 
ATOM 86   C C    . GLU A 1 6  ? -0.591  2.989   -6.744  1.00 0.47 ? 273 GLU A C    1 
ATOM 87   O O    . GLU A 1 6  ? -0.426  1.840   -7.097  1.00 0.55 ? 273 GLU A O    1 
ATOM 88   C CB   . GLU A 1 6  ? -0.578  4.709   -8.616  1.00 0.56 ? 273 GLU A CB   1 
ATOM 89   C CG   . GLU A 1 6  ? 0.861   4.183   -8.644  1.00 1.48 ? 273 GLU A CG   1 
ATOM 90   C CD   . GLU A 1 6  ? 1.636   4.873   -9.769  1.00 1.73 ? 273 GLU A CD   1 
ATOM 91   O OE1  . GLU A 1 6  ? 1.149   4.866   -10.887 1.00 2.44 ? 273 GLU A OE1  1 
ATOM 92   O OE2  . GLU A 1 6  ? 2.703   5.395   -9.492  1.00 1.89 ? 273 GLU A OE2  1 
ATOM 93   H H    . GLU A 1 6  ? -1.330  5.706   -6.291  1.00 0.47 ? 273 GLU A H    1 
ATOM 94   H HA   . GLU A 1 6  ? -2.256  3.471   -8.019  1.00 0.51 ? 273 GLU A HA   1 
ATOM 95   H HB2  . GLU A 1 6  ? -1.027  4.567   -9.587  1.00 1.10 ? 273 GLU A HB2  1 
ATOM 96   H HB3  . GLU A 1 6  ? -0.563  5.761   -8.382  1.00 0.96 ? 273 GLU A HB3  1 
ATOM 97   H HG2  . GLU A 1 6  ? 1.335   4.395   -7.696  1.00 2.00 ? 273 GLU A HG2  1 
ATOM 98   H HG3  . GLU A 1 6  ? 0.853   3.117   -8.815  1.00 2.16 ? 273 GLU A HG3  1 
ATOM 99   N N    . LEU A 1 7  ? -0.105  3.454   -5.628  1.00 0.40 ? 274 LEU A N    1 
ATOM 100  C CA   . LEU A 1 7  ? 0.684   2.597   -4.715  1.00 0.38 ? 274 LEU A CA   1 
ATOM 101  C C    . LEU A 1 7  ? -0.261  1.522   -4.206  1.00 0.34 ? 274 LEU A C    1 
ATOM 102  O O    . LEU A 1 7  ? -0.036  0.341   -4.381  1.00 0.43 ? 274 LEU A O    1 
ATOM 103  C CB   . LEU A 1 7  ? 1.186   3.447   -3.541  1.00 0.39 ? 274 LEU A CB   1 
ATOM 104  C CG   . LEU A 1 7  ? 1.517   2.566   -2.355  1.00 0.60 ? 274 LEU A CG   1 
ATOM 105  C CD1  . LEU A 1 7  ? 2.808   1.808   -2.668  1.00 1.47 ? 274 LEU A CD1  1 
ATOM 106  C CD2  . LEU A 1 7  ? 1.689   3.471   -1.138  1.00 1.58 ? 274 LEU A CD2  1 
ATOM 107  H H    . LEU A 1 7  ? -0.292  4.374   -5.376  1.00 0.39 ? 274 LEU A H    1 
ATOM 108  H HA   . LEU A 1 7  ? 1.518   2.150   -5.237  1.00 0.41 ? 274 LEU A HA   1 
ATOM 109  H HB2  . LEU A 1 7  ? 2.083   3.972   -3.831  1.00 0.69 ? 274 LEU A HB2  1 
ATOM 110  H HB3  . LEU A 1 7  ? 0.424   4.160   -3.252  1.00 0.72 ? 274 LEU A HB3  1 
ATOM 111  H HG   . LEU A 1 7  ? 0.715   1.864   -2.176  1.00 1.30 ? 274 LEU A HG   1 
ATOM 112  H HD11 . LEU A 1 7  ? 2.796   1.503   -3.705  1.00 1.98 ? 274 LEU A HD11 1 
ATOM 113  H HD12 . LEU A 1 7  ? 3.655   2.452   -2.498  1.00 2.12 ? 274 LEU A HD12 1 
ATOM 114  H HD13 . LEU A 1 7  ? 2.882   0.936   -2.042  1.00 1.99 ? 274 LEU A HD13 1 
ATOM 115  H HD21 . LEU A 1 7  ? 1.972   4.456   -1.469  1.00 2.22 ? 274 LEU A HD21 1 
ATOM 116  H HD22 . LEU A 1 7  ? 0.753   3.531   -0.605  1.00 2.17 ? 274 LEU A HD22 1 
ATOM 117  H HD23 . LEU A 1 7  ? 2.448   3.078   -0.488  1.00 2.00 ? 274 LEU A HD23 1 
ATOM 118  N N    . VAL A 1 8  ? -1.346  1.934   -3.608  1.00 0.29 ? 275 VAL A N    1 
ATOM 119  C CA   . VAL A 1 8  ? -2.326  0.939   -3.128  1.00 0.28 ? 275 VAL A CA   1 
ATOM 120  C C    . VAL A 1 8  ? -2.804  0.186   -4.362  1.00 0.26 ? 275 VAL A C    1 
ATOM 121  O O    . VAL A 1 8  ? -3.132  -0.980  -4.317  1.00 0.29 ? 275 VAL A O    1 
ATOM 122  C CB   . VAL A 1 8  ? -3.503  1.653   -2.455  1.00 0.31 ? 275 VAL A CB   1 
ATOM 123  C CG1  . VAL A 1 8  ? -4.488  0.618   -1.909  1.00 0.41 ? 275 VAL A CG1  1 
ATOM 124  C CG2  . VAL A 1 8  ? -2.983  2.513   -1.302  1.00 0.53 ? 275 VAL A CG2  1 
ATOM 125  H H    . VAL A 1 8  ? -1.525  2.896   -3.506  1.00 0.34 ? 275 VAL A H    1 
ATOM 126  H HA   . VAL A 1 8  ? -1.853  0.259   -2.433  1.00 0.33 ? 275 VAL A HA   1 
ATOM 127  H HB   . VAL A 1 8  ? -4.005  2.280   -3.178  1.00 0.47 ? 275 VAL A HB   1 
ATOM 128  H HG11 . VAL A 1 8  ? -4.099  -0.374  -2.079  1.00 1.20 ? 275 VAL A HG11 1 
ATOM 129  H HG12 . VAL A 1 8  ? -4.622  0.774   -0.849  1.00 1.03 ? 275 VAL A HG12 1 
ATOM 130  H HG13 . VAL A 1 8  ? -5.438  0.724   -2.411  1.00 1.09 ? 275 VAL A HG13 1 
ATOM 131  H HG21 . VAL A 1 8  ? -2.078  3.017   -1.608  1.00 1.17 ? 275 VAL A HG21 1 
ATOM 132  H HG22 . VAL A 1 8  ? -3.731  3.247   -1.035  1.00 1.07 ? 275 VAL A HG22 1 
ATOM 133  H HG23 . VAL A 1 8  ? -2.774  1.886   -0.449  1.00 1.06 ? 275 VAL A HG23 1 
ATOM 134  N N    . ASP A 1 9  ? -2.819  0.863   -5.479  1.00 0.30 ? 276 ASP A N    1 
ATOM 135  C CA   . ASP A 1 9  ? -3.251  0.218   -6.742  1.00 0.41 ? 276 ASP A CA   1 
ATOM 136  C C    . ASP A 1 9  ? -2.135  -0.697  -7.251  1.00 0.47 ? 276 ASP A C    1 
ATOM 137  O O    . ASP A 1 9  ? -2.357  -1.569  -8.068  1.00 0.60 ? 276 ASP A O    1 
ATOM 138  C CB   . ASP A 1 9  ? -3.545  1.292   -7.791  1.00 0.44 ? 276 ASP A CB   1 
ATOM 139  C CG   . ASP A 1 9  ? -4.445  0.710   -8.881  1.00 0.65 ? 276 ASP A CG   1 
ATOM 140  O OD1  . ASP A 1 9  ? -4.026  -0.237  -9.527  1.00 1.40 ? 276 ASP A OD1  1 
ATOM 141  O OD2  . ASP A 1 9  ? -5.540  1.222   -9.054  1.00 1.25 ? 276 ASP A OD2  1 
ATOM 142  H H    . ASP A 1 9  ? -2.531  1.800   -5.484  1.00 0.31 ? 276 ASP A H    1 
ATOM 143  H HA   . ASP A 1 9  ? -4.135  -0.356  -6.559  1.00 0.47 ? 276 ASP A HA   1 
ATOM 144  H HB2  . ASP A 1 9  ? -4.043  2.126   -7.320  1.00 0.62 ? 276 ASP A HB2  1 
ATOM 145  H HB3  . ASP A 1 9  ? -2.618  1.627   -8.233  1.00 0.59 ? 276 ASP A HB3  1 
ATOM 146  N N    . LEU A 1 10 ? -0.937  -0.503  -6.774  1.00 0.52 ? 277 LEU A N    1 
ATOM 147  C CA   . LEU A 1 10 ? 0.192   -1.349  -7.220  1.00 0.63 ? 277 LEU A CA   1 
ATOM 148  C C    . LEU A 1 10 ? 0.322   -2.538  -6.275  1.00 0.66 ? 277 LEU A C    1 
ATOM 149  O O    . LEU A 1 10 ? 0.551   -3.646  -6.698  1.00 0.95 ? 277 LEU A O    1 
ATOM 150  C CB   . LEU A 1 10 ? 1.481   -0.527  -7.203  1.00 0.79 ? 277 LEU A CB   1 
ATOM 151  C CG   . LEU A 1 10 ? 2.322   -0.871  -8.435  1.00 1.06 ? 277 LEU A CG   1 
ATOM 152  C CD1  . LEU A 1 10 ? 2.421   -2.390  -8.580  1.00 1.59 ? 277 LEU A CD1  1 
ATOM 153  C CD2  . LEU A 1 10 ? 1.660   -0.283  -9.683  1.00 1.64 ? 277 LEU A CD2  1 
ATOM 154  H H    . LEU A 1 10 ? -0.779  0.197   -6.116  1.00 0.57 ? 277 LEU A H    1 
ATOM 155  H HA   . LEU A 1 10 ? 0.002   -1.703  -8.221  1.00 0.68 ? 277 LEU A HA   1 
ATOM 156  H HB2  . LEU A 1 10 ? 1.237   0.525   -7.217  1.00 0.77 ? 277 LEU A HB2  1 
ATOM 157  H HB3  . LEU A 1 10 ? 2.042   -0.754  -6.311  1.00 0.96 ? 277 LEU A HB3  1 
ATOM 158  H HG   . LEU A 1 10 ? 3.312   -0.455  -8.322  1.00 1.50 ? 277 LEU A HG   1 
ATOM 159  H HD11 . LEU A 1 10 ? 2.322   -2.852  -7.609  1.00 2.12 ? 277 LEU A HD11 1 
ATOM 160  H HD12 . LEU A 1 10 ? 1.633   -2.742  -9.229  1.00 1.96 ? 277 LEU A HD12 1 
ATOM 161  H HD13 . LEU A 1 10 ? 3.380   -2.649  -9.005  1.00 1.97 ? 277 LEU A HD13 1 
ATOM 162  H HD21 . LEU A 1 10 ? 0.890   0.415   -9.387  1.00 2.03 ? 277 LEU A HD21 1 
ATOM 163  H HD22 . LEU A 1 10 ? 2.402   0.230   -10.277 1.00 2.22 ? 277 LEU A HD22 1 
ATOM 164  H HD23 . LEU A 1 10 ? 1.219   -1.079  -10.266 1.00 2.07 ? 277 LEU A HD23 1 
ATOM 165  N N    . GLY A 1 11 ? 0.179   -2.306  -4.994  1.00 0.51 ? 278 GLY A N    1 
ATOM 166  C CA   . GLY A 1 11 ? 0.297   -3.418  -4.004  1.00 0.58 ? 278 GLY A CA   1 
ATOM 167  C C    . GLY A 1 11 ? -0.935  -4.322  -4.091  1.00 0.49 ? 278 GLY A C    1 
ATOM 168  O O    . GLY A 1 11 ? -0.843  -5.489  -4.390  1.00 0.61 ? 278 GLY A O    1 
ATOM 169  H H    . GLY A 1 11 ? -0.005  -1.396  -4.683  1.00 0.53 ? 278 GLY A H    1 
ATOM 170  H HA2  . GLY A 1 11 ? 1.186   -3.994  -4.216  1.00 0.67 ? 278 GLY A HA2  1 
ATOM 171  H HA3  . GLY A 1 11 ? 0.363   -3.005  -3.013  1.00 0.67 ? 278 GLY A HA3  1 
ATOM 172  N N    . VAL A 1 12 ? -2.088  -3.791  -3.845  1.00 0.37 ? 279 VAL A N    1 
ATOM 173  C CA   . VAL A 1 12 ? -3.320  -4.621  -3.936  1.00 0.36 ? 279 VAL A CA   1 
ATOM 174  C C    . VAL A 1 12 ? -3.242  -5.408  -5.243  1.00 0.42 ? 279 VAL A C    1 
ATOM 175  O O    . VAL A 1 12 ? -3.746  -6.507  -5.362  1.00 0.60 ? 279 VAL A O    1 
ATOM 176  C CB   . VAL A 1 12 ? -4.562  -3.722  -3.933  1.00 0.29 ? 279 VAL A CB   1 
ATOM 177  C CG1  . VAL A 1 12 ? -5.804  -4.576  -3.672  1.00 0.46 ? 279 VAL A CG1  1 
ATOM 178  C CG2  . VAL A 1 12 ? -4.439  -2.665  -2.828  1.00 0.25 ? 279 VAL A CG2  1 
ATOM 179  H H    . VAL A 1 12 ? -2.141  -2.857  -3.619  1.00 0.38 ? 279 VAL A H    1 
ATOM 180  H HA   . VAL A 1 12 ? -3.360  -5.307  -3.101  1.00 0.45 ? 279 VAL A HA   1 
ATOM 181  H HB   . VAL A 1 12 ? -4.655  -3.235  -4.892  1.00 0.34 ? 279 VAL A HB   1 
ATOM 182  H HG11 . VAL A 1 12 ? -5.641  -5.191  -2.798  1.00 1.09 ? 279 VAL A HG11 1 
ATOM 183  H HG12 . VAL A 1 12 ? -6.654  -3.932  -3.504  1.00 1.19 ? 279 VAL A HG12 1 
ATOM 184  H HG13 . VAL A 1 12 ? -5.994  -5.207  -4.527  1.00 1.05 ? 279 VAL A HG13 1 
ATOM 185  H HG21 . VAL A 1 12 ? -3.428  -2.642  -2.451  1.00 1.06 ? 279 VAL A HG21 1 
ATOM 186  H HG22 . VAL A 1 12 ? -4.694  -1.695  -3.228  1.00 0.97 ? 279 VAL A HG22 1 
ATOM 187  H HG23 . VAL A 1 12 ? -5.113  -2.909  -2.020  1.00 1.10 ? 279 VAL A HG23 1 
ATOM 188  N N    . LYS A 1 13 ? -2.569  -4.850  -6.215  1.00 0.34 ? 280 LYS A N    1 
ATOM 189  C CA   . LYS A 1 13 ? -2.390  -5.543  -7.514  1.00 0.42 ? 280 LYS A CA   1 
ATOM 190  C C    . LYS A 1 13 ? -1.109  -6.372  -7.425  1.00 0.48 ? 280 LYS A C    1 
ATOM 191  O O    . LYS A 1 13 ? -0.980  -7.421  -8.024  1.00 0.64 ? 280 LYS A O    1 
ATOM 192  C CB   . LYS A 1 13 ? -2.256  -4.504  -8.624  1.00 0.47 ? 280 LYS A CB   1 
ATOM 193  C CG   . LYS A 1 13 ? -1.932  -5.205  -9.944  1.00 0.96 ? 280 LYS A CG   1 
ATOM 194  C CD   . LYS A 1 13 ? -3.174  -5.206  -10.834 1.00 1.61 ? 280 LYS A CD   1 
ATOM 195  C CE   . LYS A 1 13 ? -3.576  -6.649  -11.151 1.00 2.40 ? 280 LYS A CE   1 
ATOM 196  N NZ   . LYS A 1 13 ? -5.015  -6.692  -11.530 1.00 3.27 ? 280 LYS A NZ   1 
ATOM 197  H H    . LYS A 1 13 ? -2.154  -3.976  -6.076  1.00 0.29 ? 280 LYS A H    1 
ATOM 198  H HA   . LYS A 1 13 ? -3.234  -6.186  -7.706  1.00 0.47 ? 280 LYS A HA   1 
ATOM 199  H HB2  . LYS A 1 13 ? -3.187  -3.962  -8.721  1.00 0.58 ? 280 LYS A HB2  1 
ATOM 200  H HB3  . LYS A 1 13 ? -1.462  -3.815  -8.377  1.00 0.83 ? 280 LYS A HB3  1 
ATOM 201  H HG2  . LYS A 1 13 ? -1.130  -4.680  -10.443 1.00 1.55 ? 280 LYS A HG2  1 
ATOM 202  H HG3  . LYS A 1 13 ? -1.630  -6.223  -9.748  1.00 1.42 ? 280 LYS A HG3  1 
ATOM 203  H HD2  . LYS A 1 13 ? -3.984  -4.712  -10.318 1.00 2.09 ? 280 LYS A HD2  1 
ATOM 204  H HD3  . LYS A 1 13 ? -2.959  -4.684  -11.754 1.00 2.04 ? 280 LYS A HD3  1 
ATOM 205  H HE2  . LYS A 1 13 ? -2.976  -7.018  -11.970 1.00 2.67 ? 280 LYS A HE2  1 
ATOM 206  H HE3  . LYS A 1 13 ? -3.413  -7.266  -10.280 1.00 2.77 ? 280 LYS A HE3  1 
ATOM 207  H HZ1  . LYS A 1 13 ? -5.483  -5.818  -11.212 1.00 3.76 ? 280 LYS A HZ1  1 
ATOM 208  H HZ2  . LYS A 1 13 ? -5.100  -6.776  -12.562 1.00 3.52 ? 280 LYS A HZ2  1 
ATOM 209  H HZ3  . LYS A 1 13 ? -5.468  -7.511  -11.079 1.00 3.62 ? 280 LYS A HZ3  1 
ATOM 210  N N    . GLU A 1 14 ? -0.171  -5.909  -6.641  1.00 0.44 ? 281 GLU A N    1 
ATOM 211  C CA   . GLU A 1 14 ? 1.099   -6.647  -6.447  1.00 0.56 ? 281 GLU A CA   1 
ATOM 212  C C    . GLU A 1 14 ? 0.950   -7.447  -5.168  1.00 0.60 ? 281 GLU A C    1 
ATOM 213  O O    . GLU A 1 14 ? 0.695   -8.634  -5.193  1.00 1.35 ? 281 GLU A O    1 
ATOM 214  C CB   . GLU A 1 14 ? 2.258   -5.662  -6.290  1.00 0.63 ? 281 GLU A CB   1 
ATOM 215  C CG   . GLU A 1 14 ? 2.766   -5.243  -7.672  1.00 0.73 ? 281 GLU A CG   1 
ATOM 216  C CD   . GLU A 1 14 ? 3.085   -6.490  -8.502  1.00 1.43 ? 281 GLU A CD   1 
ATOM 217  O OE1  . GLU A 1 14 ? 3.258   -7.543  -7.910  1.00 1.95 ? 281 GLU A OE1  1 
ATOM 218  O OE2  . GLU A 1 14 ? 3.152   -6.369  -9.713  1.00 2.07 ? 281 GLU A OE2  1 
ATOM 219  H H    . GLU A 1 14 ? -0.317  -5.075  -6.148  1.00 0.40 ? 281 GLU A H    1 
ATOM 220  H HA   . GLU A 1 14 ? 1.277   -7.307  -7.279  1.00 0.63 ? 281 GLU A HA   1 
ATOM 221  H HB2  . GLU A 1 14 ? 1.918   -4.787  -5.746  1.00 0.55 ? 281 GLU A HB2  1 
ATOM 222  H HB3  . GLU A 1 14 ? 3.056   -6.138  -5.740  1.00 0.83 ? 281 GLU A HB3  1 
ATOM 223  H HG2  . GLU A 1 14 ? 2.007   -4.662  -8.174  1.00 0.83 ? 281 GLU A HG2  1 
ATOM 224  H HG3  . GLU A 1 14 ? 3.660   -4.650  -7.561  1.00 0.95 ? 281 GLU A HG3  1 
ATOM 225  N N    . LYS A 1 15 ? 1.060   -6.795  -4.045  1.00 0.50 ? 282 LYS A N    1 
ATOM 226  C CA   . LYS A 1 15 ? 0.874   -7.519  -2.770  1.00 0.48 ? 282 LYS A CA   1 
ATOM 227  C C    . LYS A 1 15 ? 1.335   -6.688  -1.570  1.00 0.50 ? 282 LYS A C    1 
ATOM 228  O O    . LYS A 1 15 ? 1.880   -7.216  -0.621  1.00 0.88 ? 282 LYS A O    1 
ATOM 229  C CB   . LYS A 1 15 ? 1.652   -8.834  -2.818  1.00 0.57 ? 282 LYS A CB   1 
ATOM 230  C CG   . LYS A 1 15 ? 3.001   -8.614  -3.510  1.00 1.63 ? 282 LYS A CG   1 
ATOM 231  C CD   . LYS A 1 15 ? 4.119   -8.631  -2.464  1.00 2.21 ? 282 LYS A CD   1 
ATOM 232  C CE   . LYS A 1 15 ? 5.023   -9.842  -2.701  1.00 3.02 ? 282 LYS A CE   1 
ATOM 233  N NZ   . LYS A 1 15 ? 4.211   -11.089 -2.613  1.00 3.78 ? 282 LYS A NZ   1 
ATOM 234  H H    . LYS A 1 15 ? 1.233   -5.832  -4.048  1.00 1.05 ? 282 LYS A H    1 
ATOM 235  H HA   . LYS A 1 15 ? -0.181  -7.725  -2.656  1.00 0.46 ? 282 LYS A HA   1 
ATOM 236  H HB2  . LYS A 1 15 ? 1.817   -9.190  -1.813  1.00 0.89 ? 282 LYS A HB2  1 
ATOM 237  H HB3  . LYS A 1 15 ? 1.084   -9.565  -3.370  1.00 0.77 ? 282 LYS A HB3  1 
ATOM 238  H HG2  . LYS A 1 15 ? 3.168   -9.402  -4.228  1.00 2.01 ? 282 LYS A HG2  1 
ATOM 239  H HG3  . LYS A 1 15 ? 3.001   -7.661  -4.018  1.00 2.17 ? 282 LYS A HG3  1 
ATOM 240  H HD2  . LYS A 1 15 ? 4.702   -7.725  -2.547  1.00 2.46 ? 282 LYS A HD2  1 
ATOM 241  H HD3  . LYS A 1 15 ? 3.687   -8.693  -1.477  1.00 2.57 ? 282 LYS A HD3  1 
ATOM 242  H HE2  . LYS A 1 15 ? 5.470   -9.772  -3.681  1.00 3.35 ? 282 LYS A HE2  1 
ATOM 243  H HE3  . LYS A 1 15 ? 5.799   -9.865  -1.950  1.00 3.33 ? 282 LYS A HE3  1 
ATOM 244  H HZ1  . LYS A 1 15 ? 3.318   -10.959 -3.127  1.00 4.14 ? 282 LYS A HZ1  1 
ATOM 245  H HZ2  . LYS A 1 15 ? 4.741   -11.879 -3.035  1.00 4.28 ? 282 LYS A HZ2  1 
ATOM 246  H HZ3  . LYS A 1 15 ? 4.010   -11.301 -1.614  1.00 3.88 ? 282 LYS A HZ3  1 
ATOM 247  N N    . LEU A 1 16 ? 1.084   -5.409  -1.569  1.00 0.34 ? 283 LEU A N    1 
ATOM 248  C CA   . LEU A 1 16 ? 1.471   -4.597  -0.387  1.00 0.32 ? 283 LEU A CA   1 
ATOM 249  C C    . LEU A 1 16 ? 0.231   -4.429  0.482   1.00 0.25 ? 283 LEU A C    1 
ATOM 250  O O    . LEU A 1 16 ? 0.292   -4.504  1.693   1.00 0.27 ? 283 LEU A O    1 
ATOM 251  C CB   . LEU A 1 16 ? 1.997   -3.221  -0.807  1.00 0.36 ? 283 LEU A CB   1 
ATOM 252  C CG   . LEU A 1 16 ? 3.363   -3.379  -1.478  1.00 0.46 ? 283 LEU A CG   1 
ATOM 253  C CD1  . LEU A 1 16 ? 3.177   -3.628  -2.974  1.00 1.42 ? 283 LEU A CD1  1 
ATOM 254  C CD2  . LEU A 1 16 ? 4.183   -2.104  -1.273  1.00 1.32 ? 283 LEU A CD2  1 
ATOM 255  H H    . LEU A 1 16 ? 0.612   -4.997  -2.318  1.00 0.56 ? 283 LEU A H    1 
ATOM 256  H HA   . LEU A 1 16 ? 2.229   -5.121  0.168   1.00 0.36 ? 283 LEU A HA   1 
ATOM 257  H HB2  . LEU A 1 16 ? 1.304   -2.764  -1.495  1.00 0.47 ? 283 LEU A HB2  1 
ATOM 258  H HB3  . LEU A 1 16 ? 2.099   -2.594  0.070   1.00 0.45 ? 283 LEU A HB3  1 
ATOM 259  H HG   . LEU A 1 16 ? 3.884   -4.218  -1.038  1.00 1.33 ? 283 LEU A HG   1 
ATOM 260  H HD11 . LEU A 1 16 ? 2.623   -2.808  -3.409  1.00 1.86 ? 283 LEU A HD11 1 
ATOM 261  H HD12 . LEU A 1 16 ? 4.144   -3.701  -3.448  1.00 2.03 ? 283 LEU A HD12 1 
ATOM 262  H HD13 . LEU A 1 16 ? 2.633   -4.549  -3.121  1.00 2.00 ? 283 LEU A HD13 1 
ATOM 263  H HD21 . LEU A 1 16 ? 3.554   -1.241  -1.431  1.00 1.95 ? 283 LEU A HD21 1 
ATOM 264  H HD22 . LEU A 1 16 ? 4.572   -2.087  -0.266  1.00 1.81 ? 283 LEU A HD22 1 
ATOM 265  H HD23 . LEU A 1 16 ? 5.005   -2.082  -1.974  1.00 1.94 ? 283 LEU A HD23 1 
ATOM 266  N N    . ILE A 1 17 ? -0.902  -4.210  -0.131  1.00 0.22 ? 284 ILE A N    1 
ATOM 267  C CA   . ILE A 1 17 ? -2.148  -4.050  0.655   1.00 0.20 ? 284 ILE A CA   1 
ATOM 268  C C    . ILE A 1 17 ? -2.948  -5.346  0.651   1.00 0.22 ? 284 ILE A C    1 
ATOM 269  O O    . ILE A 1 17 ? -3.439  -5.775  -0.374  1.00 0.28 ? 284 ILE A O    1 
ATOM 270  C CB   . ILE A 1 17 ? -3.033  -2.988  0.022   1.00 0.22 ? 284 ILE A CB   1 
ATOM 271  C CG1  . ILE A 1 17 ? -2.183  -1.831  -0.512  1.00 0.47 ? 284 ILE A CG1  1 
ATOM 272  C CG2  . ILE A 1 17 ? -4.014  -2.483  1.072   1.00 0.23 ? 284 ILE A CG2  1 
ATOM 273  C CD1  . ILE A 1 17 ? -1.360  -1.230  0.623   1.00 0.62 ? 284 ILE A CD1  1 
ATOM 274  H H    . ILE A 1 17 ? -0.933  -4.155  -1.111  1.00 0.24 ? 284 ILE A H    1 
ATOM 275  H HA   . ILE A 1 17 ? -1.910  -3.767  1.669   1.00 0.22 ? 284 ILE A HA   1 
ATOM 276  H HB   . ILE A 1 17 ? -3.589  -3.436  -0.790  1.00 0.38 ? 284 ILE A HB   1 
ATOM 277  H HG12 . ILE A 1 17 ? -1.521  -2.199  -1.282  1.00 1.06 ? 284 ILE A HG12 1 
ATOM 278  H HG13 . ILE A 1 17 ? -2.829  -1.071  -0.924  1.00 1.16 ? 284 ILE A HG13 1 
ATOM 279  H HG21 . ILE A 1 17 ? -3.783  -2.930  2.023   1.00 1.03 ? 284 ILE A HG21 1 
ATOM 280  H HG22 . ILE A 1 17 ? -3.947  -1.408  1.149   1.00 0.96 ? 284 ILE A HG22 1 
ATOM 281  H HG23 . ILE A 1 17 ? -5.014  -2.764  0.787   1.00 0.98 ? 284 ILE A HG23 1 
ATOM 282  H HD11 . ILE A 1 17 ? -1.127  -2.000  1.340   1.00 1.36 ? 284 ILE A HD11 1 
ATOM 283  H HD12 . ILE A 1 17 ? -0.444  -0.820  0.224   1.00 1.15 ? 284 ILE A HD12 1 
ATOM 284  H HD13 . ILE A 1 17 ? -1.925  -0.447  1.105   1.00 1.37 ? 284 ILE A HD13 1 
ATOM 285  N N    . GLU A 1 18 ? -3.145  -5.945  1.787   1.00 0.24 ? 285 GLU A N    1 
ATOM 286  C CA   . GLU A 1 18 ? -3.984  -7.166  1.813   1.00 0.31 ? 285 GLU A CA   1 
ATOM 287  C C    . GLU A 1 18 ? -5.412  -6.695  2.032   1.00 0.25 ? 285 GLU A C    1 
ATOM 288  O O    . GLU A 1 18 ? -5.686  -5.940  2.935   1.00 0.26 ? 285 GLU A O    1 
ATOM 289  C CB   . GLU A 1 18 ? -3.569  -8.087  2.953   1.00 0.44 ? 285 GLU A CB   1 
ATOM 290  C CG   . GLU A 1 18 ? -2.068  -7.945  3.214   1.00 0.65 ? 285 GLU A CG   1 
ATOM 291  C CD   . GLU A 1 18 ? -1.534  -9.234  3.842   1.00 0.72 ? 285 GLU A CD   1 
ATOM 292  O OE1  . GLU A 1 18 ? -2.332  -10.120 4.099   1.00 1.49 ? 285 GLU A OE1  1 
ATOM 293  O OE2  . GLU A 1 18 ? -0.336  -9.313  4.056   1.00 1.38 ? 285 GLU A OE2  1 
ATOM 294  H H    . GLU A 1 18 ? -2.788  -5.567  2.617   1.00 0.27 ? 285 GLU A H    1 
ATOM 295  H HA   . GLU A 1 18 ? -3.908  -7.683  0.868   1.00 0.35 ? 285 GLU A HA   1 
ATOM 296  H HB2  . GLU A 1 18 ? -4.119  -7.823  3.844   1.00 0.55 ? 285 GLU A HB2  1 
ATOM 297  H HB3  . GLU A 1 18 ? -3.793  -9.106  2.680   1.00 0.51 ? 285 GLU A HB3  1 
ATOM 298  H HG2  . GLU A 1 18 ? -1.557  -7.760  2.280   1.00 1.21 ? 285 GLU A HG2  1 
ATOM 299  H HG3  . GLU A 1 18 ? -1.896  -7.121  3.888   1.00 1.22 ? 285 GLU A HG3  1 
ATOM 300  N N    . LYS A 1 19 ? -6.319  -7.091  1.202   1.00 0.33 ? 286 LYS A N    1 
ATOM 301  C CA   . LYS A 1 19 ? -7.713  -6.603  1.376   1.00 0.35 ? 286 LYS A CA   1 
ATOM 302  C C    . LYS A 1 19 ? -8.723  -7.696  1.032   1.00 0.48 ? 286 LYS A C    1 
ATOM 303  O O    . LYS A 1 19 ? -8.468  -8.568  0.225   1.00 0.57 ? 286 LYS A O    1 
ATOM 304  C CB   . LYS A 1 19 ? -7.918  -5.390  0.480   1.00 0.38 ? 286 LYS A CB   1 
ATOM 305  C CG   . LYS A 1 19 ? -7.945  -5.826  -0.986  1.00 0.76 ? 286 LYS A CG   1 
ATOM 306  C CD   . LYS A 1 19 ? -9.214  -5.295  -1.655  1.00 0.65 ? 286 LYS A CD   1 
ATOM 307  C CE   . LYS A 1 19 ? -9.635  -6.249  -2.775  1.00 0.72 ? 286 LYS A CE   1 
ATOM 308  N NZ   . LYS A 1 19 ? -10.553 -5.541  -3.713  1.00 1.13 ? 286 LYS A NZ   1 
ATOM 309  H H    . LYS A 1 19 ? -6.080  -7.678  0.457   1.00 0.42 ? 286 LYS A H    1 
ATOM 310  H HA   . LYS A 1 19 ? -7.857  -6.296  2.397   1.00 0.34 ? 286 LYS A HA   1 
ATOM 311  H HB2  . LYS A 1 19 ? -8.849  -4.909  0.738   1.00 0.75 ? 286 LYS A HB2  1 
ATOM 312  H HB3  . LYS A 1 19 ? -7.100  -4.701  0.640   1.00 0.70 ? 286 LYS A HB3  1 
ATOM 313  H HG2  . LYS A 1 19 ? -7.076  -5.431  -1.494  1.00 1.30 ? 286 LYS A HG2  1 
ATOM 314  H HG3  . LYS A 1 19 ? -7.936  -6.904  -1.041  1.00 1.48 ? 286 LYS A HG3  1 
ATOM 315  H HD2  . LYS A 1 19 ? -10.005 -5.224  -0.923  1.00 1.24 ? 286 LYS A HD2  1 
ATOM 316  H HD3  . LYS A 1 19 ? -9.019  -4.318  -2.072  1.00 1.07 ? 286 LYS A HD3  1 
ATOM 317  H HE2  . LYS A 1 19 ? -8.760  -6.585  -3.311  1.00 1.28 ? 286 LYS A HE2  1 
ATOM 318  H HE3  . LYS A 1 19 ? -10.144 -7.101  -2.348  1.00 1.51 ? 286 LYS A HE3  1 
ATOM 319  H HZ1  . LYS A 1 19 ? -11.152 -4.880  -3.180  1.00 1.70 ? 286 LYS A HZ1  1 
ATOM 320  H HZ2  . LYS A 1 19 ? -9.991  -5.016  -4.413  1.00 1.69 ? 286 LYS A HZ2  1 
ATOM 321  H HZ3  . LYS A 1 19 ? -11.153 -6.236  -4.200  1.00 1.58 ? 286 LYS A HZ3  1 
ATOM 322  N N    . ALA A 1 20 ? -9.870  -7.652  1.653   1.00 0.60 ? 287 ALA A N    1 
ATOM 323  C CA   . ALA A 1 20 ? -10.914 -8.679  1.389   1.00 0.75 ? 287 ALA A CA   1 
ATOM 324  C C    . ALA A 1 20 ? -11.909 -8.146  0.356   1.00 0.85 ? 287 ALA A C    1 
ATOM 325  O O    . ALA A 1 20 ? -13.068 -8.512  0.351   1.00 1.63 ? 287 ALA A O    1 
ATOM 326  C CB   . ALA A 1 20 ? -11.655 -8.985  2.692   1.00 0.84 ? 287 ALA A CB   1 
ATOM 327  H H    . ALA A 1 20 ? -10.044 -6.938  2.303   1.00 0.64 ? 287 ALA A H    1 
ATOM 328  H HA   . ALA A 1 20 ? -10.451 -9.581  1.016   1.00 0.77 ? 287 ALA A HA   1 
ATOM 329  H HB1  . ALA A 1 20 ? -11.855 -8.060  3.215   1.00 1.10 ? 287 ALA A HB1  1 
ATOM 330  H HB2  . ALA A 1 20 ? -12.588 -9.481  2.469   1.00 1.57 ? 287 ALA A HB2  1 
ATOM 331  H HB3  . ALA A 1 20 ? -11.044 -9.624  3.311   1.00 1.29 ? 287 ALA A HB3  1 
ATOM 332  N N    . GLY A 1 21 ? -11.470 -7.283  -0.516  1.00 1.04 ? 288 GLY A N    1 
ATOM 333  C CA   . GLY A 1 21 ? -12.396 -6.727  -1.543  1.00 1.06 ? 288 GLY A CA   1 
ATOM 334  C C    . GLY A 1 21 ? -12.546 -5.221  -1.329  1.00 1.05 ? 288 GLY A C    1 
ATOM 335  O O    . GLY A 1 21 ? -12.197 -4.426  -2.179  1.00 1.74 ? 288 GLY A O    1 
ATOM 336  H H    . GLY A 1 21 ? -10.532 -6.997  -0.495  1.00 1.69 ? 288 GLY A H    1 
ATOM 337  H HA2  . GLY A 1 21 ? -11.996 -6.916  -2.529  1.00 1.06 ? 288 GLY A HA2  1 
ATOM 338  H HA3  . GLY A 1 21 ? -13.362 -7.198  -1.448  1.00 1.14 ? 288 GLY A HA3  1 
ATOM 339  N N    . ALA A 1 22 ? -13.061 -4.824  -0.199  1.00 0.57 ? 289 ALA A N    1 
ATOM 340  C CA   . ALA A 1 22 ? -13.231 -3.368  0.072   1.00 0.54 ? 289 ALA A CA   1 
ATOM 341  C C    . ALA A 1 22 ? -12.297 -2.954  1.210   1.00 0.45 ? 289 ALA A C    1 
ATOM 342  O O    . ALA A 1 22 ? -11.565 -1.990  1.104   1.00 0.56 ? 289 ALA A O    1 
ATOM 343  C CB   . ALA A 1 22 ? -14.680 -3.089  0.475   1.00 0.65 ? 289 ALA A CB   1 
ATOM 344  H H    . ALA A 1 22 ? -13.333 -5.482  0.474   1.00 0.82 ? 289 ALA A H    1 
ATOM 345  H HA   . ALA A 1 22 ? -12.988 -2.806  -0.817  1.00 0.58 ? 289 ALA A HA   1 
ATOM 346  H HB1  . ALA A 1 22 ? -15.330 -3.810  0.002   1.00 1.14 ? 289 ALA A HB1  1 
ATOM 347  H HB2  . ALA A 1 22 ? -14.776 -3.167  1.548   1.00 1.20 ? 289 ALA A HB2  1 
ATOM 348  H HB3  . ALA A 1 22 ? -14.955 -2.093  0.160   1.00 1.30 ? 289 ALA A HB3  1 
ATOM 349  N N    . TRP A 1 23 ? -12.313 -3.676  2.298   1.00 0.33 ? 290 TRP A N    1 
ATOM 350  C CA   . TRP A 1 23 ? -11.421 -3.317  3.436   1.00 0.25 ? 290 TRP A CA   1 
ATOM 351  C C    . TRP A 1 23 ? -9.976  -3.643  3.067   1.00 0.25 ? 290 TRP A C    1 
ATOM 352  O O    . TRP A 1 23 ? -9.665  -4.750  2.675   1.00 0.37 ? 290 TRP A O    1 
ATOM 353  C CB   . TRP A 1 23 ? -11.817 -4.115  4.679   1.00 0.28 ? 290 TRP A CB   1 
ATOM 354  C CG   . TRP A 1 23 ? -12.488 -3.204  5.648   1.00 0.28 ? 290 TRP A CG   1 
ATOM 355  C CD1  . TRP A 1 23 ? -13.819 -3.137  5.872   1.00 0.32 ? 290 TRP A CD1  1 
ATOM 356  C CD2  . TRP A 1 23 ? -11.874 -2.224  6.523   1.00 0.28 ? 290 TRP A CD2  1 
ATOM 357  N NE1  . TRP A 1 23 ? -14.059 -2.172  6.833   1.00 0.34 ? 290 TRP A NE1  1 
ATOM 358  C CE2  . TRP A 1 23 ? -12.888 -1.580  7.265   1.00 0.32 ? 290 TRP A CE2  1 
ATOM 359  C CE3  . TRP A 1 23 ? -10.543 -1.840  6.737   1.00 0.30 ? 290 TRP A CE3  1 
ATOM 360  C CZ2  . TRP A 1 23 ? -12.590 -0.583  8.193   1.00 0.37 ? 290 TRP A CZ2  1 
ATOM 361  C CZ3  . TRP A 1 23 ? -10.237 -0.835  7.669   1.00 0.36 ? 290 TRP A CZ3  1 
ATOM 362  C CH2  . TRP A 1 23 ? -11.259 -0.207  8.396   1.00 0.39 ? 290 TRP A CH2  1 
ATOM 363  H H    . TRP A 1 23 ? -12.909 -4.451  2.365   1.00 0.35 ? 290 TRP A H    1 
ATOM 364  H HA   . TRP A 1 23 ? -11.510 -2.263  3.643   1.00 0.23 ? 290 TRP A HA   1 
ATOM 365  H HB2  . TRP A 1 23 ? -12.489 -4.913  4.403   1.00 0.31 ? 290 TRP A HB2  1 
ATOM 366  H HB3  . TRP A 1 23 ? -10.927 -4.526  5.136   1.00 0.29 ? 290 TRP A HB3  1 
ATOM 367  H HD1  . TRP A 1 23 ? -14.570 -3.738  5.381   1.00 0.37 ? 290 TRP A HD1  1 
ATOM 368  H HE1  . TRP A 1 23 ? -14.942 -1.923  7.179   1.00 0.37 ? 290 TRP A HE1  1 
ATOM 369  H HE3  . TRP A 1 23 ? -9.748  -2.324  6.182   1.00 0.29 ? 290 TRP A HE3  1 
ATOM 370  H HZ2  . TRP A 1 23 ? -13.381 -0.102  8.748   1.00 0.41 ? 290 TRP A HZ2  1 
ATOM 371  H HZ3  . TRP A 1 23 ? -9.211  -0.544  7.825   1.00 0.40 ? 290 TRP A HZ3  1 
ATOM 372  H HH2  . TRP A 1 23 ? -11.017 0.565   9.111   1.00 0.45 ? 290 TRP A HH2  1 
ATOM 373  N N    . TYR A 1 24 ? -9.086  -2.693  3.182   1.00 0.17 ? 291 TYR A N    1 
ATOM 374  C CA   . TYR A 1 24 ? -7.669  -2.980  2.828   1.00 0.19 ? 291 TYR A CA   1 
ATOM 375  C C    . TYR A 1 24 ? -6.900  -3.294  4.086   1.00 0.21 ? 291 TYR A C    1 
ATOM 376  O O    . TYR A 1 24 ? -7.396  -3.136  5.176   1.00 0.27 ? 291 TYR A O    1 
ATOM 377  C CB   . TYR A 1 24 ? -7.027  -1.787  2.117   1.00 0.20 ? 291 TYR A CB   1 
ATOM 378  C CG   . TYR A 1 24 ? -7.445  -1.822  0.681   1.00 0.19 ? 291 TYR A CG   1 
ATOM 379  C CD1  . TYR A 1 24 ? -8.751  -2.190  0.364   1.00 0.35 ? 291 TYR A CD1  1 
ATOM 380  C CD2  . TYR A 1 24 ? -6.542  -1.489  -0.329  1.00 0.13 ? 291 TYR A CD2  1 
ATOM 381  C CE1  . TYR A 1 24 ? -9.167  -2.239  -0.955  1.00 0.37 ? 291 TYR A CE1  1 
ATOM 382  C CE2  . TYR A 1 24 ? -6.959  -1.530  -1.667  1.00 0.14 ? 291 TYR A CE2  1 
ATOM 383  C CZ   . TYR A 1 24 ? -8.274  -1.907  -1.981  1.00 0.22 ? 291 TYR A CZ   1 
ATOM 384  O OH   . TYR A 1 24 ? -8.685  -1.953  -3.298  1.00 0.26 ? 291 TYR A OH   1 
ATOM 385  H H    . TYR A 1 24 ? -9.348  -1.804  3.498   1.00 0.18 ? 291 TYR A H    1 
ATOM 386  H HA   . TYR A 1 24 ? -7.638  -3.838  2.177   1.00 0.21 ? 291 TYR A HA   1 
ATOM 387  H HB2  . TYR A 1 24 ? -7.363  -0.866  2.563   1.00 0.21 ? 291 TYR A HB2  1 
ATOM 388  H HB3  . TYR A 1 24 ? -5.946  -1.856  2.186   1.00 0.23 ? 291 TYR A HB3  1 
ATOM 389  H HD1  . TYR A 1 24 ? -9.443  -2.443  1.144   1.00 0.47 ? 291 TYR A HD1  1 
ATOM 390  H HD2  . TYR A 1 24 ? -5.522  -1.201  -0.073  1.00 0.22 ? 291 TYR A HD2  1 
ATOM 391  H HE1  . TYR A 1 24 ? -10.189 -2.500  -1.176  1.00 0.51 ? 291 TYR A HE1  1 
ATOM 392  H HE2  . TYR A 1 24 ? -6.274  -1.272  -2.453  1.00 0.21 ? 291 TYR A HE2  1 
ATOM 393  H HH   . TYR A 1 24 ? -9.645  -1.984  -3.309  1.00 0.90 ? 291 TYR A HH   1 
ATOM 394  N N    . SER A 1 25 ? -5.700  -3.750  3.940   1.00 0.22 ? 292 SER A N    1 
ATOM 395  C CA   . SER A 1 25 ? -4.894  -4.089  5.131   1.00 0.27 ? 292 SER A CA   1 
ATOM 396  C C    . SER A 1 25 ? -3.424  -3.906  4.813   1.00 0.29 ? 292 SER A C    1 
ATOM 397  O O    . SER A 1 25 ? -3.026  -3.922  3.668   1.00 0.40 ? 292 SER A O    1 
ATOM 398  C CB   . SER A 1 25 ? -5.124  -5.543  5.491   1.00 0.35 ? 292 SER A CB   1 
ATOM 399  O OG   . SER A 1 25 ? -5.358  -5.661  6.888   1.00 1.18 ? 292 SER A OG   1 
ATOM 400  H H    . SER A 1 25 ? -5.329  -3.877  3.044   1.00 0.24 ? 292 SER A H    1 
ATOM 401  H HA   . SER A 1 25 ? -5.181  -3.460  5.947   1.00 0.30 ? 292 SER A HA   1 
ATOM 402  H HB2  . SER A 1 25 ? -5.978  -5.911  4.947   1.00 0.94 ? 292 SER A HB2  1 
ATOM 403  H HB3  . SER A 1 25 ? -4.243  -6.111  5.212   1.00 1.05 ? 292 SER A HB3  1 
ATOM 404  H HG   . SER A 1 25 ? -4.508  -5.758  7.324   1.00 1.57 ? 292 SER A HG   1 
ATOM 405  N N    . TYR A 1 26 ? -2.600  -3.761  5.802   1.00 0.28 ? 293 TYR A N    1 
ATOM 406  C CA   . TYR A 1 26 ? -1.167  -3.614  5.491   1.00 0.36 ? 293 TYR A CA   1 
ATOM 407  C C    . TYR A 1 26 ? -0.326  -4.592  6.293   1.00 0.53 ? 293 TYR A C    1 
ATOM 408  O O    . TYR A 1 26 ? -0.760  -5.182  7.261   1.00 1.12 ? 293 TYR A O    1 
ATOM 409  C CB   . TYR A 1 26 ? -0.679  -2.197  5.770   1.00 0.37 ? 293 TYR A CB   1 
ATOM 410  C CG   . TYR A 1 26 ? 0.348   -1.874  4.725   1.00 0.51 ? 293 TYR A CG   1 
ATOM 411  C CD1  . TYR A 1 26 ? 0.032   -2.057  3.375   1.00 1.45 ? 293 TYR A CD1  1 
ATOM 412  C CD2  . TYR A 1 26 ? 1.618   -1.427  5.096   1.00 1.18 ? 293 TYR A CD2  1 
ATOM 413  C CE1  . TYR A 1 26 ? 0.984   -1.795  2.398   1.00 1.59 ? 293 TYR A CE1  1 
ATOM 414  C CE2  . TYR A 1 26 ? 2.574   -1.158  4.111   1.00 1.22 ? 293 TYR A CE2  1 
ATOM 415  C CZ   . TYR A 1 26 ? 2.258   -1.344  2.763   1.00 0.88 ? 293 TYR A CZ   1 
ATOM 416  O OH   . TYR A 1 26 ? 3.208   -1.099  1.799   1.00 1.09 ? 293 TYR A OH   1 
ATOM 417  H H    . TYR A 1 26 ? -2.917  -3.769  6.729   1.00 0.27 ? 293 TYR A H    1 
ATOM 418  H HA   . TYR A 1 26 ? -1.026  -3.825  4.442   1.00 0.39 ? 293 TYR A HA   1 
ATOM 419  H HB2  . TYR A 1 26 ? -1.498  -1.502  5.709   1.00 0.29 ? 293 TYR A HB2  1 
ATOM 420  H HB3  . TYR A 1 26 ? -0.227  -2.150  6.749   1.00 0.47 ? 293 TYR A HB3  1 
ATOM 421  H HD1  . TYR A 1 26 ? -0.951  -2.409  3.089   1.00 2.27 ? 293 TYR A HD1  1 
ATOM 422  H HD2  . TYR A 1 26 ? 1.859   -1.286  6.138   1.00 2.04 ? 293 TYR A HD2  1 
ATOM 423  H HE1  . TYR A 1 26 ? 0.733   -1.933  1.362   1.00 2.48 ? 293 TYR A HE1  1 
ATOM 424  H HE2  . TYR A 1 26 ? 3.555   -0.809  4.388   1.00 2.02 ? 293 TYR A HE2  1 
ATOM 425  H HH   . TYR A 1 26 ? 3.734   -1.896  1.690   1.00 1.63 ? 293 TYR A HH   1 
ATOM 426  N N    . LYS A 1 27 ? 0.883   -4.751  5.858   1.00 0.60 ? 294 LYS A N    1 
ATOM 427  C CA   . LYS A 1 27 ? 1.858   -5.669  6.511   1.00 0.67 ? 294 LYS A CA   1 
ATOM 428  C C    . LYS A 1 27 ? 2.131   -5.237  7.959   1.00 0.76 ? 294 LYS A C    1 
ATOM 429  O O    . LYS A 1 27 ? 3.264   -5.082  8.366   1.00 1.39 ? 294 LYS A O    1 
ATOM 430  C CB   . LYS A 1 27 ? 3.175   -5.630  5.720   1.00 0.72 ? 294 LYS A CB   1 
ATOM 431  C CG   . LYS A 1 27 ? 3.564   -4.176  5.374   1.00 0.75 ? 294 LYS A CG   1 
ATOM 432  C CD   . LYS A 1 27 ? 4.150   -3.494  6.606   1.00 1.75 ? 294 LYS A CD   1 
ATOM 433  C CE   . LYS A 1 27 ? 4.979   -2.286  6.174   1.00 1.97 ? 294 LYS A CE   1 
ATOM 434  N NZ   . LYS A 1 27 ? 6.392   -2.470  6.611   1.00 3.08 ? 294 LYS A NZ   1 
ATOM 435  H H    . LYS A 1 27 ? 1.150   -4.257  5.071   1.00 0.99 ? 294 LYS A H    1 
ATOM 436  H HA   . LYS A 1 27 ? 1.467   -6.675  6.503   1.00 0.66 ? 294 LYS A HA   1 
ATOM 437  H HB2  . LYS A 1 27 ? 3.957   -6.075  6.315   1.00 0.85 ? 294 LYS A HB2  1 
ATOM 438  H HB3  . LYS A 1 27 ? 3.056   -6.193  4.807   1.00 0.77 ? 294 LYS A HB3  1 
ATOM 439  H HG2  . LYS A 1 27 ? 4.304   -4.182  4.588   1.00 1.28 ? 294 LYS A HG2  1 
ATOM 440  H HG3  . LYS A 1 27 ? 2.700   -3.621  5.042   1.00 1.13 ? 294 LYS A HG3  1 
ATOM 441  H HD2  . LYS A 1 27 ? 3.344   -3.168  7.249   1.00 2.42 ? 294 LYS A HD2  1 
ATOM 442  H HD3  . LYS A 1 27 ? 4.778   -4.190  7.141   1.00 2.30 ? 294 LYS A HD3  1 
ATOM 443  H HE2  . LYS A 1 27 ? 4.945   -2.193  5.099   1.00 2.02 ? 294 LYS A HE2  1 
ATOM 444  H HE3  . LYS A 1 27 ? 4.574   -1.393  6.626   1.00 1.88 ? 294 LYS A HE3  1 
ATOM 445  H HZ1  . LYS A 1 27 ? 6.543   -3.461  6.889   1.00 3.39 ? 294 LYS A HZ1  1 
ATOM 446  H HZ2  . LYS A 1 27 ? 7.032   -2.227  5.829   1.00 3.55 ? 294 LYS A HZ2  1 
ATOM 447  H HZ3  . LYS A 1 27 ? 6.588   -1.849  7.421   1.00 3.56 ? 294 LYS A HZ3  1 
ATOM 448  N N    . GLY A 1 28 ? 1.110   -5.053  8.744   1.00 0.58 ? 295 GLY A N    1 
ATOM 449  C CA   . GLY A 1 28 ? 1.331   -4.638  10.154  1.00 0.58 ? 295 GLY A CA   1 
ATOM 450  C C    . GLY A 1 28 ? 0.042   -4.060  10.724  1.00 0.50 ? 295 GLY A C    1 
ATOM 451  O O    . GLY A 1 28 ? -0.297  -4.280  11.870  1.00 0.56 ? 295 GLY A O    1 
ATOM 452  H H    . GLY A 1 28 ? 0.202   -5.190  8.409   1.00 0.95 ? 295 GLY A H    1 
ATOM 453  H HA2  . GLY A 1 28 ? 1.636   -5.491  10.741  1.00 0.64 ? 295 GLY A HA2  1 
ATOM 454  H HA3  . GLY A 1 28 ? 2.099   -3.879  10.188  1.00 0.63 ? 295 GLY A HA3  1 
ATOM 455  N N    . GLU A 1 29 ? -0.667  -3.298  9.943   1.00 0.44 ? 296 GLU A N    1 
ATOM 456  C CA   . GLU A 1 29 ? -1.918  -2.684  10.458  1.00 0.35 ? 296 GLU A CA   1 
ATOM 457  C C    . GLU A 1 29 ? -2.899  -2.458  9.334   1.00 0.26 ? 296 GLU A C    1 
ATOM 458  O O    . GLU A 1 29 ? -2.532  -1.960  8.289   1.00 0.37 ? 296 GLU A O    1 
ATOM 459  C CB   . GLU A 1 29 ? -1.589  -1.312  11.014  1.00 0.43 ? 296 GLU A CB   1 
ATOM 460  C CG   . GLU A 1 29 ? -2.876  -0.616  11.460  1.00 1.24 ? 296 GLU A CG   1 
ATOM 461  C CD   . GLU A 1 29 ? -2.599  0.220   12.710  1.00 1.76 ? 296 GLU A CD   1 
ATOM 462  O OE1  . GLU A 1 29 ? -2.543  -0.357  13.784  1.00 2.23 ? 296 GLU A OE1  1 
ATOM 463  O OE2  . GLU A 1 29 ? -2.447  1.423   12.574  1.00 2.31 ? 296 GLU A OE2  1 
ATOM 464  H H    . GLU A 1 29 ? -0.367  -3.114  9.024   1.00 0.49 ? 296 GLU A H    1 
ATOM 465  H HA   . GLU A 1 29 ? -2.360  -3.297  11.222  1.00 0.38 ? 296 GLU A HA   1 
ATOM 466  H HB2  . GLU A 1 29 ? -0.911  -1.403  11.847  1.00 0.86 ? 296 GLU A HB2  1 
ATOM 467  H HB3  . GLU A 1 29 ? -1.132  -0.732  10.226  1.00 0.93 ? 296 GLU A HB3  1 
ATOM 468  H HG2  . GLU A 1 29 ? -3.229  0.028   10.663  1.00 1.68 ? 296 GLU A HG2  1 
ATOM 469  H HG3  . GLU A 1 29 ? -3.629  -1.357  11.683  1.00 1.65 ? 296 GLU A HG3  1 
ATOM 470  N N    . LYS A 1 30 ? -4.152  -2.758  9.537   1.00 0.22 ? 297 LYS A N    1 
ATOM 471  C CA   . LYS A 1 30 ? -5.114  -2.474  8.475   1.00 0.34 ? 297 LYS A CA   1 
ATOM 472  C C    . LYS A 1 30 ? -4.862  -1.073  7.968   1.00 0.34 ? 297 LYS A C    1 
ATOM 473  O O    . LYS A 1 30 ? -4.563  -0.172  8.727   1.00 0.63 ? 297 LYS A O    1 
ATOM 474  C CB   . LYS A 1 30 ? -6.527  -2.520  8.998   1.00 0.55 ? 297 LYS A CB   1 
ATOM 475  C CG   . LYS A 1 30 ? -7.395  -2.804  7.801   1.00 0.58 ? 297 LYS A CG   1 
ATOM 476  C CD   . LYS A 1 30 ? -7.411  -4.316  7.621   1.00 1.42 ? 297 LYS A CD   1 
ATOM 477  C CE   . LYS A 1 30 ? -8.817  -4.857  7.887   1.00 2.25 ? 297 LYS A CE   1 
ATOM 478  N NZ   . LYS A 1 30 ? -8.875  -5.433  9.259   1.00 3.00 ? 297 LYS A NZ   1 
ATOM 479  H H    . LYS A 1 30 ? -4.457  -3.137  10.382  1.00 0.27 ? 297 LYS A H    1 
ATOM 480  H HA   . LYS A 1 30 ? -4.997  -3.184  7.679   1.00 0.41 ? 297 LYS A HA   1 
ATOM 481  H HB2  . LYS A 1 30 ? -6.627  -3.307  9.732   1.00 1.24 ? 297 LYS A HB2  1 
ATOM 482  H HB3  . LYS A 1 30 ? -6.798  -1.569  9.429   1.00 1.15 ? 297 LYS A HB3  1 
ATOM 483  H HG2  . LYS A 1 30 ? -8.394  -2.425  7.964   1.00 1.23 ? 297 LYS A HG2  1 
ATOM 484  H HG3  . LYS A 1 30 ? -6.946  -2.330  6.925   1.00 0.55 ? 297 LYS A HG3  1 
ATOM 485  H HD2  . LYS A 1 30 ? -7.109  -4.567  6.617   1.00 1.82 ? 297 LYS A HD2  1 
ATOM 486  H HD3  . LYS A 1 30 ? -6.714  -4.753  8.332   1.00 1.34 ? 297 LYS A HD3  1 
ATOM 487  H HE2  . LYS A 1 30 ? -9.532  -4.052  7.805   1.00 2.33 ? 297 LYS A HE2  1 
ATOM 488  H HE3  . LYS A 1 30 ? -9.050  -5.623  7.164   1.00 2.78 ? 297 LYS A HE3  1 
ATOM 489  H HZ1  . LYS A 1 30 ? -7.990  -5.224  9.762   1.00 3.12 ? 297 LYS A HZ1  1 
ATOM 490  H HZ2  . LYS A 1 30 ? -9.676  -5.017  9.776   1.00 3.60 ? 297 LYS A HZ2  1 
ATOM 491  H HZ3  . LYS A 1 30 ? -9.000  -6.463  9.198   1.00 3.33 ? 297 LYS A HZ3  1 
ATOM 492  N N    . ILE A 1 31 ? -4.970  -0.871  6.706   1.00 0.23 ? 298 ILE A N    1 
ATOM 493  C CA   . ILE A 1 31 ? -4.726  0.485   6.190   1.00 0.25 ? 298 ILE A CA   1 
ATOM 494  C C    . ILE A 1 31 ? -6.047  1.258   6.204   1.00 0.28 ? 298 ILE A C    1 
ATOM 495  O O    . ILE A 1 31 ? -6.090  2.449   6.435   1.00 0.35 ? 298 ILE A O    1 
ATOM 496  C CB   . ILE A 1 31 ? -4.180  0.420   4.761   1.00 0.26 ? 298 ILE A CB   1 
ATOM 497  C CG1  . ILE A 1 31 ? -3.710  -0.985  4.429   1.00 0.25 ? 298 ILE A CG1  1 
ATOM 498  C CG2  . ILE A 1 31 ? -2.977  1.325   4.653   1.00 0.30 ? 298 ILE A CG2  1 
ATOM 499  C CD1  . ILE A 1 31 ? -2.740  -0.927  3.263   1.00 0.32 ? 298 ILE A CD1  1 
ATOM 500  H H    . ILE A 1 31 ? -5.207  -1.604  6.104   1.00 0.41 ? 298 ILE A H    1 
ATOM 501  H HA   . ILE A 1 31 ? -4.002  0.966   6.834   1.00 0.26 ? 298 ILE A HA   1 
ATOM 502  H HB   . ILE A 1 31 ? -4.945  0.728   4.066   1.00 0.29 ? 298 ILE A HB   1 
ATOM 503  H HG12 . ILE A 1 31 ? -3.200  -1.393  5.287   1.00 0.22 ? 298 ILE A HG12 1 
ATOM 504  H HG13 . ILE A 1 31 ? -4.552  -1.596  4.159   1.00 0.25 ? 298 ILE A HG13 1 
ATOM 505  H HG21 . ILE A 1 31 ? -3.096  2.171   5.298   1.00 0.97 ? 298 ILE A HG21 1 
ATOM 506  H HG22 . ILE A 1 31 ? -2.100  0.762   4.952   1.00 0.99 ? 298 ILE A HG22 1 
ATOM 507  H HG23 . ILE A 1 31 ? -2.862  1.653   3.633   1.00 1.06 ? 298 ILE A HG23 1 
ATOM 508  H HD11 . ILE A 1 31 ? -3.129  -0.256  2.514   1.00 1.03 ? 298 ILE A HD11 1 
ATOM 509  H HD12 . ILE A 1 31 ? -1.787  -0.559  3.622   1.00 0.97 ? 298 ILE A HD12 1 
ATOM 510  H HD13 . ILE A 1 31 ? -2.622  -1.908  2.850   1.00 0.93 ? 298 ILE A HD13 1 
ATOM 511  N N    . GLY A 1 32 ? -7.127  0.573   5.944   1.00 0.31 ? 299 GLY A N    1 
ATOM 512  C CA   . GLY A 1 32 ? -8.461  1.226   5.922   1.00 0.38 ? 299 GLY A CA   1 
ATOM 513  C C    . GLY A 1 32 ? -9.200  0.715   4.693   1.00 0.46 ? 299 GLY A C    1 
ATOM 514  O O    . GLY A 1 32 ? -8.658  -0.051  3.927   1.00 1.15 ? 299 GLY A O    1 
ATOM 515  H H    . GLY A 1 32 ? -7.060  -0.381  5.749   1.00 0.35 ? 299 GLY A H    1 
ATOM 516  H HA2  . GLY A 1 32 ? -9.010  0.975   6.817   1.00 0.40 ? 299 GLY A HA2  1 
ATOM 517  H HA3  . GLY A 1 32 ? -8.344  2.295   5.851   1.00 0.40 ? 299 GLY A HA3  1 
ATOM 518  N N    . GLN A 1 33 ? -10.419 1.119   4.486   1.00 0.48 ? 300 GLN A N    1 
ATOM 519  C CA   . GLN A 1 33 ? -11.145 0.640   3.282   1.00 0.40 ? 300 GLN A CA   1 
ATOM 520  C C    . GLN A 1 33 ? -10.209 0.782   2.072   1.00 0.40 ? 300 GLN A C    1 
ATOM 521  O O    . GLN A 1 33 ? -9.133  1.330   2.180   1.00 0.49 ? 300 GLN A O    1 
ATOM 522  C CB   . GLN A 1 33 ? -12.402 1.485   3.093   1.00 0.42 ? 300 GLN A CB   1 
ATOM 523  C CG   . GLN A 1 33 ? -13.518 0.620   2.504   1.00 0.46 ? 300 GLN A CG   1 
ATOM 524  C CD   . GLN A 1 33 ? -14.719 1.501   2.155   1.00 1.01 ? 300 GLN A CD   1 
ATOM 525  O OE1  . GLN A 1 33 ? -15.159 2.297   2.961   1.00 1.94 ? 300 GLN A OE1  1 
ATOM 526  N NE2  . GLN A 1 33 ? -15.270 1.395   0.976   1.00 1.35 ? 300 GLN A NE2  1 
ATOM 527  H H    . GLN A 1 33 ? -10.852 1.733   5.111   1.00 1.03 ? 300 GLN A H    1 
ATOM 528  H HA   . GLN A 1 33 ? -11.417 -0.397  3.411   1.00 0.38 ? 300 GLN A HA   1 
ATOM 529  H HB2  . GLN A 1 33 ? -12.714 1.874   4.052   1.00 0.49 ? 300 GLN A HB2  1 
ATOM 530  H HB3  . GLN A 1 33 ? -12.190 2.302   2.426   1.00 0.42 ? 300 GLN A HB3  1 
ATOM 531  H HG2  . GLN A 1 33 ? -13.160 0.127   1.613   1.00 0.86 ? 300 GLN A HG2  1 
ATOM 532  H HG3  . GLN A 1 33 ? -13.818 -0.121  3.231   1.00 0.62 ? 300 GLN A HG3  1 
ATOM 533  H HE21 . GLN A 1 33 ? -14.915 0.754   0.326   1.00 1.77 ? 300 GLN A HE21 1 
ATOM 534  H HE22 . GLN A 1 33 ? -16.041 1.955   0.744   1.00 1.73 ? 300 GLN A HE22 1 
ATOM 535  N N    . GLY A 1 34 ? -10.582 0.282   0.930   1.00 0.40 ? 301 GLY A N    1 
ATOM 536  C CA   . GLY A 1 34 ? -9.680  0.381   -0.247  1.00 0.47 ? 301 GLY A CA   1 
ATOM 537  C C    . GLY A 1 34 ? -9.729  1.773   -0.834  1.00 0.60 ? 301 GLY A C    1 
ATOM 538  O O    . GLY A 1 34 ? -8.779  2.262   -1.410  1.00 1.33 ? 301 GLY A O    1 
ATOM 539  H H    . GLY A 1 34 ? -11.442 -0.168  0.845   1.00 0.44 ? 301 GLY A H    1 
ATOM 540  H HA2  . GLY A 1 34 ? -8.669  0.137   0.049   1.00 0.44 ? 301 GLY A HA2  1 
ATOM 541  H HA3  . GLY A 1 34 ? -10.017 -0.308  -0.997  1.00 0.52 ? 301 GLY A HA3  1 
ATOM 542  N N    . LYS A 1 35 ? -10.849 2.391   -0.729  1.00 0.61 ? 302 LYS A N    1 
ATOM 543  C CA   . LYS A 1 35 ? -11.001 3.744   -1.315  1.00 0.66 ? 302 LYS A CA   1 
ATOM 544  C C    . LYS A 1 35 ? -11.381 4.734   -0.223  1.00 0.78 ? 302 LYS A C    1 
ATOM 545  O O    . LYS A 1 35 ? -11.152 5.921   -0.338  1.00 1.64 ? 302 LYS A O    1 
ATOM 546  C CB   . LYS A 1 35 ? -12.088 3.711   -2.400  1.00 0.67 ? 302 LYS A CB   1 
ATOM 547  C CG   . LYS A 1 35 ? -13.066 2.546   -2.147  1.00 0.69 ? 302 LYS A CG   1 
ATOM 548  C CD   . LYS A 1 35 ? -13.800 2.205   -3.447  1.00 1.14 ? 302 LYS A CD   1 
ATOM 549  C CE   . LYS A 1 35 ? -13.376 0.812   -3.921  1.00 1.54 ? 302 LYS A CE   1 
ATOM 550  N NZ   . LYS A 1 35 ? -14.188 0.418   -5.107  1.00 2.12 ? 302 LYS A NZ   1 
ATOM 551  H H    . LYS A 1 35 ? -11.605 1.948   -0.287  1.00 1.14 ? 302 LYS A H    1 
ATOM 552  H HA   . LYS A 1 35 ? -10.061 4.046   -1.750  1.00 0.67 ? 302 LYS A HA   1 
ATOM 553  H HB2  . LYS A 1 35 ? -12.634 4.644   -2.386  1.00 0.84 ? 302 LYS A HB2  1 
ATOM 554  H HB3  . LYS A 1 35 ? -11.624 3.583   -3.366  1.00 0.75 ? 302 LYS A HB3  1 
ATOM 555  H HG2  . LYS A 1 35 ? -12.524 1.671   -1.804  1.00 1.04 ? 302 LYS A HG2  1 
ATOM 556  H HG3  . LYS A 1 35 ? -13.787 2.836   -1.397  1.00 1.04 ? 302 LYS A HG3  1 
ATOM 557  H HD2  . LYS A 1 35 ? -14.866 2.219   -3.273  1.00 1.89 ? 302 LYS A HD2  1 
ATOM 558  H HD3  . LYS A 1 35 ? -13.548 2.932   -4.204  1.00 1.64 ? 302 LYS A HD3  1 
ATOM 559  H HE2  . LYS A 1 35 ? -12.330 0.827   -4.190  1.00 2.04 ? 302 LYS A HE2  1 
ATOM 560  H HE3  . LYS A 1 35 ? -13.531 0.099   -3.125  1.00 2.02 ? 302 LYS A HE3  1 
ATOM 561  H HZ1  . LYS A 1 35 ? -14.179 1.188   -5.804  1.00 2.41 ? 302 LYS A HZ1  1 
ATOM 562  H HZ2  . LYS A 1 35 ? -13.784 -0.442  -5.532  1.00 2.65 ? 302 LYS A HZ2  1 
ATOM 563  H HZ3  . LYS A 1 35 ? -15.167 0.232   -4.811  1.00 2.46 ? 302 LYS A HZ3  1 
ATOM 564  N N    . ALA A 1 36 ? -11.952 4.256   0.839   1.00 0.78 ? 303 ALA A N    1 
ATOM 565  C CA   . ALA A 1 36 ? -12.334 5.171   1.941   1.00 0.83 ? 303 ALA A CA   1 
ATOM 566  C C    . ALA A 1 36 ? -11.131 5.374   2.864   1.00 0.64 ? 303 ALA A C    1 
ATOM 567  O O    . ALA A 1 36 ? -11.016 6.386   3.525   1.00 0.77 ? 303 ALA A O    1 
ATOM 568  C CB   . ALA A 1 36 ? -13.492 4.563   2.735   1.00 0.96 ? 303 ALA A CB   1 
ATOM 569  H H    . ALA A 1 36 ? -12.122 3.296   0.913   1.00 1.40 ? 303 ALA A H    1 
ATOM 570  H HA   . ALA A 1 36 ? -12.637 6.121   1.530   1.00 0.98 ? 303 ALA A HA   1 
ATOM 571  H HB1  . ALA A 1 36 ? -14.247 4.203   2.051   1.00 1.48 ? 303 ALA A HB1  1 
ATOM 572  H HB2  . ALA A 1 36 ? -13.128 3.743   3.335   1.00 1.49 ? 303 ALA A HB2  1 
ATOM 573  H HB3  . ALA A 1 36 ? -13.920 5.317   3.379   1.00 1.22 ? 303 ALA A HB3  1 
ATOM 574  N N    . ASN A 1 37 ? -10.236 4.418   2.927   1.00 0.41 ? 304 ASN A N    1 
ATOM 575  C CA   . ASN A 1 37 ? -9.064  4.575   3.827   1.00 0.27 ? 304 ASN A CA   1 
ATOM 576  C C    . ASN A 1 37 ? -7.946  3.615   3.430   1.00 0.24 ? 304 ASN A C    1 
ATOM 577  O O    . ASN A 1 37 ? -7.209  3.146   4.274   1.00 0.24 ? 304 ASN A O    1 
ATOM 578  C CB   . ASN A 1 37 ? -9.502  4.239   5.245   1.00 0.31 ? 304 ASN A CB   1 
ATOM 579  C CG   . ASN A 1 37 ? -10.391 5.356   5.795   1.00 0.48 ? 304 ASN A CG   1 
ATOM 580  O OD1  . ASN A 1 37 ? -9.910  6.283   6.416   1.00 1.27 ? 304 ASN A OD1  1 
ATOM 581  N ND2  . ASN A 1 37 ? -11.680 5.305   5.594   1.00 1.17 ? 304 ASN A ND2  1 
ATOM 582  H H    . ASN A 1 37 ? -10.341 3.598   2.401   1.00 0.41 ? 304 ASN A H    1 
ATOM 583  H HA   . ASN A 1 37 ? -8.701  5.590   3.791   1.00 0.29 ? 304 ASN A HA   1 
ATOM 584  H HB2  . ASN A 1 37 ? -10.055 3.311   5.225   1.00 0.36 ? 304 ASN A HB2  1 
ATOM 585  H HB3  . ASN A 1 37 ? -8.631  4.128   5.871   1.00 0.28 ? 304 ASN A HB3  1 
ATOM 586  H HD21 . ASN A 1 37 ? -12.070 4.558   5.094   1.00 1.95 ? 304 ASN A HD21 1 
ATOM 587  H HD22 . ASN A 1 37 ? -12.259 6.015   5.943   1.00 1.21 ? 304 ASN A HD22 1 
ATOM 588  N N    . ALA A 1 38 ? -7.787  3.308   2.172   1.00 0.25 ? 305 ALA A N    1 
ATOM 589  C CA   . ALA A 1 38 ? -6.687  2.376   1.814   1.00 0.26 ? 305 ALA A CA   1 
ATOM 590  C C    . ALA A 1 38 ? -5.366  3.023   2.203   1.00 0.28 ? 305 ALA A C    1 
ATOM 591  O O    . ALA A 1 38 ? -4.657  2.540   3.062   1.00 0.29 ? 305 ALA A O    1 
ATOM 592  C CB   . ALA A 1 38 ? -6.685  2.093   0.318   1.00 0.30 ? 305 ALA A CB   1 
ATOM 593  H H    . ALA A 1 38 ? -8.375  3.685   1.476   1.00 0.28 ? 305 ALA A H    1 
ATOM 594  H HA   . ALA A 1 38 ? -6.808  1.450   2.359   1.00 0.26 ? 305 ALA A HA   1 
ATOM 595  H HB1  . ALA A 1 38 ? -7.236  2.865   -0.194  1.00 1.05 ? 305 ALA A HB1  1 
ATOM 596  H HB2  . ALA A 1 38 ? -5.667  2.079   -0.040  1.00 0.95 ? 305 ALA A HB2  1 
ATOM 597  H HB3  . ALA A 1 38 ? -7.142  1.133   0.135   1.00 1.12 ? 305 ALA A HB3  1 
ATOM 598  N N    . THR A 1 39 ? -5.024  4.113   1.579   1.00 0.31 ? 306 THR A N    1 
ATOM 599  C CA   . THR A 1 39 ? -3.745  4.769   1.924   1.00 0.35 ? 306 THR A CA   1 
ATOM 600  C C    . THR A 1 39 ? -3.938  5.808   3.027   1.00 0.31 ? 306 THR A C    1 
ATOM 601  O O    . THR A 1 39 ? -3.053  6.586   3.290   1.00 0.33 ? 306 THR A O    1 
ATOM 602  C CB   . THR A 1 39 ? -3.146  5.458   0.706   1.00 0.46 ? 306 THR A CB   1 
ATOM 603  O OG1  . THR A 1 39 ? -2.138  6.349   1.162   1.00 0.65 ? 306 THR A OG1  1 
ATOM 604  C CG2  . THR A 1 39 ? -4.236  6.231   -0.050  1.00 0.47 ? 306 THR A CG2  1 
ATOM 605  H H    . THR A 1 39 ? -5.603  4.490   0.887   1.00 0.33 ? 306 THR A H    1 
ATOM 606  H HA   . THR A 1 39 ? -3.052  4.017   2.272   1.00 0.36 ? 306 THR A HA   1 
ATOM 607  H HB   . THR A 1 39 ? -2.709  4.721   0.054   1.00 0.53 ? 306 THR A HB   1 
ATOM 608  H HG1  . THR A 1 39 ? -2.531  7.222   1.245   1.00 0.81 ? 306 THR A HG1  1 
ATOM 609  H HG21 . THR A 1 39 ? -4.774  6.864   0.638   1.00 1.10 ? 306 THR A HG21 1 
ATOM 610  H HG22 . THR A 1 39 ? -3.784  6.842   -0.823  1.00 1.06 ? 306 THR A HG22 1 
ATOM 611  H HG23 . THR A 1 39 ? -4.920  5.532   -0.508  1.00 1.20 ? 306 THR A HG23 1 
ATOM 612  N N    . ALA A 1 40 ? -5.058  5.838   3.695   1.00 0.27 ? 307 ALA A N    1 
ATOM 613  C CA   . ALA A 1 40 ? -5.197  6.843   4.786   1.00 0.26 ? 307 ALA A CA   1 
ATOM 614  C C    . ALA A 1 40 ? -4.267  6.405   5.906   1.00 0.21 ? 307 ALA A C    1 
ATOM 615  O O    . ALA A 1 40 ? -3.524  7.188   6.463   1.00 0.21 ? 307 ALA A O    1 
ATOM 616  C CB   . ALA A 1 40 ? -6.628  6.902   5.286   1.00 0.27 ? 307 ALA A CB   1 
ATOM 617  H H    . ALA A 1 40 ? -5.778  5.203   3.499   1.00 0.27 ? 307 ALA A H    1 
ATOM 618  H HA   . ALA A 1 40 ? -4.892  7.816   4.422   1.00 0.30 ? 307 ALA A HA   1 
ATOM 619  H HB1  . ALA A 1 40 ? -7.123  5.969   5.074   1.00 0.96 ? 307 ALA A HB1  1 
ATOM 620  H HB2  . ALA A 1 40 ? -6.623  7.082   6.349   1.00 1.02 ? 307 ALA A HB2  1 
ATOM 621  H HB3  . ALA A 1 40 ? -7.142  7.709   4.786   1.00 1.08 ? 307 ALA A HB3  1 
ATOM 622  N N    . TRP A 1 41 ? -4.246  5.131   6.177   1.00 0.17 ? 308 TRP A N    1 
ATOM 623  C CA   . TRP A 1 41 ? -3.304  4.596   7.183   1.00 0.14 ? 308 TRP A CA   1 
ATOM 624  C C    . TRP A 1 41 ? -1.932  4.682   6.553   1.00 0.16 ? 308 TRP A C    1 
ATOM 625  O O    . TRP A 1 41 ? -0.922  4.712   7.223   1.00 0.16 ? 308 TRP A O    1 
ATOM 626  C CB   . TRP A 1 41 ? -3.701  3.165   7.472   1.00 0.15 ? 308 TRP A CB   1 
ATOM 627  C CG   . TRP A 1 41 ? -2.554  2.420   8.034   1.00 0.12 ? 308 TRP A CG   1 
ATOM 628  C CD1  . TRP A 1 41 ? -2.480  1.976   9.300   1.00 0.13 ? 308 TRP A CD1  1 
ATOM 629  C CD2  . TRP A 1 41 ? -1.321  2.016   7.379   1.00 0.15 ? 308 TRP A CD2  1 
ATOM 630  N NE1  . TRP A 1 41 ? -1.289  1.317   9.462   1.00 0.15 ? 308 TRP A NE1  1 
ATOM 631  C CE2  . TRP A 1 41 ? -0.547  1.298   8.300   1.00 0.17 ? 308 TRP A CE2  1 
ATOM 632  C CE3  . TRP A 1 41 ? -0.808  2.189   6.085   1.00 0.21 ? 308 TRP A CE3  1 
ATOM 633  C CZ2  . TRP A 1 41 ? 0.685   0.762   7.945   1.00 0.23 ? 308 TRP A CZ2  1 
ATOM 634  C CZ3  . TRP A 1 41 ? 0.427   1.659   5.733   1.00 0.26 ? 308 TRP A CZ3  1 
ATOM 635  C CH2  . TRP A 1 41 ? 1.170   0.940   6.654   1.00 0.27 ? 308 TRP A CH2  1 
ATOM 636  H H    . TRP A 1 41 ? -4.810  4.505   5.661   1.00 0.18 ? 308 TRP A H    1 
ATOM 637  H HA   . TRP A 1 41 ? -3.304  5.169   8.086   1.00 0.12 ? 308 TRP A HA   1 
ATOM 638  H HB2  . TRP A 1 41 ? -4.514  3.157   8.182   1.00 0.17 ? 308 TRP A HB2  1 
ATOM 639  H HB3  . TRP A 1 41 ? -4.024  2.696   6.557   1.00 0.20 ? 308 TRP A HB3  1 
ATOM 640  H HD1  . TRP A 1 41 ? -3.231  2.122   10.063  1.00 0.15 ? 308 TRP A HD1  1 
ATOM 641  H HE1  . TRP A 1 41 ? -0.992  0.908   10.285  1.00 0.18 ? 308 TRP A HE1  1 
ATOM 642  H HE3  . TRP A 1 41 ? -1.365  2.748   5.358   1.00 0.22 ? 308 TRP A HE3  1 
ATOM 643  H HZ2  . TRP A 1 41 ? 1.241   0.188   8.648   1.00 0.26 ? 308 TRP A HZ2  1 
ATOM 644  H HZ3  . TRP A 1 41 ? 0.799   1.793   4.740   1.00 0.32 ? 308 TRP A HZ3  1 
ATOM 645  H HH2  . TRP A 1 41 ? 2.123   0.537   6.372   1.00 0.33 ? 308 TRP A HH2  1 
ATOM 646  N N    . LEU A 1 42 ? -1.908  4.769   5.253   1.00 0.20 ? 309 LEU A N    1 
ATOM 647  C CA   . LEU A 1 42 ? -0.631  4.912   4.531   1.00 0.24 ? 309 LEU A CA   1 
ATOM 648  C C    . LEU A 1 42 ? -0.352  6.413   4.423   1.00 0.25 ? 309 LEU A C    1 
ATOM 649  O O    . LEU A 1 42 ? 0.728   6.841   4.075   1.00 0.29 ? 309 LEU A O    1 
ATOM 650  C CB   . LEU A 1 42 ? -0.784  4.262   3.149   1.00 0.32 ? 309 LEU A CB   1 
ATOM 651  C CG   . LEU A 1 42 ? 0.572   4.110   2.432   1.00 0.56 ? 309 LEU A CG   1 
ATOM 652  C CD1  . LEU A 1 42 ? 1.728   4.018   3.433   1.00 0.98 ? 309 LEU A CD1  1 
ATOM 653  C CD2  . LEU A 1 42 ? 0.543   2.831   1.592   1.00 1.20 ? 309 LEU A CD2  1 
ATOM 654  H H    . LEU A 1 42 ? -2.750  4.775   4.748   1.00 0.23 ? 309 LEU A H    1 
ATOM 655  H HA   . LEU A 1 42 ? 0.156   4.437   5.084   1.00 0.24 ? 309 LEU A HA   1 
ATOM 656  H HB2  . LEU A 1 42 ? -1.233  3.281   3.269   1.00 0.44 ? 309 LEU A HB2  1 
ATOM 657  H HB3  . LEU A 1 42 ? -1.435  4.875   2.545   1.00 0.35 ? 309 LEU A HB3  1 
ATOM 658  H HG   . LEU A 1 42 ? 0.728   4.958   1.782   1.00 1.23 ? 309 LEU A HG   1 
ATOM 659  H HD11 . LEU A 1 42 ? 1.426   3.433   4.287   1.00 1.31 ? 309 LEU A HD11 1 
ATOM 660  H HD12 . LEU A 1 42 ? 2.573   3.545   2.957   1.00 1.70 ? 309 LEU A HD12 1 
ATOM 661  H HD13 . LEU A 1 42 ? 2.007   5.011   3.757   1.00 1.56 ? 309 LEU A HD13 1 
ATOM 662  H HD21 . LEU A 1 42 ? 0.365   1.982   2.235   1.00 1.56 ? 309 LEU A HD21 1 
ATOM 663  H HD22 . LEU A 1 42 ? -0.248  2.897   0.858   1.00 1.72 ? 309 LEU A HD22 1 
ATOM 664  H HD23 . LEU A 1 42 ? 1.490   2.708   1.089   1.00 1.90 ? 309 LEU A HD23 1 
ATOM 665  N N    . LYS A 1 43 ? -1.342  7.210   4.754   1.00 0.24 ? 310 LYS A N    1 
ATOM 666  C CA   . LYS A 1 43 ? -1.194  8.683   4.716   1.00 0.27 ? 310 LYS A CA   1 
ATOM 667  C C    . LYS A 1 43 ? -0.315  9.110   5.890   1.00 0.24 ? 310 LYS A C    1 
ATOM 668  O O    . LYS A 1 43 ? 0.573   9.929   5.757   1.00 0.27 ? 310 LYS A O    1 
ATOM 669  C CB   . LYS A 1 43 ? -2.571  9.338   4.851   1.00 0.34 ? 310 LYS A CB   1 
ATOM 670  C CG   . LYS A 1 43 ? -2.499  10.779  4.341   1.00 0.60 ? 310 LYS A CG   1 
ATOM 671  C CD   . LYS A 1 43 ? -3.900  11.394  4.345   1.00 1.23 ? 310 LYS A CD   1 
ATOM 672  C CE   . LYS A 1 43 ? -4.035  12.366  3.170   1.00 1.92 ? 310 LYS A CE   1 
ATOM 673  N NZ   . LYS A 1 43 ? -3.690  13.744  3.622   1.00 2.60 ? 310 LYS A NZ   1 
ATOM 674  H H    . LYS A 1 43 ? -2.190  6.829   5.044   1.00 0.23 ? 310 LYS A H    1 
ATOM 675  H HA   . LYS A 1 43 ? -0.750  8.976   3.787   1.00 0.30 ? 310 LYS A HA   1 
ATOM 676  H HB2  . LYS A 1 43 ? -3.292  8.784   4.270   1.00 0.53 ? 310 LYS A HB2  1 
ATOM 677  H HB3  . LYS A 1 43 ? -2.869  9.341   5.889   1.00 0.51 ? 310 LYS A HB3  1 
ATOM 678  H HG2  . LYS A 1 43 ? -1.850  11.356  4.982   1.00 1.24 ? 310 LYS A HG2  1 
ATOM 679  H HG3  . LYS A 1 43 ? -2.109  10.785  3.334   1.00 1.18 ? 310 LYS A HG3  1 
ATOM 680  H HD2  . LYS A 1 43 ? -4.637  10.610  4.250   1.00 1.77 ? 310 LYS A HD2  1 
ATOM 681  H HD3  . LYS A 1 43 ? -4.056  11.927  5.270   1.00 1.72 ? 310 LYS A HD3  1 
ATOM 682  H HE2  . LYS A 1 43 ? -3.364  12.070  2.378   1.00 2.08 ? 310 LYS A HE2  1 
ATOM 683  H HE3  . LYS A 1 43 ? -5.051  12.351  2.806   1.00 2.61 ? 310 LYS A HE3  1 
ATOM 684  H HZ1  . LYS A 1 43 ? -4.088  13.910  4.569   1.00 2.75 ? 310 LYS A HZ1  1 
ATOM 685  H HZ2  . LYS A 1 43 ? -2.655  13.849  3.658   1.00 3.03 ? 310 LYS A HZ2  1 
ATOM 686  H HZ3  . LYS A 1 43 ? -4.086  14.437  2.957   1.00 3.16 ? 310 LYS A HZ3  1 
ATOM 687  N N    . ASP A 1 44 ? -0.560  8.546   7.043   1.00 0.25 ? 311 ASP A N    1 
ATOM 688  C CA   . ASP A 1 44 ? 0.250   8.895   8.241   1.00 0.28 ? 311 ASP A CA   1 
ATOM 689  C C    . ASP A 1 44 ? 1.283   7.794   8.488   1.00 0.24 ? 311 ASP A C    1 
ATOM 690  O O    . ASP A 1 44 ? 1.778   7.627   9.584   1.00 0.29 ? 311 ASP A O    1 
ATOM 691  C CB   . ASP A 1 44 ? -0.665  9.018   9.461   1.00 0.36 ? 311 ASP A CB   1 
ATOM 692  C CG   . ASP A 1 44 ? -0.501  10.406  10.083  1.00 1.36 ? 311 ASP A CG   1 
ATOM 693  O OD1  . ASP A 1 44 ? -1.191  11.313  9.650   1.00 2.06 ? 311 ASP A OD1  1 
ATOM 694  O OD2  . ASP A 1 44 ? 0.314   10.539  10.982  1.00 2.13 ? 311 ASP A OD2  1 
ATOM 695  H H    . ASP A 1 44 ? -1.280  7.884   7.119   1.00 0.29 ? 311 ASP A H    1 
ATOM 696  H HA   . ASP A 1 44 ? 0.757   9.833   8.074   1.00 0.31 ? 311 ASP A HA   1 
ATOM 697  H HB2  . ASP A 1 44 ? -1.691  8.879   9.157   1.00 1.13 ? 311 ASP A HB2  1 
ATOM 698  H HB3  . ASP A 1 44 ? -0.399  8.267   10.189  1.00 1.00 ? 311 ASP A HB3  1 
ATOM 699  N N    . ASN A 1 45 ? 1.609   7.040   7.474   1.00 0.20 ? 312 ASN A N    1 
ATOM 700  C CA   . ASN A 1 45 ? 2.610   5.943   7.642   1.00 0.22 ? 312 ASN A CA   1 
ATOM 701  C C    . ASN A 1 45 ? 3.947   6.311   6.994   1.00 0.26 ? 312 ASN A C    1 
ATOM 702  O O    . ASN A 1 45 ? 4.390   5.610   6.117   1.00 0.29 ? 312 ASN A O    1 
ATOM 703  C CB   . ASN A 1 45 ? 2.088   4.677   6.951   1.00 0.24 ? 312 ASN A CB   1 
ATOM 704  C CG   . ASN A 1 45 ? 2.257   3.478   7.882   1.00 0.42 ? 312 ASN A CG   1 
ATOM 705  O OD1  . ASN A 1 45 ? 1.477   3.285   8.793   1.00 1.36 ? 312 ASN A OD1  1 
ATOM 706  N ND2  . ASN A 1 45 ? 3.251   2.655   7.690   1.00 0.98 ? 312 ASN A ND2  1 
ATOM 707  H H    . ASN A 1 45 ? 1.186   7.188   6.601   1.00 0.19 ? 312 ASN A H    1 
ATOM 708  H HA   . ASN A 1 45 ? 2.762   5.742   8.693   1.00 0.26 ? 312 ASN A HA   1 
ATOM 709  H HB2  . ASN A 1 45 ? 1.046   4.805   6.711   1.00 0.25 ? 312 ASN A HB2  1 
ATOM 710  H HB3  . ASN A 1 45 ? 2.649   4.504   6.033   1.00 0.32 ? 312 ASN A HB3  1 
ATOM 711  H HD21 . ASN A 1 45 ? 3.879   2.813   6.955   1.00 1.79 ? 312 ASN A HD21 1 
ATOM 712  H HD22 . ASN A 1 45 ? 3.369   1.882   8.280   1.00 0.96 ? 312 ASN A HD22 1 
ATOM 713  N N    . PRO A 1 46 ? 4.582   7.366   7.441   1.00 0.30 ? 313 PRO A N    1 
ATOM 714  C CA   . PRO A 1 46 ? 5.881   7.765   6.880   1.00 0.36 ? 313 PRO A CA   1 
ATOM 715  C C    . PRO A 1 46 ? 6.933   6.731   7.257   1.00 0.39 ? 313 PRO A C    1 
ATOM 716  O O    . PRO A 1 46 ? 7.998   6.655   6.678   1.00 0.44 ? 313 PRO A O    1 
ATOM 717  C CB   . PRO A 1 46 ? 6.158   9.129   7.520   1.00 0.42 ? 313 PRO A CB   1 
ATOM 718  C CG   . PRO A 1 46 ? 5.290   9.179   8.797   1.00 0.42 ? 313 PRO A CG   1 
ATOM 719  C CD   . PRO A 1 46 ? 4.103   8.232   8.538   1.00 0.34 ? 313 PRO A CD   1 
ATOM 720  H HA   . PRO A 1 46 ? 5.811   7.855   5.816   1.00 0.35 ? 313 PRO A HA   1 
ATOM 721  H HB2  . PRO A 1 46 ? 7.206   9.214   7.773   1.00 0.47 ? 313 PRO A HB2  1 
ATOM 722  H HB3  . PRO A 1 46 ? 5.867   9.923   6.850   1.00 0.43 ? 313 PRO A HB3  1 
ATOM 723  H HG2  . PRO A 1 46 ? 5.864   8.840   9.648   1.00 0.45 ? 313 PRO A HG2  1 
ATOM 724  H HG3  . PRO A 1 46 ? 4.929   10.182  8.964   1.00 0.45 ? 313 PRO A HG3  1 
ATOM 725  H HD2  . PRO A 1 46 ? 3.876   7.652   9.421   1.00 0.35 ? 313 PRO A HD2  1 
ATOM 726  H HD3  . PRO A 1 46 ? 3.249   8.799   8.216   1.00 0.34 ? 313 PRO A HD3  1 
ATOM 727  N N    . GLU A 1 47 ? 6.619   5.923   8.220   1.00 0.41 ? 314 GLU A N    1 
ATOM 728  C CA   . GLU A 1 47 ? 7.554   4.863   8.662   1.00 0.48 ? 314 GLU A CA   1 
ATOM 729  C C    . GLU A 1 47 ? 7.644   3.775   7.586   1.00 0.48 ? 314 GLU A C    1 
ATOM 730  O O    . GLU A 1 47 ? 8.715   3.339   7.215   1.00 0.56 ? 314 GLU A O    1 
ATOM 731  C CB   . GLU A 1 47 ? 7.007   4.259   9.948   1.00 0.52 ? 314 GLU A CB   1 
ATOM 732  C CG   . GLU A 1 47 ? 5.577   3.768   9.714   1.00 1.05 ? 314 GLU A CG   1 
ATOM 733  C CD   . GLU A 1 47 ? 4.816   3.764   11.041  1.00 1.57 ? 314 GLU A CD   1 
ATOM 734  O OE1  . GLU A 1 47 ? 5.229   4.477   11.940  1.00 2.23 ? 314 GLU A OE1  1 
ATOM 735  O OE2  . GLU A 1 47 ? 3.834   3.047   11.136  1.00 1.98 ? 314 GLU A OE2  1 
ATOM 736  H H    . GLU A 1 47 ? 5.749   6.012   8.656   1.00 0.40 ? 314 GLU A H    1 
ATOM 737  H HA   . GLU A 1 47 ? 8.531   5.286   8.842   1.00 0.54 ? 314 GLU A HA   1 
ATOM 738  H HB2  . GLU A 1 47 ? 7.628   3.432   10.247  1.00 0.75 ? 314 GLU A HB2  1 
ATOM 739  H HB3  . GLU A 1 47 ? 7.001   5.011   10.719  1.00 0.97 ? 314 GLU A HB3  1 
ATOM 740  H HG2  . GLU A 1 47 ? 5.079   4.424   9.012   1.00 1.49 ? 314 GLU A HG2  1 
ATOM 741  H HG3  . GLU A 1 47 ? 5.602   2.766   9.313   1.00 1.38 ? 314 GLU A HG3  1 
ATOM 742  N N    . THR A 1 48 ? 6.520   3.333   7.092   1.00 0.42 ? 315 THR A N    1 
ATOM 743  C CA   . THR A 1 48 ? 6.519   2.268   6.047   1.00 0.48 ? 315 THR A CA   1 
ATOM 744  C C    . THR A 1 48 ? 6.187   2.900   4.683   1.00 0.43 ? 315 THR A C    1 
ATOM 745  O O    . THR A 1 48 ? 6.537   2.387   3.645   1.00 0.44 ? 315 THR A O    1 
ATOM 746  C CB   . THR A 1 48 ? 5.500   1.186   6.459   1.00 0.58 ? 315 THR A CB   1 
ATOM 747  O OG1  . THR A 1 48 ? 6.176   -0.053  6.593   1.00 0.94 ? 315 THR A OG1  1 
ATOM 748  C CG2  . THR A 1 48 ? 4.380   1.036   5.428   1.00 0.68 ? 315 THR A CG2  1 
ATOM 749  H H    . THR A 1 48 ? 5.673   3.697   7.412   1.00 0.37 ? 315 THR A H    1 
ATOM 750  H HA   . THR A 1 48 ? 7.504   1.824   5.997   1.00 0.56 ? 315 THR A HA   1 
ATOM 751  H HB   . THR A 1 48 ? 5.066   1.454   7.411   1.00 0.80 ? 315 THR A HB   1 
ATOM 752  H HG1  . THR A 1 48 ? 7.039   0.119   6.980   1.00 1.39 ? 315 THR A HG1  1 
ATOM 753  H HG21 . THR A 1 48 ? 3.893   1.988   5.270   1.00 1.18 ? 315 THR A HG21 1 
ATOM 754  H HG22 . THR A 1 48 ? 4.796   0.682   4.502   1.00 1.14 ? 315 THR A HG22 1 
ATOM 755  H HG23 . THR A 1 48 ? 3.661   0.321   5.790   1.00 1.27 ? 315 THR A HG23 1 
ATOM 756  N N    . ALA A 1 49 ? 5.504   4.009   4.701   1.00 0.44 ? 316 ALA A N    1 
ATOM 757  C CA   . ALA A 1 49 ? 5.125   4.730   3.446   1.00 0.47 ? 316 ALA A CA   1 
ATOM 758  C C    . ALA A 1 49 ? 6.220   4.651   2.383   1.00 0.48 ? 316 ALA A C    1 
ATOM 759  O O    . ALA A 1 49 ? 5.954   4.802   1.207   1.00 0.55 ? 316 ALA A O    1 
ATOM 760  C CB   . ALA A 1 49 ? 4.864   6.201   3.754   1.00 0.56 ? 316 ALA A CB   1 
ATOM 761  H H    . ALA A 1 49 ? 5.221   4.366   5.551   1.00 0.47 ? 316 ALA A H    1 
ATOM 762  H HA   . ALA A 1 49 ? 4.234   4.289   3.059   1.00 0.51 ? 316 ALA A HA   1 
ATOM 763  H HB1  . ALA A 1 49 ? 5.493   6.512   4.575   1.00 1.00 ? 316 ALA A HB1  1 
ATOM 764  H HB2  . ALA A 1 49 ? 5.090   6.797   2.883   1.00 1.21 ? 316 ALA A HB2  1 
ATOM 765  H HB3  . ALA A 1 49 ? 3.827   6.334   4.024   1.00 1.23 ? 316 ALA A HB3  1 
ATOM 766  N N    . LYS A 1 50 ? 7.437   4.425   2.751   1.00 0.48 ? 317 LYS A N    1 
ATOM 767  C CA   . LYS A 1 50 ? 8.484   4.322   1.725   1.00 0.56 ? 317 LYS A CA   1 
ATOM 768  C C    . LYS A 1 50 ? 8.587   2.853   1.340   1.00 0.50 ? 317 LYS A C    1 
ATOM 769  O O    . LYS A 1 50 ? 8.778   2.500   0.193   1.00 0.55 ? 317 LYS A O    1 
ATOM 770  C CB   . LYS A 1 50 ? 9.807   4.783   2.309   1.00 0.66 ? 317 LYS A CB   1 
ATOM 771  C CG   . LYS A 1 50 ? 9.572   5.751   3.467   1.00 1.07 ? 317 LYS A CG   1 
ATOM 772  C CD   . LYS A 1 50 ? 9.673   4.976   4.782   1.00 0.84 ? 317 LYS A CD   1 
ATOM 773  C CE   . LYS A 1 50 ? 10.923  5.422   5.543   1.00 0.97 ? 317 LYS A CE   1 
ATOM 774  N NZ   . LYS A 1 50 ? 11.475  4.272   6.315   1.00 1.62 ? 317 LYS A NZ   1 
ATOM 775  H H    . LYS A 1 50 ? 7.669   4.309   3.691   1.00 0.48 ? 317 LYS A H    1 
ATOM 776  H HA   . LYS A 1 50 ? 8.220   4.911   0.859   1.00 0.63 ? 317 LYS A HA   1 
ATOM 777  H HB2  . LYS A 1 50 ? 10.328  3.921   2.680   1.00 0.86 ? 317 LYS A HB2  1 
ATOM 778  H HB3  . LYS A 1 50 ? 10.389  5.266   1.546   1.00 1.16 ? 317 LYS A HB3  1 
ATOM 779  H HG2  . LYS A 1 50 ? 10.320  6.530   3.445   1.00 1.59 ? 317 LYS A HG2  1 
ATOM 780  H HG3  . LYS A 1 50 ? 8.589   6.188   3.382   1.00 1.66 ? 317 LYS A HG3  1 
ATOM 781  H HD2  . LYS A 1 50 ? 8.795   5.168   5.382   1.00 1.01 ? 317 LYS A HD2  1 
ATOM 782  H HD3  . LYS A 1 50 ? 9.741   3.916   4.569   1.00 0.89 ? 317 LYS A HD3  1 
ATOM 783  H HE2  . LYS A 1 50 ? 11.666  5.773   4.841   1.00 1.61 ? 317 LYS A HE2  1 
ATOM 784  H HE3  . LYS A 1 50 ? 10.664  6.221   6.222   1.00 1.26 ? 317 LYS A HE3  1 
ATOM 785  H HZ1  . LYS A 1 50 ? 10.778  3.501   6.334   1.00 2.08 ? 317 LYS A HZ1  1 
ATOM 786  H HZ2  . LYS A 1 50 ? 12.348  3.937   5.863   1.00 2.10 ? 317 LYS A HZ2  1 
ATOM 787  H HZ3  . LYS A 1 50 ? 11.682  4.577   7.288   1.00 2.12 ? 317 LYS A HZ3  1 
ATOM 788  N N    . GLU A 1 51 ? 8.438   1.997   2.311   1.00 0.44 ? 318 GLU A N    1 
ATOM 789  C CA   . GLU A 1 51 ? 8.496   0.542   2.045   1.00 0.44 ? 318 GLU A CA   1 
ATOM 790  C C    . GLU A 1 51 ? 7.409   0.184   1.034   1.00 0.41 ? 318 GLU A C    1 
ATOM 791  O O    . GLU A 1 51 ? 7.511   -0.795  0.323   1.00 0.48 ? 318 GLU A O    1 
ATOM 792  C CB   . GLU A 1 51 ? 8.252   -0.224  3.344   1.00 0.50 ? 318 GLU A CB   1 
ATOM 793  C CG   . GLU A 1 51 ? 9.500   -1.035  3.704   1.00 0.77 ? 318 GLU A CG   1 
ATOM 794  C CD   . GLU A 1 51 ? 10.480  -0.148  4.472   1.00 1.34 ? 318 GLU A CD   1 
ATOM 795  O OE1  . GLU A 1 51 ? 10.560  1.027   4.155   1.00 1.94 ? 318 GLU A OE1  1 
ATOM 796  O OE2  . GLU A 1 51 ? 11.136  -0.659  5.365   1.00 2.16 ? 318 GLU A OE2  1 
ATOM 797  H H    . GLU A 1 51 ? 8.270   2.317   3.220   1.00 0.45 ? 318 GLU A H    1 
ATOM 798  H HA   . GLU A 1 51 ? 9.466   0.289   1.650   1.00 0.52 ? 318 GLU A HA   1 
ATOM 799  H HB2  . GLU A 1 51 ? 8.033   0.475   4.138   1.00 0.53 ? 318 GLU A HB2  1 
ATOM 800  H HB3  . GLU A 1 51 ? 7.415   -0.893  3.213   1.00 0.67 ? 318 GLU A HB3  1 
ATOM 801  H HG2  . GLU A 1 51 ? 9.216   -1.877  4.318   1.00 1.33 ? 318 GLU A HG2  1 
ATOM 802  H HG3  . GLU A 1 51 ? 9.971   -1.390  2.800   1.00 1.51 ? 318 GLU A HG3  1 
ATOM 803  N N    . ILE A 1 52 ? 6.372   0.982   0.943   1.00 0.41 ? 319 ILE A N    1 
ATOM 804  C CA   . ILE A 1 52 ? 5.313   0.679   -0.047  1.00 0.49 ? 319 ILE A CA   1 
ATOM 805  C C    . ILE A 1 52 ? 5.951   0.850   -1.427  1.00 0.63 ? 319 ILE A C    1 
ATOM 806  O O    . ILE A 1 52 ? 6.215   -0.108  -2.127  1.00 0.78 ? 319 ILE A O    1 
ATOM 807  C CB   . ILE A 1 52 ? 4.117   1.642   0.094   1.00 0.48 ? 319 ILE A CB   1 
ATOM 808  C CG1  . ILE A 1 52 ? 4.242   2.550   1.306   1.00 0.46 ? 319 ILE A CG1  1 
ATOM 809  C CG2  . ILE A 1 52 ? 2.818   0.859   0.241   1.00 0.59 ? 319 ILE A CG2  1 
ATOM 810  C CD1  . ILE A 1 52 ? 4.155   1.727   2.588   1.00 0.87 ? 319 ILE A CD1  1 
ATOM 811  H H    . ILE A 1 52 ? 6.312   1.779   1.499   1.00 0.41 ? 319 ILE A H    1 
ATOM 812  H HA   . ILE A 1 52 ? 4.982   -0.340  0.078   1.00 0.56 ? 319 ILE A HA   1 
ATOM 813  H HB   . ILE A 1 52 ? 4.079   2.249   -0.780  1.00 0.56 ? 319 ILE A HB   1 
ATOM 814  H HG12 . ILE A 1 52 ? 5.177   3.049   1.260   1.00 0.65 ? 319 ILE A HG12 1 
ATOM 815  H HG13 . ILE A 1 52 ? 3.443   3.281   1.291   1.00 0.63 ? 319 ILE A HG13 1 
ATOM 816  H HG21 . ILE A 1 52 ? 2.984   -0.169  -0.033  1.00 1.15 ? 319 ILE A HG21 1 
ATOM 817  H HG22 . ILE A 1 52 ? 2.486   0.912   1.272   1.00 1.16 ? 319 ILE A HG22 1 
ATOM 818  H HG23 . ILE A 1 52 ? 2.063   1.286   -0.399  1.00 1.19 ? 319 ILE A HG23 1 
ATOM 819  H HD11 . ILE A 1 52 ? 3.336   1.026   2.511   1.00 1.23 ? 319 ILE A HD11 1 
ATOM 820  H HD12 . ILE A 1 52 ? 5.077   1.185   2.732   1.00 1.49 ? 319 ILE A HD12 1 
ATOM 821  H HD13 . ILE A 1 52 ? 3.989   2.385   3.428   1.00 1.32 ? 319 ILE A HD13 1 
ATOM 822  N N    . GLU A 1 53 ? 6.231   2.069   -1.804  1.00 0.65 ? 320 GLU A N    1 
ATOM 823  C CA   . GLU A 1 53 ? 6.890   2.325   -3.120  1.00 0.87 ? 320 GLU A CA   1 
ATOM 824  C C    . GLU A 1 53 ? 8.040   1.336   -3.326  1.00 0.78 ? 320 GLU A C    1 
ATOM 825  O O    . GLU A 1 53 ? 8.320   0.908   -4.428  1.00 0.94 ? 320 GLU A O    1 
ATOM 826  C CB   . GLU A 1 53 ? 7.482   3.739   -3.116  1.00 1.03 ? 320 GLU A CB   1 
ATOM 827  C CG   . GLU A 1 53 ? 7.309   4.377   -4.497  1.00 1.27 ? 320 GLU A CG   1 
ATOM 828  C CD   . GLU A 1 53 ? 8.664   4.876   -5.001  1.00 1.46 ? 320 GLU A CD   1 
ATOM 829  O OE1  . GLU A 1 53 ? 9.653   4.209   -4.744  1.00 2.20 ? 320 GLU A OE1  1 
ATOM 830  O OE2  . GLU A 1 53 ? 8.690   5.917   -5.638  1.00 1.83 ? 320 GLU A OE2  1 
ATOM 831  H H    . GLU A 1 53 ? 6.019   2.825   -1.210  1.00 0.57 ? 320 GLU A H    1 
ATOM 832  H HA   . GLU A 1 53 ? 6.172   2.231   -3.921  1.00 1.04 ? 320 GLU A HA   1 
ATOM 833  H HB2  . GLU A 1 53 ? 6.979   4.344   -2.370  1.00 1.19 ? 320 GLU A HB2  1 
ATOM 834  H HB3  . GLU A 1 53 ? 8.533   3.681   -2.877  1.00 0.99 ? 320 GLU A HB3  1 
ATOM 835  H HG2  . GLU A 1 53 ? 6.915   3.643   -5.185  1.00 1.81 ? 320 GLU A HG2  1 
ATOM 836  H HG3  . GLU A 1 53 ? 6.626   5.209   -4.426  1.00 1.58 ? 320 GLU A HG3  1 
ATOM 837  N N    . LYS A 1 54 ? 8.718   0.992   -2.269  1.00 0.58 ? 321 LYS A N    1 
ATOM 838  C CA   . LYS A 1 54 ? 9.873   0.057   -2.376  1.00 0.54 ? 321 LYS A CA   1 
ATOM 839  C C    . LYS A 1 54 ? 9.367   -1.372  -2.525  1.00 0.61 ? 321 LYS A C    1 
ATOM 840  O O    . LYS A 1 54 ? 9.794   -2.100  -3.398  1.00 0.76 ? 321 LYS A O    1 
ATOM 841  C CB   . LYS A 1 54 ? 10.737  0.163   -1.117  1.00 0.63 ? 321 LYS A CB   1 
ATOM 842  C CG   . LYS A 1 54 ? 12.203  -0.083  -1.480  1.00 1.14 ? 321 LYS A CG   1 
ATOM 843  C CD   . LYS A 1 54 ? 12.754  1.129   -2.233  1.00 1.64 ? 321 LYS A CD   1 
ATOM 844  C CE   . LYS A 1 54 ? 13.238  2.177   -1.229  1.00 1.92 ? 321 LYS A CE   1 
ATOM 845  N NZ   . LYS A 1 54 ? 14.006  3.234   -1.946  1.00 2.33 ? 321 LYS A NZ   1 
ATOM 846  H H    . LYS A 1 54 ? 8.473   1.361   -1.404  1.00 0.51 ? 321 LYS A H    1 
ATOM 847  H HA   . LYS A 1 54 ? 10.467  0.318   -3.240  1.00 0.65 ? 321 LYS A HA   1 
ATOM 848  H HB2  . LYS A 1 54 ? 10.631  1.150   -0.691  1.00 1.14 ? 321 LYS A HB2  1 
ATOM 849  H HB3  . LYS A 1 54 ? 10.417  -0.576  -0.398  1.00 1.49 ? 321 LYS A HB3  1 
ATOM 850  H HG2  . LYS A 1 54 ? 12.775  -0.240  -0.577  1.00 1.52 ? 321 LYS A HG2  1 
ATOM 851  H HG3  . LYS A 1 54 ? 12.276  -0.959  -2.108  1.00 1.68 ? 321 LYS A HG3  1 
ATOM 852  H HD2  . LYS A 1 54 ? 13.580  0.819   -2.857  1.00 1.98 ? 321 LYS A HD2  1 
ATOM 853  H HD3  . LYS A 1 54 ? 11.977  1.555   -2.848  1.00 1.93 ? 321 LYS A HD3  1 
ATOM 854  H HE2  . LYS A 1 54 ? 12.386  2.623   -0.736  1.00 2.54 ? 321 LYS A HE2  1 
ATOM 855  H HE3  . LYS A 1 54 ? 13.873  1.706   -0.494  1.00 2.01 ? 321 LYS A HE3  1 
ATOM 856  H HZ1  . LYS A 1 54 ? 14.625  2.792   -2.655  1.00 2.58 ? 321 LYS A HZ1  1 
ATOM 857  H HZ2  . LYS A 1 54 ? 13.345  3.880   -2.421  1.00 2.77 ? 321 LYS A HZ2  1 
ATOM 858  H HZ3  . LYS A 1 54 ? 14.583  3.766   -1.264  1.00 2.67 ? 321 LYS A HZ3  1 
ATOM 859  N N    . LYS A 1 55 ? 8.449   -1.781  -1.696  1.00 0.63 ? 322 LYS A N    1 
ATOM 860  C CA   . LYS A 1 55 ? 7.921   -3.157  -1.828  1.00 0.86 ? 322 LYS A CA   1 
ATOM 861  C C    . LYS A 1 55 ? 7.521   -3.349  -3.278  1.00 1.01 ? 322 LYS A C    1 
ATOM 862  O O    . LYS A 1 55 ? 7.614   -4.424  -3.836  1.00 1.21 ? 322 LYS A O    1 
ATOM 863  C CB   . LYS A 1 55 ? 6.695   -3.304  -0.943  1.00 0.98 ? 322 LYS A CB   1 
ATOM 864  C CG   . LYS A 1 55 ? 7.028   -4.202  0.249   1.00 1.03 ? 322 LYS A CG   1 
ATOM 865  C CD   . LYS A 1 55 ? 7.500   -5.565  -0.258  1.00 1.43 ? 322 LYS A CD   1 
ATOM 866  C CE   . LYS A 1 55 ? 8.752   -5.990  0.512   1.00 1.94 ? 322 LYS A CE   1 
ATOM 867  N NZ   . LYS A 1 55 ? 8.409   -7.098  1.449   1.00 2.64 ? 322 LYS A NZ   1 
ATOM 868  H H    . LYS A 1 55 ? 8.094   -1.180  -1.007  1.00 0.56 ? 322 LYS A H    1 
ATOM 869  H HA   . LYS A 1 55 ? 8.675   -3.877  -1.548  1.00 0.92 ? 322 LYS A HA   1 
ATOM 870  H HB2  . LYS A 1 55 ? 6.396   -2.328  -0.594  1.00 0.96 ? 322 LYS A HB2  1 
ATOM 871  H HB3  . LYS A 1 55 ? 5.892   -3.743  -1.515  1.00 1.11 ? 322 LYS A HB3  1 
ATOM 872  H HG2  . LYS A 1 55 ? 7.809   -3.743  0.835   1.00 1.12 ? 322 LYS A HG2  1 
ATOM 873  H HG3  . LYS A 1 55 ? 6.147   -4.331  0.859   1.00 1.24 ? 322 LYS A HG3  1 
ATOM 874  H HD2  . LYS A 1 55 ? 6.718   -6.296  -0.107  1.00 1.75 ? 322 LYS A HD2  1 
ATOM 875  H HD3  . LYS A 1 55 ? 7.732   -5.497  -1.309  1.00 1.86 ? 322 LYS A HD3  1 
ATOM 876  H HE2  . LYS A 1 55 ? 9.505   -6.329  -0.184  1.00 2.26 ? 322 LYS A HE2  1 
ATOM 877  H HE3  . LYS A 1 55 ? 9.133   -5.150  1.074   1.00 2.38 ? 322 LYS A HE3  1 
ATOM 878  H HZ1  . LYS A 1 55 ? 7.377   -7.229  1.468   1.00 3.10 ? 322 LYS A HZ1  1 
ATOM 879  H HZ2  . LYS A 1 55 ? 8.860   -7.977  1.128   1.00 2.86 ? 322 LYS A HZ2  1 
ATOM 880  H HZ3  . LYS A 1 55 ? 8.748   -6.861  2.404   1.00 3.08 ? 322 LYS A HZ3  1 
ATOM 881  N N    . VAL A 1 56 ? 7.083   -2.289  -3.889  1.00 0.99 ? 323 VAL A N    1 
ATOM 882  C CA   . VAL A 1 56 ? 6.674   -2.364  -5.321  1.00 1.23 ? 323 VAL A CA   1 
ATOM 883  C C    . VAL A 1 56 ? 7.886   -2.052  -6.205  1.00 1.27 ? 323 VAL A C    1 
ATOM 884  O O    . VAL A 1 56 ? 8.124   -2.710  -7.199  1.00 1.55 ? 323 VAL A O    1 
ATOM 885  C CB   . VAL A 1 56 ? 5.541   -1.360  -5.583  1.00 1.30 ? 323 VAL A CB   1 
ATOM 886  C CG1  . VAL A 1 56 ? 5.548   -0.910  -7.048  1.00 1.59 ? 323 VAL A CG1  1 
ATOM 887  C CG2  . VAL A 1 56 ? 4.201   -2.031  -5.277  1.00 1.33 ? 323 VAL A CG2  1 
ATOM 888  H H    . VAL A 1 56 ? 7.031   -1.432  -3.398  1.00 0.85 ? 323 VAL A H    1 
ATOM 889  H HA   . VAL A 1 56 ? 6.325   -3.364  -5.538  1.00 1.41 ? 323 VAL A HA   1 
ATOM 890  H HB   . VAL A 1 56 ? 5.666   -0.500  -4.942  1.00 1.22 ? 323 VAL A HB   1 
ATOM 891  H HG11 . VAL A 1 56 ? 6.503   -0.463  -7.284  1.00 2.07 ? 323 VAL A HG11 1 
ATOM 892  H HG12 . VAL A 1 56 ? 5.381   -1.763  -7.688  1.00 1.78 ? 323 VAL A HG12 1 
ATOM 893  H HG13 . VAL A 1 56 ? 4.764   -0.184  -7.205  1.00 1.88 ? 323 VAL A HG13 1 
ATOM 894  H HG21 . VAL A 1 56 ? 4.348   -3.096  -5.180  1.00 2.04 ? 323 VAL A HG21 1 
ATOM 895  H HG22 . VAL A 1 56 ? 3.802   -1.637  -4.354  1.00 1.57 ? 323 VAL A HG22 1 
ATOM 896  H HG23 . VAL A 1 56 ? 3.510   -1.838  -6.082  1.00 1.36 ? 323 VAL A HG23 1 
ATOM 897  N N    . ARG A 1 57 ? 8.652   -1.056  -5.856  1.00 1.06 ? 324 ARG A N    1 
ATOM 898  C CA   . ARG A 1 57 ? 9.840   -0.713  -6.685  1.00 1.17 ? 324 ARG A CA   1 
ATOM 899  C C    . ARG A 1 57 ? 10.838  -1.871  -6.644  1.00 1.26 ? 324 ARG A C    1 
ATOM 900  O O    . ARG A 1 57 ? 11.432  -2.227  -7.643  1.00 1.62 ? 324 ARG A O    1 
ATOM 901  C CB   . ARG A 1 57 ? 10.504  0.555   -6.144  1.00 1.13 ? 324 ARG A CB   1 
ATOM 902  C CG   . ARG A 1 57 ? 11.444  1.131   -7.205  1.00 1.52 ? 324 ARG A CG   1 
ATOM 903  C CD   . ARG A 1 57 ? 10.814  2.383   -7.820  1.00 1.49 ? 324 ARG A CD   1 
ATOM 904  N NE   . ARG A 1 57 ? 11.870  3.406   -8.060  1.00 1.77 ? 324 ARG A NE   1 
ATOM 905  C CZ   . ARG A 1 57 ? 11.546  4.587   -8.511  1.00 2.06 ? 324 ARG A CZ   1 
ATOM 906  N NH1  . ARG A 1 57 ? 10.308  4.996   -8.440  1.00 2.59 ? 324 ARG A NH1  1 
ATOM 907  N NH2  . ARG A 1 57 ? 12.459  5.361   -9.032  1.00 2.53 ? 324 ARG A NH2  1 
ATOM 908  H H    . ARG A 1 57 ? 8.446   -0.534  -5.052  1.00 0.88 ? 324 ARG A H    1 
ATOM 909  H HA   . ARG A 1 57 ? 9.525   -0.546  -7.702  1.00 1.42 ? 324 ARG A HA   1 
ATOM 910  H HB2  . ARG A 1 57 ? 9.745   1.285   -5.901  1.00 1.16 ? 324 ARG A HB2  1 
ATOM 911  H HB3  . ARG A 1 57 ? 11.070  0.316   -5.256  1.00 1.24 ? 324 ARG A HB3  1 
ATOM 912  H HG2  . ARG A 1 57 ? 12.388  1.390   -6.748  1.00 2.06 ? 324 ARG A HG2  1 
ATOM 913  H HG3  . ARG A 1 57 ? 11.607  0.397   -7.978  1.00 1.95 ? 324 ARG A HG3  1 
ATOM 914  H HD2  . ARG A 1 57 ? 10.342  2.125   -8.757  1.00 1.94 ? 324 ARG A HD2  1 
ATOM 915  H HD3  . ARG A 1 57 ? 10.072  2.782   -7.143  1.00 1.67 ? 324 ARG A HD3  1 
ATOM 916  H HE   . ARG A 1 57 ? 12.809  3.192   -7.879  1.00 2.28 ? 324 ARG A HE   1 
ATOM 917  H HH11 . ARG A 1 57 ? 9.608   4.404   -8.042  1.00 2.84 ? 324 ARG A HH11 1 
ATOM 918  H HH12 . ARG A 1 57 ? 10.061  5.901   -8.786  1.00 3.09 ? 324 ARG A HH12 1 
ATOM 919  H HH21 . ARG A 1 57 ? 13.408  5.049   -9.087  1.00 2.78 ? 324 ARG A HH21 1 
ATOM 920  H HH22 . ARG A 1 57 ? 12.209  6.267   -9.378  1.00 3.00 ? 324 ARG A HH22 1 
ATOM 921  N N    . GLU A 1 58 ? 11.026  -2.464  -5.497  1.00 1.15 ? 325 GLU A N    1 
ATOM 922  C CA   . GLU A 1 58 ? 11.982  -3.603  -5.393  1.00 1.49 ? 325 GLU A CA   1 
ATOM 923  C C    . GLU A 1 58 ? 11.278  -4.898  -5.785  1.00 1.83 ? 325 GLU A C    1 
ATOM 924  O O    . GLU A 1 58 ? 11.900  -5.920  -5.991  1.00 2.17 ? 325 GLU A O    1 
ATOM 925  C CB   . GLU A 1 58 ? 12.484  -3.715  -3.955  1.00 1.56 ? 325 GLU A CB   1 
ATOM 926  C CG   . GLU A 1 58 ? 13.720  -2.833  -3.774  1.00 1.80 ? 325 GLU A CG   1 
ATOM 927  C CD   . GLU A 1 58 ? 14.830  -3.640  -3.098  1.00 2.22 ? 325 GLU A CD   1 
ATOM 928  O OE1  . GLU A 1 58 ? 14.865  -3.658  -1.880  1.00 2.76 ? 325 GLU A OE1  1 
ATOM 929  O OE2  . GLU A 1 58 ? 15.627  -4.228  -3.812  1.00 2.56 ? 325 GLU A OE2  1 
ATOM 930  H H    . GLU A 1 58 ? 10.535  -2.163  -4.704  1.00 1.02 ? 325 GLU A H    1 
ATOM 931  H HA   . GLU A 1 58 ? 12.814  -3.435  -6.057  1.00 1.63 ? 325 GLU A HA   1 
ATOM 932  H HB2  . GLU A 1 58 ? 11.706  -3.392  -3.278  1.00 1.71 ? 325 GLU A HB2  1 
ATOM 933  H HB3  . GLU A 1 58 ? 12.743  -4.741  -3.744  1.00 2.12 ? 325 GLU A HB3  1 
ATOM 934  H HG2  . GLU A 1 58 ? 14.060  -2.488  -4.741  1.00 2.43 ? 325 GLU A HG2  1 
ATOM 935  H HG3  . GLU A 1 58 ? 13.469  -1.983  -3.158  1.00 1.90 ? 325 GLU A HG3  1 
ATOM 936  N N    . LEU A 1 59 ? 9.984   -4.857  -5.899  1.00 1.98 ? 326 LEU A N    1 
ATOM 937  C CA   . LEU A 1 59 ? 9.233   -6.079  -6.290  1.00 2.44 ? 326 LEU A CA   1 
ATOM 938  C C    . LEU A 1 59 ? 9.863   -6.650  -7.554  1.00 2.97 ? 326 LEU A C    1 
ATOM 939  O O    . LEU A 1 59 ? 9.905   -7.847  -7.763  1.00 3.50 ? 326 LEU A O    1 
ATOM 940  C CB   . LEU A 1 59 ? 7.781   -5.709  -6.579  1.00 2.33 ? 326 LEU A CB   1 
ATOM 941  C CG   . LEU A 1 59 ? 6.915   -6.968  -6.552  1.00 2.46 ? 326 LEU A CG   1 
ATOM 942  C CD1  . LEU A 1 59 ? 6.605   -7.346  -5.102  1.00 2.94 ? 326 LEU A CD1  1 
ATOM 943  C CD2  . LEU A 1 59 ? 5.609   -6.700  -7.299  1.00 2.64 ? 326 LEU A CD2  1 
ATOM 944  H H    . LEU A 1 59 ? 9.509   -4.020  -5.737  1.00 1.95 ? 326 LEU A H    1 
ATOM 945  H HA   . LEU A 1 59 ? 9.275   -6.809  -5.495  1.00 2.64 ? 326 LEU A HA   1 
ATOM 946  H HB2  . LEU A 1 59 ? 7.430   -5.012  -5.832  1.00 2.17 ? 326 LEU A HB2  1 
ATOM 947  H HB3  . LEU A 1 59 ? 7.718   -5.251  -7.555  1.00 2.52 ? 326 LEU A HB3  1 
ATOM 948  H HG   . LEU A 1 59 ? 7.445   -7.780  -7.030  1.00 2.82 ? 326 LEU A HG   1 
ATOM 949  H HD11 . LEU A 1 59 ? 6.971   -6.572  -4.443  1.00 3.15 ? 326 LEU A HD11 1 
ATOM 950  H HD12 . LEU A 1 59 ? 5.537   -7.449  -4.978  1.00 3.16 ? 326 LEU A HD12 1 
ATOM 951  H HD13 . LEU A 1 59 ? 7.088   -8.281  -4.864  1.00 3.54 ? 326 LEU A HD13 1 
ATOM 952  H HD21 . LEU A 1 59 ? 5.719   -5.818  -7.911  1.00 2.94 ? 326 LEU A HD21 1 
ATOM 953  H HD22 . LEU A 1 59 ? 5.372   -7.547  -7.926  1.00 2.86 ? 326 LEU A HD22 1 
ATOM 954  H HD23 . LEU A 1 59 ? 4.812   -6.546  -6.586  1.00 3.04 ? 326 LEU A HD23 1 
ATOM 955  N N    . LEU A 1 60 ? 10.354  -5.790  -8.398  1.00 2.97 ? 327 LEU A N    1 
ATOM 956  C CA   . LEU A 1 60 ? 10.988  -6.255  -9.657  1.00 3.64 ? 327 LEU A CA   1 
ATOM 957  C C    . LEU A 1 60 ? 12.293  -5.491  -9.878  1.00 4.11 ? 327 LEU A C    1 
ATOM 958  O O    . LEU A 1 60 ? 12.932  -5.626  -10.904 1.00 4.84 ? 327 LEU A O    1 
ATOM 959  C CB   . LEU A 1 60 ? 10.040  -6.000  -10.829 1.00 3.82 ? 327 LEU A CB   1 
ATOM 960  C CG   . LEU A 1 60 ? 9.950   -7.256  -11.697 1.00 4.05 ? 327 LEU A CG   1 
ATOM 961  C CD1  . LEU A 1 60 ? 8.510   -7.769  -11.707 1.00 4.66 ? 327 LEU A CD1  1 
ATOM 962  C CD2  . LEU A 1 60 ? 10.380  -6.917  -13.127 1.00 4.36 ? 327 LEU A CD2  1 
ATOM 963  H H    . LEU A 1 60 ? 10.306  -4.834  -8.201  1.00 2.63 ? 327 LEU A H    1 
ATOM 964  H HA   . LEU A 1 60 ? 11.196  -7.310  -9.583  1.00 3.80 ? 327 LEU A HA   1 
ATOM 965  H HB2  . LEU A 1 60 ? 9.058   -5.753  -10.450 1.00 3.57 ? 327 LEU A HB2  1 
ATOM 966  H HB3  . LEU A 1 60 ? 10.414  -5.180  -11.423 1.00 4.28 ? 327 LEU A HB3  1 
ATOM 967  H HG   . LEU A 1 60 ? 10.602  -8.019  -11.295 1.00 4.03 ? 327 LEU A HG   1 
ATOM 968  H HD11 . LEU A 1 60 ? 7.884   -7.098  -11.137 1.00 5.00 ? 327 LEU A HD11 1 
ATOM 969  H HD12 . LEU A 1 60 ? 8.153   -7.818  -12.725 1.00 5.00 ? 327 LEU A HD12 1 
ATOM 970  H HD13 . LEU A 1 60 ? 8.476   -8.755  -11.266 1.00 4.79 ? 327 LEU A HD13 1 
ATOM 971  H HD21 . LEU A 1 60 ? 11.262  -6.294  -13.099 1.00 4.42 ? 327 LEU A HD21 1 
ATOM 972  H HD22 . LEU A 1 60 ? 10.600  -7.830  -13.662 1.00 4.64 ? 327 LEU A HD22 1 
ATOM 973  H HD23 . LEU A 1 60 ? 9.581   -6.390  -13.627 1.00 4.73 ? 327 LEU A HD23 1 
ATOM 974  N N    . LEU A 1 61 ? 12.695  -4.687  -8.927  1.00 3.76 ? 328 LEU A N    1 
ATOM 975  C CA   . LEU A 1 61 ? 13.963  -3.916  -9.092  1.00 4.28 ? 328 LEU A CA   1 
ATOM 976  C C    . LEU A 1 61 ? 15.038  -4.823  -9.695  1.00 5.15 ? 328 LEU A C    1 
ATOM 977  O O    . LEU A 1 61 ? 15.451  -4.645  -10.824 1.00 5.36 ? 328 LEU A O    1 
ATOM 978  C CB   . LEU A 1 61 ? 14.434  -3.405  -7.728  1.00 4.75 ? 328 LEU A CB   1 
ATOM 979  C CG   . LEU A 1 61 ? 15.873  -2.897  -7.839  1.00 4.79 ? 328 LEU A CG   1 
ATOM 980  C CD1  . LEU A 1 61 ? 16.047  -1.657  -6.961  1.00 4.46 ? 328 LEU A CD1  1 
ATOM 981  C CD2  . LEU A 1 61 ? 16.837  -3.989  -7.369  1.00 5.68 ? 328 LEU A CD2  1 
ATOM 982  H H    . LEU A 1 61 ? 12.162  -4.590  -8.105  1.00 3.21 ? 328 LEU A H    1 
ATOM 983  H HA   . LEU A 1 61 ? 13.790  -3.077  -9.750  1.00 4.06 ? 328 LEU A HA   1 
ATOM 984  H HB2  . LEU A 1 61 ? 13.793  -2.597  -7.406  1.00 4.71 ? 328 LEU A HB2  1 
ATOM 985  H HB3  . LEU A 1 61 ? 14.393  -4.208  -7.008  1.00 5.43 ? 328 LEU A HB3  1 
ATOM 986  H HG   . LEU A 1 61 ? 16.088  -2.643  -8.867  1.00 4.85 ? 328 LEU A HG   1 
ATOM 987  H HD11 . LEU A 1 61 ? 15.083  -1.205  -6.783  1.00 4.45 ? 328 LEU A HD11 1 
ATOM 988  H HD12 . LEU A 1 61 ? 16.490  -1.942  -6.018  1.00 4.54 ? 328 LEU A HD12 1 
ATOM 989  H HD13 . LEU A 1 61 ? 16.691  -0.948  -7.461  1.00 4.67 ? 328 LEU A HD13 1 
ATOM 990  H HD21 . LEU A 1 61 ? 16.278  -4.786  -6.902  1.00 6.10 ? 328 LEU A HD21 1 
ATOM 991  H HD22 . LEU A 1 61 ? 17.380  -4.380  -8.217  1.00 5.96 ? 328 LEU A HD22 1 
ATOM 992  H HD23 . LEU A 1 61 ? 17.534  -3.572  -6.656  1.00 5.91 ? 328 LEU A HD23 1 
ATOM 993  N N    . SER A 1 62 ? 15.492  -5.795  -8.954  1.00 5.96 ? 329 SER A N    1 
ATOM 994  C CA   . SER A 1 62 ? 16.537  -6.712  -9.488  1.00 7.03 ? 329 SER A CA   1 
ATOM 995  C C    . SER A 1 62 ? 15.868  -7.853  -10.255 1.00 7.47 ? 329 SER A C    1 
ATOM 996  O O    . SER A 1 62 ? 16.227  -9.005  -10.112 1.00 8.28 ? 329 SER A O    1 
ATOM 997  C CB   . SER A 1 62 ? 17.355  -7.283  -8.329  1.00 7.74 ? 329 SER A CB   1 
ATOM 998  O OG   . SER A 1 62 ? 18.733  -7.277  -8.680  1.00 7.89 ? 329 SER A OG   1 
ATOM 999  H H    . SER A 1 62 ? 15.145  -5.923  -8.046  1.00 6.03 ? 329 SER A H    1 
ATOM 1000 H HA   . SER A 1 62 ? 17.189  -6.165  -10.154 1.00 7.27 ? 329 SER A HA   1 
ATOM 1001 H HB2  . SER A 1 62 ? 17.211  -6.678  -7.451  1.00 8.04 ? 329 SER A HB2  1 
ATOM 1002 H HB3  . SER A 1 62 ? 17.030  -8.295  -8.125  1.00 8.11 ? 329 SER A HB3  1 
ATOM 1003 H HG   . SER A 1 62 ? 18.905  -8.048  -9.224  1.00 7.98 ? 329 SER A HG   1 
ATOM 1004 N N    . ASN A 1 63 ? 14.895  -7.543  -11.067 1.00 7.16 ? 330 ASN A N    1 
ATOM 1005 C CA   . ASN A 1 63 ? 14.202  -8.609  -11.843 1.00 7.84 ? 330 ASN A CA   1 
ATOM 1006 C C    . ASN A 1 63 ? 15.196  -9.277  -12.795 1.00 8.10 ? 330 ASN A C    1 
ATOM 1007 O O    . ASN A 1 63 ? 15.000  -10.441 -13.103 1.00 8.68 ? 330 ASN A O    1 
ATOM 1008 C CB   . ASN A 1 63 ? 13.060  -7.988  -12.650 1.00 8.49 ? 330 ASN A CB   1 
ATOM 1009 C CG   . ASN A 1 63 ? 13.637  -7.143  -13.788 1.00 8.56 ? 330 ASN A CG   1 
ATOM 1010 O OD1  . ASN A 1 63 ? 13.729  -7.596  -14.911 1.00 8.19 ? 330 ASN A OD1  1 
ATOM 1011 N ND2  . ASN A 1 63 ? 14.032  -5.924  -13.543 1.00 9.27 ? 330 ASN A ND2  1 
ATOM 1012 O OXT  . ASN A 1 63 ? 16.135  -8.612  -13.201 1.00 7.96 ? 330 ASN A OXT  1 
ATOM 1013 H H    . ASN A 1 63 ? 14.621  -6.608  -11.167 1.00 6.63 ? 330 ASN A H    1 
ATOM 1014 H HA   . ASN A 1 63 ? 13.802  -9.348  -11.163 1.00 7.96 ? 330 ASN A HA   1 
ATOM 1015 H HB2  . ASN A 1 63 ? 12.442  -8.774  -13.062 1.00 8.76 ? 330 ASN A HB2  1 
ATOM 1016 H HB3  . ASN A 1 63 ? 12.463  -7.360  -12.006 1.00 8.90 ? 330 ASN A HB3  1 
ATOM 1017 H HD21 . ASN A 1 63 ? 13.957  -5.557  -12.638 1.00 9.71 ? 330 ASN A HD21 1 
ATOM 1018 H HD22 . ASN A 1 63 ? 14.405  -5.374  -14.265 1.00 9.49 ? 330 ASN A HD22 1 
# 
